data_2Q0Y
# 
_entry.id   2Q0Y 
# 
_audit_conform.dict_name       mmcif_pdbx.dic 
_audit_conform.dict_version    5.399 
_audit_conform.dict_location   http://mmcif.pdb.org/dictionaries/ascii/mmcif_pdbx.dic 
# 
loop_
_database_2.database_id 
_database_2.database_code 
_database_2.pdbx_database_accession 
_database_2.pdbx_DOI 
PDB   2Q0Y         pdb_00002q0y 10.2210/pdb2q0y/pdb 
RCSB  RCSB043011   ?            ?                   
WWPDB D_1000043011 ?            ?                   
# 
loop_
_pdbx_audit_revision_history.ordinal 
_pdbx_audit_revision_history.data_content_type 
_pdbx_audit_revision_history.major_revision 
_pdbx_audit_revision_history.minor_revision 
_pdbx_audit_revision_history.revision_date 
1 'Structure model' 1 0 2007-06-05 
2 'Structure model' 1 1 2008-05-01 
3 'Structure model' 1 2 2011-07-13 
4 'Structure model' 1 3 2017-10-18 
5 'Structure model' 1 4 2017-10-25 
6 'Structure model' 1 5 2019-07-24 
7 'Structure model' 1 6 2023-01-25 
8 'Structure model' 1 7 2024-11-20 
# 
_pdbx_audit_revision_details.ordinal             1 
_pdbx_audit_revision_details.revision_ordinal    1 
_pdbx_audit_revision_details.data_content_type   'Structure model' 
_pdbx_audit_revision_details.provider            repository 
_pdbx_audit_revision_details.type                'Initial release' 
_pdbx_audit_revision_details.description         ? 
_pdbx_audit_revision_details.details             ? 
# 
loop_
_pdbx_audit_revision_group.ordinal 
_pdbx_audit_revision_group.revision_ordinal 
_pdbx_audit_revision_group.data_content_type 
_pdbx_audit_revision_group.group 
1  2 'Structure model' 'Version format compliance'  
2  3 'Structure model' Advisory                     
3  3 'Structure model' 'Derived calculations'       
4  3 'Structure model' 'Version format compliance'  
5  4 'Structure model' 'Refinement description'     
6  5 'Structure model' 'Author supporting evidence' 
7  6 'Structure model' 'Data collection'            
8  6 'Structure model' 'Derived calculations'       
9  6 'Structure model' 'Refinement description'     
10 7 'Structure model' 'Database references'        
11 7 'Structure model' 'Derived calculations'       
12 8 'Structure model' 'Data collection'            
13 8 'Structure model' 'Structure summary'          
# 
loop_
_pdbx_audit_revision_category.ordinal 
_pdbx_audit_revision_category.revision_ordinal 
_pdbx_audit_revision_category.data_content_type 
_pdbx_audit_revision_category.category 
1  4 'Structure model' software                           
2  5 'Structure model' pdbx_struct_assembly_auth_evidence 
3  6 'Structure model' software                           
4  6 'Structure model' struct_conn                        
5  7 'Structure model' database_2                         
6  7 'Structure model' pdbx_struct_conn_angle             
7  7 'Structure model' struct_conn                        
8  7 'Structure model' struct_conn_type                   
9  7 'Structure model' struct_ref_seq_dif                 
10 7 'Structure model' struct_site                        
11 8 'Structure model' chem_comp_atom                     
12 8 'Structure model' chem_comp_bond                     
13 8 'Structure model' pdbx_entry_details                 
14 8 'Structure model' pdbx_modification_feature          
# 
loop_
_pdbx_audit_revision_item.ordinal 
_pdbx_audit_revision_item.revision_ordinal 
_pdbx_audit_revision_item.data_content_type 
_pdbx_audit_revision_item.item 
1  4 'Structure model' '_software.classification'                    
2  4 'Structure model' '_software.name'                              
3  6 'Structure model' '_software.classification'                    
4  6 'Structure model' '_software.contact_author'                    
5  6 'Structure model' '_software.contact_author_email'              
6  6 'Structure model' '_software.language'                          
7  6 'Structure model' '_software.location'                          
8  6 'Structure model' '_software.name'                              
9  6 'Structure model' '_software.type'                              
10 6 'Structure model' '_software.version'                           
11 6 'Structure model' '_struct_conn.pdbx_leaving_atom_flag'         
12 7 'Structure model' '_database_2.pdbx_DOI'                        
13 7 'Structure model' '_database_2.pdbx_database_accession'         
14 7 'Structure model' '_pdbx_struct_conn_angle.ptnr1_auth_comp_id'  
15 7 'Structure model' '_pdbx_struct_conn_angle.ptnr1_auth_seq_id'   
16 7 'Structure model' '_pdbx_struct_conn_angle.ptnr1_label_alt_id'  
17 7 'Structure model' '_pdbx_struct_conn_angle.ptnr1_label_asym_id' 
18 7 'Structure model' '_pdbx_struct_conn_angle.ptnr1_label_atom_id' 
19 7 'Structure model' '_pdbx_struct_conn_angle.ptnr1_label_comp_id' 
20 7 'Structure model' '_pdbx_struct_conn_angle.ptnr1_label_seq_id'  
21 7 'Structure model' '_pdbx_struct_conn_angle.ptnr1_symmetry'      
22 7 'Structure model' '_pdbx_struct_conn_angle.ptnr3_auth_comp_id'  
23 7 'Structure model' '_pdbx_struct_conn_angle.ptnr3_auth_seq_id'   
24 7 'Structure model' '_pdbx_struct_conn_angle.ptnr3_label_alt_id'  
25 7 'Structure model' '_pdbx_struct_conn_angle.ptnr3_label_asym_id' 
26 7 'Structure model' '_pdbx_struct_conn_angle.ptnr3_label_atom_id' 
27 7 'Structure model' '_pdbx_struct_conn_angle.ptnr3_label_comp_id' 
28 7 'Structure model' '_pdbx_struct_conn_angle.ptnr3_label_seq_id'  
29 7 'Structure model' '_pdbx_struct_conn_angle.ptnr3_symmetry'      
30 7 'Structure model' '_pdbx_struct_conn_angle.value'               
31 7 'Structure model' '_struct_conn.conn_type_id'                   
32 7 'Structure model' '_struct_conn.id'                             
33 7 'Structure model' '_struct_conn.pdbx_dist_value'                
34 7 'Structure model' '_struct_conn.pdbx_leaving_atom_flag'         
35 7 'Structure model' '_struct_conn.pdbx_ptnr1_label_alt_id'        
36 7 'Structure model' '_struct_conn.pdbx_ptnr2_label_alt_id'        
37 7 'Structure model' '_struct_conn.ptnr1_auth_comp_id'             
38 7 'Structure model' '_struct_conn.ptnr1_auth_seq_id'              
39 7 'Structure model' '_struct_conn.ptnr1_label_asym_id'            
40 7 'Structure model' '_struct_conn.ptnr1_label_atom_id'            
41 7 'Structure model' '_struct_conn.ptnr1_label_comp_id'            
42 7 'Structure model' '_struct_conn.ptnr1_label_seq_id'             
43 7 'Structure model' '_struct_conn.ptnr1_symmetry'                 
44 7 'Structure model' '_struct_conn.ptnr2_auth_comp_id'             
45 7 'Structure model' '_struct_conn.ptnr2_auth_seq_id'              
46 7 'Structure model' '_struct_conn.ptnr2_label_asym_id'            
47 7 'Structure model' '_struct_conn.ptnr2_label_atom_id'            
48 7 'Structure model' '_struct_conn.ptnr2_label_comp_id'            
49 7 'Structure model' '_struct_conn.ptnr2_label_seq_id'             
50 7 'Structure model' '_struct_conn.ptnr2_symmetry'                 
51 7 'Structure model' '_struct_conn_type.id'                        
52 7 'Structure model' '_struct_ref_seq_dif.details'                 
53 7 'Structure model' '_struct_site.pdbx_auth_asym_id'              
54 7 'Structure model' '_struct_site.pdbx_auth_comp_id'              
55 7 'Structure model' '_struct_site.pdbx_auth_seq_id'               
# 
_pdbx_database_status.SG_entry                        Y 
_pdbx_database_status.entry_id                        2Q0Y 
_pdbx_database_status.deposit_site                    RCSB 
_pdbx_database_status.process_site                    RCSB 
_pdbx_database_status.recvd_initial_deposition_date   2007-05-22 
_pdbx_database_status.status_code                     REL 
_pdbx_database_status.status_code_sf                  REL 
_pdbx_database_status.status_code_mr                  ? 
_pdbx_database_status.pdb_format_compatible           Y 
_pdbx_database_status.status_code_cs                  ? 
_pdbx_database_status.methods_development_category    ? 
_pdbx_database_status.status_code_nmr_data            ? 
# 
_pdbx_database_related.db_name        TargetDB 
_pdbx_database_related.db_id          371710 
_pdbx_database_related.details        . 
_pdbx_database_related.content_type   unspecified 
# 
_audit_author.name           'Joint Center for Structural Genomics (JCSG)' 
_audit_author.pdbx_ordinal   1 
# 
_citation.id                        primary 
_citation.title                     
'Crystal structure of GCN5-related N-acetyltransferase (YP_295895.1) from Ralstonia eutropha JMP134 at 1.80 A resolution' 
_citation.journal_abbrev            'To be published' 
_citation.journal_volume            ? 
_citation.page_first                ? 
_citation.page_last                 ? 
_citation.year                      ? 
_citation.journal_id_ASTM           ? 
_citation.country                   ? 
_citation.journal_id_ISSN           ? 
_citation.journal_id_CSD            0353 
_citation.book_publisher            ? 
_citation.pdbx_database_id_PubMed   ? 
_citation.pdbx_database_id_DOI      ? 
# 
_citation_author.citation_id        primary 
_citation_author.name               'Joint Center for Structural Genomics (JCSG)' 
_citation_author.ordinal            1 
_citation_author.identifier_ORCID   ? 
# 
loop_
_entity.id 
_entity.type 
_entity.src_method 
_entity.pdbx_description 
_entity.formula_weight 
_entity.pdbx_number_of_molecules 
_entity.pdbx_ec 
_entity.pdbx_mutation 
_entity.pdbx_fragment 
_entity.details 
1 polymer     man 'GCN5-related N-acetyltransferase' 17563.750 1   ? ? ? ? 
2 non-polymer syn 'ZINC ION'                         65.409    1   ? ? ? ? 
3 non-polymer syn 'MAGNESIUM ION'                    24.305    2   ? ? ? ? 
4 non-polymer syn 'UNKNOWN LIGAND'                   ?         1   ? ? ? ? 
5 non-polymer syn 1,2-ETHANEDIOL                     62.068    1   ? ? ? ? 
6 non-polymer syn 'FORMIC ACID'                      46.025    4   ? ? ? ? 
7 water       nat water                              18.015    206 ? ? ? ? 
# 
_entity_poly.entity_id                      1 
_entity_poly.type                           'polypeptide(L)' 
_entity_poly.nstd_linkage                   no 
_entity_poly.nstd_monomer                   yes 
_entity_poly.pdbx_seq_one_letter_code       
;G(MSE)ECRPLCIDDLELVCRHREA(MSE)FREAGRDALTLAA(MSE)QDPFRDWLLPRLADGSYFGWV(MSE)EEGGAP
LAGIGL(MSE)VIEWPPHPSHPLQDKRGYILNLYVDPSHRERGIGQAL(MSE)NRAEAEFAERGIAFAVLHATE(MSE)G
QPLYAR(MSE)GWSPTTE(MSE)SKPIAG
;
_entity_poly.pdbx_seq_one_letter_code_can   
;GMECRPLCIDDLELVCRHREAMFREAGRDALTLAAMQDPFRDWLLPRLADGSYFGWVMEEGGAPLAGIGLMVIEWPPHPS
HPLQDKRGYILNLYVDPSHRERGIGQALMNRAEAEFAERGIAFAVLHATEMGQPLYARMGWSPTTEMSKPIAG
;
_entity_poly.pdbx_strand_id                 A 
_entity_poly.pdbx_target_identifier         371710 
# 
loop_
_pdbx_entity_nonpoly.entity_id 
_pdbx_entity_nonpoly.name 
_pdbx_entity_nonpoly.comp_id 
2 'ZINC ION'       ZN  
3 'MAGNESIUM ION'  MG  
4 'UNKNOWN LIGAND' UNL 
5 1,2-ETHANEDIOL   EDO 
6 'FORMIC ACID'    FMT 
7 water            HOH 
# 
loop_
_entity_poly_seq.entity_id 
_entity_poly_seq.num 
_entity_poly_seq.mon_id 
_entity_poly_seq.hetero 
1 1   GLY n 
1 2   MSE n 
1 3   GLU n 
1 4   CYS n 
1 5   ARG n 
1 6   PRO n 
1 7   LEU n 
1 8   CYS n 
1 9   ILE n 
1 10  ASP n 
1 11  ASP n 
1 12  LEU n 
1 13  GLU n 
1 14  LEU n 
1 15  VAL n 
1 16  CYS n 
1 17  ARG n 
1 18  HIS n 
1 19  ARG n 
1 20  GLU n 
1 21  ALA n 
1 22  MSE n 
1 23  PHE n 
1 24  ARG n 
1 25  GLU n 
1 26  ALA n 
1 27  GLY n 
1 28  ARG n 
1 29  ASP n 
1 30  ALA n 
1 31  LEU n 
1 32  THR n 
1 33  LEU n 
1 34  ALA n 
1 35  ALA n 
1 36  MSE n 
1 37  GLN n 
1 38  ASP n 
1 39  PRO n 
1 40  PHE n 
1 41  ARG n 
1 42  ASP n 
1 43  TRP n 
1 44  LEU n 
1 45  LEU n 
1 46  PRO n 
1 47  ARG n 
1 48  LEU n 
1 49  ALA n 
1 50  ASP n 
1 51  GLY n 
1 52  SER n 
1 53  TYR n 
1 54  PHE n 
1 55  GLY n 
1 56  TRP n 
1 57  VAL n 
1 58  MSE n 
1 59  GLU n 
1 60  GLU n 
1 61  GLY n 
1 62  GLY n 
1 63  ALA n 
1 64  PRO n 
1 65  LEU n 
1 66  ALA n 
1 67  GLY n 
1 68  ILE n 
1 69  GLY n 
1 70  LEU n 
1 71  MSE n 
1 72  VAL n 
1 73  ILE n 
1 74  GLU n 
1 75  TRP n 
1 76  PRO n 
1 77  PRO n 
1 78  HIS n 
1 79  PRO n 
1 80  SER n 
1 81  HIS n 
1 82  PRO n 
1 83  LEU n 
1 84  GLN n 
1 85  ASP n 
1 86  LYS n 
1 87  ARG n 
1 88  GLY n 
1 89  TYR n 
1 90  ILE n 
1 91  LEU n 
1 92  ASN n 
1 93  LEU n 
1 94  TYR n 
1 95  VAL n 
1 96  ASP n 
1 97  PRO n 
1 98  SER n 
1 99  HIS n 
1 100 ARG n 
1 101 GLU n 
1 102 ARG n 
1 103 GLY n 
1 104 ILE n 
1 105 GLY n 
1 106 GLN n 
1 107 ALA n 
1 108 LEU n 
1 109 MSE n 
1 110 ASN n 
1 111 ARG n 
1 112 ALA n 
1 113 GLU n 
1 114 ALA n 
1 115 GLU n 
1 116 PHE n 
1 117 ALA n 
1 118 GLU n 
1 119 ARG n 
1 120 GLY n 
1 121 ILE n 
1 122 ALA n 
1 123 PHE n 
1 124 ALA n 
1 125 VAL n 
1 126 LEU n 
1 127 HIS n 
1 128 ALA n 
1 129 THR n 
1 130 GLU n 
1 131 MSE n 
1 132 GLY n 
1 133 GLN n 
1 134 PRO n 
1 135 LEU n 
1 136 TYR n 
1 137 ALA n 
1 138 ARG n 
1 139 MSE n 
1 140 GLY n 
1 141 TRP n 
1 142 SER n 
1 143 PRO n 
1 144 THR n 
1 145 THR n 
1 146 GLU n 
1 147 MSE n 
1 148 SER n 
1 149 LYS n 
1 150 PRO n 
1 151 ILE n 
1 152 ALA n 
1 153 GLY n 
# 
_entity_src_gen.entity_id                          1 
_entity_src_gen.pdbx_src_id                        1 
_entity_src_gen.pdbx_alt_source_flag               sample 
_entity_src_gen.pdbx_seq_type                      ? 
_entity_src_gen.pdbx_beg_seq_num                   ? 
_entity_src_gen.pdbx_end_seq_num                   ? 
_entity_src_gen.gene_src_common_name               ? 
_entity_src_gen.gene_src_genus                     Cupriavidus 
_entity_src_gen.pdbx_gene_src_gene                 'YP_295895.1, Reut_A1686' 
_entity_src_gen.gene_src_species                   'Cupriavidus necator' 
_entity_src_gen.gene_src_strain                    ? 
_entity_src_gen.gene_src_tissue                    ? 
_entity_src_gen.gene_src_tissue_fraction           ? 
_entity_src_gen.gene_src_details                   ? 
_entity_src_gen.pdbx_gene_src_fragment             ? 
_entity_src_gen.pdbx_gene_src_scientific_name      'Ralstonia eutropha JMP134' 
_entity_src_gen.pdbx_gene_src_ncbi_taxonomy_id     264198 
_entity_src_gen.pdbx_gene_src_variant              ? 
_entity_src_gen.pdbx_gene_src_cell_line            ? 
_entity_src_gen.pdbx_gene_src_atcc                 ? 
_entity_src_gen.pdbx_gene_src_organ                ? 
_entity_src_gen.pdbx_gene_src_organelle            ? 
_entity_src_gen.pdbx_gene_src_cell                 ? 
_entity_src_gen.pdbx_gene_src_cellular_location    ? 
_entity_src_gen.host_org_common_name               ? 
_entity_src_gen.pdbx_host_org_scientific_name      'Escherichia coli' 
_entity_src_gen.pdbx_host_org_ncbi_taxonomy_id     562 
_entity_src_gen.host_org_genus                     Escherichia 
_entity_src_gen.pdbx_host_org_gene                 ? 
_entity_src_gen.pdbx_host_org_organ                ? 
_entity_src_gen.host_org_species                   ? 
_entity_src_gen.pdbx_host_org_tissue               ? 
_entity_src_gen.pdbx_host_org_tissue_fraction      ? 
_entity_src_gen.pdbx_host_org_strain               HK100 
_entity_src_gen.pdbx_host_org_variant              ? 
_entity_src_gen.pdbx_host_org_cell_line            ? 
_entity_src_gen.pdbx_host_org_atcc                 ? 
_entity_src_gen.pdbx_host_org_culture_collection   ? 
_entity_src_gen.pdbx_host_org_cell                 ? 
_entity_src_gen.pdbx_host_org_organelle            ? 
_entity_src_gen.pdbx_host_org_cellular_location    ? 
_entity_src_gen.pdbx_host_org_vector_type          Plasmid 
_entity_src_gen.pdbx_host_org_vector               ? 
_entity_src_gen.host_org_details                   ? 
_entity_src_gen.expression_system_id               ? 
_entity_src_gen.plasmid_name                       speedET 
_entity_src_gen.plasmid_details                    ? 
_entity_src_gen.pdbx_description                   ? 
# 
loop_
_chem_comp.id 
_chem_comp.type 
_chem_comp.mon_nstd_flag 
_chem_comp.name 
_chem_comp.pdbx_synonyms 
_chem_comp.formula 
_chem_comp.formula_weight 
ALA 'L-peptide linking' y ALANINE          ?                 'C3 H7 N O2'     89.093  
ARG 'L-peptide linking' y ARGININE         ?                 'C6 H15 N4 O2 1' 175.209 
ASN 'L-peptide linking' y ASPARAGINE       ?                 'C4 H8 N2 O3'    132.118 
ASP 'L-peptide linking' y 'ASPARTIC ACID'  ?                 'C4 H7 N O4'     133.103 
CYS 'L-peptide linking' y CYSTEINE         ?                 'C3 H7 N O2 S'   121.158 
EDO non-polymer         . 1,2-ETHANEDIOL   'ETHYLENE GLYCOL' 'C2 H6 O2'       62.068  
FMT non-polymer         . 'FORMIC ACID'    ?                 'C H2 O2'        46.025  
GLN 'L-peptide linking' y GLUTAMINE        ?                 'C5 H10 N2 O3'   146.144 
GLU 'L-peptide linking' y 'GLUTAMIC ACID'  ?                 'C5 H9 N O4'     147.129 
GLY 'peptide linking'   y GLYCINE          ?                 'C2 H5 N O2'     75.067  
HIS 'L-peptide linking' y HISTIDINE        ?                 'C6 H10 N3 O2 1' 156.162 
HOH non-polymer         . WATER            ?                 'H2 O'           18.015  
ILE 'L-peptide linking' y ISOLEUCINE       ?                 'C6 H13 N O2'    131.173 
LEU 'L-peptide linking' y LEUCINE          ?                 'C6 H13 N O2'    131.173 
LYS 'L-peptide linking' y LYSINE           ?                 'C6 H15 N2 O2 1' 147.195 
MET 'L-peptide linking' y METHIONINE       ?                 'C5 H11 N O2 S'  149.211 
MG  non-polymer         . 'MAGNESIUM ION'  ?                 'Mg 2'           24.305  
MSE 'L-peptide linking' n SELENOMETHIONINE ?                 'C5 H11 N O2 Se' 196.106 
PHE 'L-peptide linking' y PHENYLALANINE    ?                 'C9 H11 N O2'    165.189 
PRO 'L-peptide linking' y PROLINE          ?                 'C5 H9 N O2'     115.130 
SER 'L-peptide linking' y SERINE           ?                 'C3 H7 N O3'     105.093 
THR 'L-peptide linking' y THREONINE        ?                 'C4 H9 N O3'     119.119 
TRP 'L-peptide linking' y TRYPTOPHAN       ?                 'C11 H12 N2 O2'  204.225 
TYR 'L-peptide linking' y TYROSINE         ?                 'C9 H11 N O3'    181.189 
UNL non-polymer         . 'UNKNOWN LIGAND' ?                 ?                ?       
VAL 'L-peptide linking' y VALINE           ?                 'C5 H11 N O2'    117.146 
ZN  non-polymer         . 'ZINC ION'       ?                 'Zn 2'           65.409  
# 
loop_
_pdbx_poly_seq_scheme.asym_id 
_pdbx_poly_seq_scheme.entity_id 
_pdbx_poly_seq_scheme.seq_id 
_pdbx_poly_seq_scheme.mon_id 
_pdbx_poly_seq_scheme.ndb_seq_num 
_pdbx_poly_seq_scheme.pdb_seq_num 
_pdbx_poly_seq_scheme.auth_seq_num 
_pdbx_poly_seq_scheme.pdb_mon_id 
_pdbx_poly_seq_scheme.auth_mon_id 
_pdbx_poly_seq_scheme.pdb_strand_id 
_pdbx_poly_seq_scheme.pdb_ins_code 
_pdbx_poly_seq_scheme.hetero 
A 1 1   GLY 1   0   0   GLY GLY A . n 
A 1 2   MSE 2   1   1   MSE MSE A . n 
A 1 3   GLU 3   2   2   GLU GLU A . n 
A 1 4   CYS 4   3   3   CYS CYS A . n 
A 1 5   ARG 5   4   4   ARG ARG A . n 
A 1 6   PRO 6   5   5   PRO PRO A . n 
A 1 7   LEU 7   6   6   LEU LEU A . n 
A 1 8   CYS 8   7   7   CYS CYS A . n 
A 1 9   ILE 9   8   8   ILE ILE A . n 
A 1 10  ASP 10  9   9   ASP ASP A . n 
A 1 11  ASP 11  10  10  ASP ASP A . n 
A 1 12  LEU 12  11  11  LEU LEU A . n 
A 1 13  GLU 13  12  12  GLU GLU A . n 
A 1 14  LEU 14  13  13  LEU LEU A . n 
A 1 15  VAL 15  14  14  VAL VAL A . n 
A 1 16  CYS 16  15  15  CYS CYS A . n 
A 1 17  ARG 17  16  16  ARG ARG A . n 
A 1 18  HIS 18  17  17  HIS HIS A . n 
A 1 19  ARG 19  18  18  ARG ARG A . n 
A 1 20  GLU 20  19  19  GLU GLU A . n 
A 1 21  ALA 21  20  20  ALA ALA A . n 
A 1 22  MSE 22  21  21  MSE MSE A . n 
A 1 23  PHE 23  22  22  PHE PHE A . n 
A 1 24  ARG 24  23  23  ARG ARG A . n 
A 1 25  GLU 25  24  24  GLU GLU A . n 
A 1 26  ALA 26  25  25  ALA ALA A . n 
A 1 27  GLY 27  26  26  GLY GLY A . n 
A 1 28  ARG 28  27  27  ARG ARG A . n 
A 1 29  ASP 29  28  28  ASP ASP A . n 
A 1 30  ALA 30  29  29  ALA ALA A . n 
A 1 31  LEU 31  30  30  LEU LEU A . n 
A 1 32  THR 32  31  31  THR THR A . n 
A 1 33  LEU 33  32  32  LEU LEU A . n 
A 1 34  ALA 34  33  33  ALA ALA A . n 
A 1 35  ALA 35  34  34  ALA ALA A . n 
A 1 36  MSE 36  35  35  MSE MSE A . n 
A 1 37  GLN 37  36  36  GLN GLN A . n 
A 1 38  ASP 38  37  37  ASP ASP A . n 
A 1 39  PRO 39  38  38  PRO PRO A . n 
A 1 40  PHE 40  39  39  PHE PHE A . n 
A 1 41  ARG 41  40  40  ARG ARG A . n 
A 1 42  ASP 42  41  41  ASP ASP A . n 
A 1 43  TRP 43  42  42  TRP TRP A . n 
A 1 44  LEU 44  43  43  LEU LEU A . n 
A 1 45  LEU 45  44  44  LEU LEU A . n 
A 1 46  PRO 46  45  45  PRO PRO A . n 
A 1 47  ARG 47  46  46  ARG ARG A . n 
A 1 48  LEU 48  47  47  LEU LEU A . n 
A 1 49  ALA 49  48  48  ALA ALA A . n 
A 1 50  ASP 50  49  49  ASP ASP A . n 
A 1 51  GLY 51  50  50  GLY GLY A . n 
A 1 52  SER 52  51  51  SER SER A . n 
A 1 53  TYR 53  52  52  TYR TYR A . n 
A 1 54  PHE 54  53  53  PHE PHE A . n 
A 1 55  GLY 55  54  54  GLY GLY A . n 
A 1 56  TRP 56  55  55  TRP TRP A . n 
A 1 57  VAL 57  56  56  VAL VAL A . n 
A 1 58  MSE 58  57  57  MSE MSE A . n 
A 1 59  GLU 59  58  58  GLU GLU A . n 
A 1 60  GLU 60  59  59  GLU GLU A . n 
A 1 61  GLY 61  60  60  GLY GLY A . n 
A 1 62  GLY 62  61  61  GLY GLY A . n 
A 1 63  ALA 63  62  62  ALA ALA A . n 
A 1 64  PRO 64  63  63  PRO PRO A . n 
A 1 65  LEU 65  64  64  LEU LEU A . n 
A 1 66  ALA 66  65  65  ALA ALA A . n 
A 1 67  GLY 67  66  66  GLY GLY A . n 
A 1 68  ILE 68  67  67  ILE ILE A . n 
A 1 69  GLY 69  68  68  GLY GLY A . n 
A 1 70  LEU 70  69  69  LEU LEU A . n 
A 1 71  MSE 71  70  70  MSE MSE A . n 
A 1 72  VAL 72  71  71  VAL VAL A . n 
A 1 73  ILE 73  72  72  ILE ILE A . n 
A 1 74  GLU 74  73  73  GLU GLU A . n 
A 1 75  TRP 75  74  74  TRP TRP A . n 
A 1 76  PRO 76  75  75  PRO PRO A . n 
A 1 77  PRO 77  76  76  PRO PRO A . n 
A 1 78  HIS 78  77  77  HIS HIS A . n 
A 1 79  PRO 79  78  78  PRO PRO A . n 
A 1 80  SER 80  79  79  SER SER A . n 
A 1 81  HIS 81  80  80  HIS HIS A . n 
A 1 82  PRO 82  81  81  PRO PRO A . n 
A 1 83  LEU 83  82  82  LEU LEU A . n 
A 1 84  GLN 84  83  83  GLN GLN A . n 
A 1 85  ASP 85  84  84  ASP ASP A . n 
A 1 86  LYS 86  85  85  LYS LYS A . n 
A 1 87  ARG 87  86  86  ARG ARG A . n 
A 1 88  GLY 88  87  87  GLY GLY A . n 
A 1 89  TYR 89  88  88  TYR TYR A . n 
A 1 90  ILE 90  89  89  ILE ILE A . n 
A 1 91  LEU 91  90  90  LEU LEU A . n 
A 1 92  ASN 92  91  91  ASN ASN A . n 
A 1 93  LEU 93  92  92  LEU LEU A . n 
A 1 94  TYR 94  93  93  TYR TYR A . n 
A 1 95  VAL 95  94  94  VAL VAL A . n 
A 1 96  ASP 96  95  95  ASP ASP A . n 
A 1 97  PRO 97  96  96  PRO PRO A . n 
A 1 98  SER 98  97  97  SER SER A . n 
A 1 99  HIS 99  98  98  HIS HIS A . n 
A 1 100 ARG 100 99  99  ARG ARG A . n 
A 1 101 GLU 101 100 100 GLU GLU A . n 
A 1 102 ARG 102 101 101 ARG ARG A . n 
A 1 103 GLY 103 102 102 GLY GLY A . n 
A 1 104 ILE 104 103 103 ILE ILE A . n 
A 1 105 GLY 105 104 104 GLY GLY A . n 
A 1 106 GLN 106 105 105 GLN GLN A . n 
A 1 107 ALA 107 106 106 ALA ALA A . n 
A 1 108 LEU 108 107 107 LEU LEU A . n 
A 1 109 MSE 109 108 108 MSE MSE A . n 
A 1 110 ASN 110 109 109 ASN ASN A . n 
A 1 111 ARG 111 110 110 ARG ARG A . n 
A 1 112 ALA 112 111 111 ALA ALA A . n 
A 1 113 GLU 113 112 112 GLU GLU A . n 
A 1 114 ALA 114 113 113 ALA ALA A . n 
A 1 115 GLU 115 114 114 GLU GLU A . n 
A 1 116 PHE 116 115 115 PHE PHE A . n 
A 1 117 ALA 117 116 116 ALA ALA A . n 
A 1 118 GLU 118 117 117 GLU GLU A . n 
A 1 119 ARG 119 118 118 ARG ARG A . n 
A 1 120 GLY 120 119 119 GLY GLY A . n 
A 1 121 ILE 121 120 120 ILE ILE A . n 
A 1 122 ALA 122 121 121 ALA ALA A . n 
A 1 123 PHE 123 122 122 PHE PHE A . n 
A 1 124 ALA 124 123 123 ALA ALA A . n 
A 1 125 VAL 125 124 124 VAL VAL A . n 
A 1 126 LEU 126 125 125 LEU LEU A . n 
A 1 127 HIS 127 126 126 HIS HIS A . n 
A 1 128 ALA 128 127 127 ALA ALA A . n 
A 1 129 THR 129 128 128 THR THR A . n 
A 1 130 GLU 130 129 129 GLU GLU A . n 
A 1 131 MSE 131 130 130 MSE MSE A . n 
A 1 132 GLY 132 131 131 GLY GLY A . n 
A 1 133 GLN 133 132 132 GLN GLN A . n 
A 1 134 PRO 134 133 133 PRO PRO A . n 
A 1 135 LEU 135 134 134 LEU LEU A . n 
A 1 136 TYR 136 135 135 TYR TYR A . n 
A 1 137 ALA 137 136 136 ALA ALA A . n 
A 1 138 ARG 138 137 137 ARG ARG A . n 
A 1 139 MSE 139 138 138 MSE MSE A . n 
A 1 140 GLY 140 139 139 GLY GLY A . n 
A 1 141 TRP 141 140 140 TRP TRP A . n 
A 1 142 SER 142 141 141 SER SER A . n 
A 1 143 PRO 143 142 142 PRO PRO A . n 
A 1 144 THR 144 143 143 THR THR A . n 
A 1 145 THR 145 144 144 THR THR A . n 
A 1 146 GLU 146 145 145 GLU GLU A . n 
A 1 147 MSE 147 146 146 MSE MSE A . n 
A 1 148 SER 148 147 147 SER SER A . n 
A 1 149 LYS 149 148 148 LYS LYS A . n 
A 1 150 PRO 150 149 149 PRO PRO A . n 
A 1 151 ILE 151 150 150 ILE ILE A . n 
A 1 152 ALA 152 151 151 ALA ALA A . n 
A 1 153 GLY 153 152 152 GLY GLY A . n 
# 
loop_
_pdbx_nonpoly_scheme.asym_id 
_pdbx_nonpoly_scheme.entity_id 
_pdbx_nonpoly_scheme.mon_id 
_pdbx_nonpoly_scheme.ndb_seq_num 
_pdbx_nonpoly_scheme.pdb_seq_num 
_pdbx_nonpoly_scheme.auth_seq_num 
_pdbx_nonpoly_scheme.pdb_mon_id 
_pdbx_nonpoly_scheme.auth_mon_id 
_pdbx_nonpoly_scheme.pdb_strand_id 
_pdbx_nonpoly_scheme.pdb_ins_code 
B 2 ZN  1   153 2   ZN  ZN  A . 
C 3 MG  1   154 3   MG  MG  A . 
D 3 MG  1   155 4   MG  MG  A . 
E 4 UNL 1   156 1   UNL UNL A . 
F 5 EDO 1   157 5   EDO EDO A . 
G 6 FMT 1   158 6   FMT FMT A . 
H 6 FMT 1   159 7   FMT FMT A . 
I 6 FMT 1   160 8   FMT FMT A . 
J 6 FMT 1   161 9   FMT FMT A . 
K 7 HOH 1   162 10  HOH HOH A . 
K 7 HOH 2   163 11  HOH HOH A . 
K 7 HOH 3   164 12  HOH HOH A . 
K 7 HOH 4   165 13  HOH HOH A . 
K 7 HOH 5   166 14  HOH HOH A . 
K 7 HOH 6   167 15  HOH HOH A . 
K 7 HOH 7   168 16  HOH HOH A . 
K 7 HOH 8   169 17  HOH HOH A . 
K 7 HOH 9   170 18  HOH HOH A . 
K 7 HOH 10  171 19  HOH HOH A . 
K 7 HOH 11  172 20  HOH HOH A . 
K 7 HOH 12  173 21  HOH HOH A . 
K 7 HOH 13  174 22  HOH HOH A . 
K 7 HOH 14  175 23  HOH HOH A . 
K 7 HOH 15  176 24  HOH HOH A . 
K 7 HOH 16  177 25  HOH HOH A . 
K 7 HOH 17  178 26  HOH HOH A . 
K 7 HOH 18  179 27  HOH HOH A . 
K 7 HOH 19  180 28  HOH HOH A . 
K 7 HOH 20  181 29  HOH HOH A . 
K 7 HOH 21  182 30  HOH HOH A . 
K 7 HOH 22  183 31  HOH HOH A . 
K 7 HOH 23  184 32  HOH HOH A . 
K 7 HOH 24  185 33  HOH HOH A . 
K 7 HOH 25  186 34  HOH HOH A . 
K 7 HOH 26  187 35  HOH HOH A . 
K 7 HOH 27  188 36  HOH HOH A . 
K 7 HOH 28  189 37  HOH HOH A . 
K 7 HOH 29  190 38  HOH HOH A . 
K 7 HOH 30  191 39  HOH HOH A . 
K 7 HOH 31  192 40  HOH HOH A . 
K 7 HOH 32  193 41  HOH HOH A . 
K 7 HOH 33  194 42  HOH HOH A . 
K 7 HOH 34  195 43  HOH HOH A . 
K 7 HOH 35  196 44  HOH HOH A . 
K 7 HOH 36  197 45  HOH HOH A . 
K 7 HOH 37  198 46  HOH HOH A . 
K 7 HOH 38  199 47  HOH HOH A . 
K 7 HOH 39  200 48  HOH HOH A . 
K 7 HOH 40  201 49  HOH HOH A . 
K 7 HOH 41  202 50  HOH HOH A . 
K 7 HOH 42  203 51  HOH HOH A . 
K 7 HOH 43  204 52  HOH HOH A . 
K 7 HOH 44  205 53  HOH HOH A . 
K 7 HOH 45  206 54  HOH HOH A . 
K 7 HOH 46  207 55  HOH HOH A . 
K 7 HOH 47  208 56  HOH HOH A . 
K 7 HOH 48  209 57  HOH HOH A . 
K 7 HOH 49  210 58  HOH HOH A . 
K 7 HOH 50  211 59  HOH HOH A . 
K 7 HOH 51  212 60  HOH HOH A . 
K 7 HOH 52  213 61  HOH HOH A . 
K 7 HOH 53  214 62  HOH HOH A . 
K 7 HOH 54  215 63  HOH HOH A . 
K 7 HOH 55  216 64  HOH HOH A . 
K 7 HOH 56  217 65  HOH HOH A . 
K 7 HOH 57  218 66  HOH HOH A . 
K 7 HOH 58  219 67  HOH HOH A . 
K 7 HOH 59  220 68  HOH HOH A . 
K 7 HOH 60  221 69  HOH HOH A . 
K 7 HOH 61  222 70  HOH HOH A . 
K 7 HOH 62  223 71  HOH HOH A . 
K 7 HOH 63  224 72  HOH HOH A . 
K 7 HOH 64  225 73  HOH HOH A . 
K 7 HOH 65  226 74  HOH HOH A . 
K 7 HOH 66  227 75  HOH HOH A . 
K 7 HOH 67  228 76  HOH HOH A . 
K 7 HOH 68  229 77  HOH HOH A . 
K 7 HOH 69  230 78  HOH HOH A . 
K 7 HOH 70  231 79  HOH HOH A . 
K 7 HOH 71  232 80  HOH HOH A . 
K 7 HOH 72  233 81  HOH HOH A . 
K 7 HOH 73  234 82  HOH HOH A . 
K 7 HOH 74  235 83  HOH HOH A . 
K 7 HOH 75  236 84  HOH HOH A . 
K 7 HOH 76  237 85  HOH HOH A . 
K 7 HOH 77  238 86  HOH HOH A . 
K 7 HOH 78  239 87  HOH HOH A . 
K 7 HOH 79  240 88  HOH HOH A . 
K 7 HOH 80  241 89  HOH HOH A . 
K 7 HOH 81  242 90  HOH HOH A . 
K 7 HOH 82  243 91  HOH HOH A . 
K 7 HOH 83  244 92  HOH HOH A . 
K 7 HOH 84  245 93  HOH HOH A . 
K 7 HOH 85  246 94  HOH HOH A . 
K 7 HOH 86  247 95  HOH HOH A . 
K 7 HOH 87  248 96  HOH HOH A . 
K 7 HOH 88  249 97  HOH HOH A . 
K 7 HOH 89  250 98  HOH HOH A . 
K 7 HOH 90  251 99  HOH HOH A . 
K 7 HOH 91  252 100 HOH HOH A . 
K 7 HOH 92  253 101 HOH HOH A . 
K 7 HOH 93  254 102 HOH HOH A . 
K 7 HOH 94  255 103 HOH HOH A . 
K 7 HOH 95  256 104 HOH HOH A . 
K 7 HOH 96  257 105 HOH HOH A . 
K 7 HOH 97  258 106 HOH HOH A . 
K 7 HOH 98  259 107 HOH HOH A . 
K 7 HOH 99  260 108 HOH HOH A . 
K 7 HOH 100 261 109 HOH HOH A . 
K 7 HOH 101 262 110 HOH HOH A . 
K 7 HOH 102 263 111 HOH HOH A . 
K 7 HOH 103 264 112 HOH HOH A . 
K 7 HOH 104 265 113 HOH HOH A . 
K 7 HOH 105 266 114 HOH HOH A . 
K 7 HOH 106 267 115 HOH HOH A . 
K 7 HOH 107 268 116 HOH HOH A . 
K 7 HOH 108 269 117 HOH HOH A . 
K 7 HOH 109 270 118 HOH HOH A . 
K 7 HOH 110 271 119 HOH HOH A . 
K 7 HOH 111 272 120 HOH HOH A . 
K 7 HOH 112 273 121 HOH HOH A . 
K 7 HOH 113 274 122 HOH HOH A . 
K 7 HOH 114 275 123 HOH HOH A . 
K 7 HOH 115 276 124 HOH HOH A . 
K 7 HOH 116 277 125 HOH HOH A . 
K 7 HOH 117 278 126 HOH HOH A . 
K 7 HOH 118 279 127 HOH HOH A . 
K 7 HOH 119 280 128 HOH HOH A . 
K 7 HOH 120 281 129 HOH HOH A . 
K 7 HOH 121 282 130 HOH HOH A . 
K 7 HOH 122 283 131 HOH HOH A . 
K 7 HOH 123 284 132 HOH HOH A . 
K 7 HOH 124 285 133 HOH HOH A . 
K 7 HOH 125 286 134 HOH HOH A . 
K 7 HOH 126 287 135 HOH HOH A . 
K 7 HOH 127 288 136 HOH HOH A . 
K 7 HOH 128 289 137 HOH HOH A . 
K 7 HOH 129 290 138 HOH HOH A . 
K 7 HOH 130 291 139 HOH HOH A . 
K 7 HOH 131 292 140 HOH HOH A . 
K 7 HOH 132 293 141 HOH HOH A . 
K 7 HOH 133 294 142 HOH HOH A . 
K 7 HOH 134 295 143 HOH HOH A . 
K 7 HOH 135 296 144 HOH HOH A . 
K 7 HOH 136 297 145 HOH HOH A . 
K 7 HOH 137 298 146 HOH HOH A . 
K 7 HOH 138 299 147 HOH HOH A . 
K 7 HOH 139 300 148 HOH HOH A . 
K 7 HOH 140 301 149 HOH HOH A . 
K 7 HOH 141 302 150 HOH HOH A . 
K 7 HOH 142 303 151 HOH HOH A . 
K 7 HOH 143 304 152 HOH HOH A . 
K 7 HOH 144 305 153 HOH HOH A . 
K 7 HOH 145 306 154 HOH HOH A . 
K 7 HOH 146 307 155 HOH HOH A . 
K 7 HOH 147 308 156 HOH HOH A . 
K 7 HOH 148 309 157 HOH HOH A . 
K 7 HOH 149 310 158 HOH HOH A . 
K 7 HOH 150 311 159 HOH HOH A . 
K 7 HOH 151 312 160 HOH HOH A . 
K 7 HOH 152 313 161 HOH HOH A . 
K 7 HOH 153 314 162 HOH HOH A . 
K 7 HOH 154 315 163 HOH HOH A . 
K 7 HOH 155 316 164 HOH HOH A . 
K 7 HOH 156 317 165 HOH HOH A . 
K 7 HOH 157 318 166 HOH HOH A . 
K 7 HOH 158 319 167 HOH HOH A . 
K 7 HOH 159 320 168 HOH HOH A . 
K 7 HOH 160 321 169 HOH HOH A . 
K 7 HOH 161 322 170 HOH HOH A . 
K 7 HOH 162 323 171 HOH HOH A . 
K 7 HOH 163 324 172 HOH HOH A . 
K 7 HOH 164 325 173 HOH HOH A . 
K 7 HOH 165 326 174 HOH HOH A . 
K 7 HOH 166 327 175 HOH HOH A . 
K 7 HOH 167 328 176 HOH HOH A . 
K 7 HOH 168 329 177 HOH HOH A . 
K 7 HOH 169 330 178 HOH HOH A . 
K 7 HOH 170 331 179 HOH HOH A . 
K 7 HOH 171 332 180 HOH HOH A . 
K 7 HOH 172 333 181 HOH HOH A . 
K 7 HOH 173 334 182 HOH HOH A . 
K 7 HOH 174 335 183 HOH HOH A . 
K 7 HOH 175 336 184 HOH HOH A . 
K 7 HOH 176 337 185 HOH HOH A . 
K 7 HOH 177 338 186 HOH HOH A . 
K 7 HOH 178 339 187 HOH HOH A . 
K 7 HOH 179 340 188 HOH HOH A . 
K 7 HOH 180 341 189 HOH HOH A . 
K 7 HOH 181 342 190 HOH HOH A . 
K 7 HOH 182 343 191 HOH HOH A . 
K 7 HOH 183 344 192 HOH HOH A . 
K 7 HOH 184 345 193 HOH HOH A . 
K 7 HOH 185 346 194 HOH HOH A . 
K 7 HOH 186 347 195 HOH HOH A . 
K 7 HOH 187 348 196 HOH HOH A . 
K 7 HOH 188 349 197 HOH HOH A . 
K 7 HOH 189 350 198 HOH HOH A . 
K 7 HOH 190 351 199 HOH HOH A . 
K 7 HOH 191 352 200 HOH HOH A . 
K 7 HOH 192 353 201 HOH HOH A . 
K 7 HOH 193 354 202 HOH HOH A . 
K 7 HOH 194 355 203 HOH HOH A . 
K 7 HOH 195 356 204 HOH HOH A . 
K 7 HOH 196 357 205 HOH HOH A . 
K 7 HOH 197 358 206 HOH HOH A . 
K 7 HOH 198 359 207 HOH HOH A . 
K 7 HOH 199 360 208 HOH HOH A . 
K 7 HOH 200 361 209 HOH HOH A . 
K 7 HOH 201 362 210 HOH HOH A . 
K 7 HOH 202 363 211 HOH HOH A . 
K 7 HOH 203 364 212 HOH HOH A . 
K 7 HOH 204 365 213 HOH HOH A . 
K 7 HOH 205 366 214 HOH HOH A . 
K 7 HOH 206 367 215 HOH HOH A . 
# 
loop_
_pdbx_unobs_or_zero_occ_atoms.id 
_pdbx_unobs_or_zero_occ_atoms.PDB_model_num 
_pdbx_unobs_or_zero_occ_atoms.polymer_flag 
_pdbx_unobs_or_zero_occ_atoms.occupancy_flag 
_pdbx_unobs_or_zero_occ_atoms.auth_asym_id 
_pdbx_unobs_or_zero_occ_atoms.auth_comp_id 
_pdbx_unobs_or_zero_occ_atoms.auth_seq_id 
_pdbx_unobs_or_zero_occ_atoms.PDB_ins_code 
_pdbx_unobs_or_zero_occ_atoms.auth_atom_id 
_pdbx_unobs_or_zero_occ_atoms.label_alt_id 
_pdbx_unobs_or_zero_occ_atoms.label_asym_id 
_pdbx_unobs_or_zero_occ_atoms.label_comp_id 
_pdbx_unobs_or_zero_occ_atoms.label_seq_id 
_pdbx_unobs_or_zero_occ_atoms.label_atom_id 
1  1 Y 1 A MSE 1   ? CE  ? A MSE 2   CE  
2  1 Y 1 A GLU 2   ? CG  ? A GLU 3   CG  
3  1 Y 1 A GLU 2   ? CD  ? A GLU 3   CD  
4  1 Y 1 A GLU 2   ? OE1 ? A GLU 3   OE1 
5  1 Y 1 A GLU 2   ? OE2 ? A GLU 3   OE2 
6  1 Y 1 A GLU 12  ? CD  ? A GLU 13  CD  
7  1 Y 1 A GLU 12  ? OE1 ? A GLU 13  OE1 
8  1 Y 1 A GLU 12  ? OE2 ? A GLU 13  OE2 
9  1 Y 1 A ARG 16  ? NH1 ? A ARG 17  NH1 
10 1 Y 1 A ARG 16  ? NH2 ? A ARG 17  NH2 
11 1 Y 1 A ARG 101 ? CG  ? A ARG 102 CG  
12 1 Y 1 A ARG 101 ? CD  ? A ARG 102 CD  
13 1 Y 1 A ARG 101 ? NE  ? A ARG 102 NE  
14 1 Y 1 A ARG 101 ? CZ  ? A ARG 102 CZ  
15 1 Y 1 A ARG 101 ? NH1 ? A ARG 102 NH1 
16 1 Y 1 A ARG 101 ? NH2 ? A ARG 102 NH2 
17 1 Y 1 A GLU 129 ? CG  ? A GLU 130 CG  
18 1 Y 1 A GLU 129 ? CD  ? A GLU 130 CD  
19 1 Y 1 A GLU 129 ? OE1 ? A GLU 130 OE1 
20 1 Y 1 A GLU 129 ? OE2 ? A GLU 130 OE2 
# 
loop_
_software.name 
_software.version 
_software.date 
_software.type 
_software.contact_author 
_software.contact_author_email 
_software.classification 
_software.location 
_software.language 
_software.citation_id 
_software.pdbx_ordinal 
REFMAC      5.2.0005 ?                 program 'Murshudov, G.N.'            ccp4@dl.ac.uk                        refinement        
http://www.ccp4.ac.uk/main.html                                    Fortran_77 ? 1 
PHENIX      .        ?                 package 'P.D. Adams'                 PDAdams@lbl.gov                      refinement        
http://www.phenix-online.org/                                      C++        ? 2 
SOLVE       .        ?                 package 'Tom Terwilliger'            terwilliger@LANL.gov                 phasing           
http://www.solve.lanl.gov/                                         ?          ? 3 
MolProbity  3beta29  ?                 package 'D.C. & J.S. Richardson lab' molprobity@kinemage.biochem.duke.edu 'model building'  
http://kinemage.biochem.duke.edu/molprobity/                       ?          ? 4 
XSCALE      .        ?                 package 'Wolfgang Kabsch'            ?                                    'data scaling'    
http://www.mpimf-heidelberg.mpg.de/~kabsch/xds/xscale_program.html ?          ? 5 
PDB_EXTRACT 3.00     'March. 27, 2007' package PDB                          sw-help@rcsb.rutgers.edu             'data extraction' 
http://pdb.rutgers.edu/software/                                   C++        ? 6 
MAR345      CCD      ?                 ?       ?                            ?                                    'data collection' 
?                                                                  ?          ? 7 
XDS         .        ?                 ?       ?                            ?                                    'data reduction'  
?                                                                  ?          ? 8 
# 
_cell.entry_id           2Q0Y 
_cell.length_a           102.520 
_cell.length_b           102.520 
_cell.length_c           39.680 
_cell.angle_alpha        90.000 
_cell.angle_beta         90.000 
_cell.angle_gamma        120.000 
_cell.pdbx_unique_axis   ? 
_cell.Z_PDB              6 
_cell.length_a_esd       ? 
_cell.length_b_esd       ? 
_cell.length_c_esd       ? 
_cell.angle_alpha_esd    ? 
_cell.angle_beta_esd     ? 
_cell.angle_gamma_esd    ? 
# 
_symmetry.entry_id                         2Q0Y 
_symmetry.Int_Tables_number                154 
_symmetry.space_group_name_H-M             'P 32 2 1' 
_symmetry.pdbx_full_space_group_name_H-M   ? 
_symmetry.cell_setting                     ? 
_symmetry.space_group_name_Hall            ? 
# 
_exptl.crystals_number   1 
_exptl.method            'X-RAY DIFFRACTION' 
_exptl.entry_id          2Q0Y 
# 
_exptl_crystal.id                    1 
_exptl_crystal.density_Matthews      3.53 
_exptl_crystal.density_meas          ? 
_exptl_crystal.density_percent_sol   65.15 
_exptl_crystal.description           ? 
_exptl_crystal.F_000                 ? 
_exptl_crystal.preparation           ? 
# 
_exptl_crystal_grow.crystal_id      1 
_exptl_crystal_grow.method          'VAPOR DIFFUSION, SITTING DROP' 
_exptl_crystal_grow.pH              5.9 
_exptl_crystal_grow.temp            277 
_exptl_crystal_grow.pdbx_details    
'NANODROP, 0.2M Mg Formate, 20.0% PEG 3350, No Buffer pH 5.9, VAPOR DIFFUSION, SITTING DROP, temperature 277K' 
_exptl_crystal_grow.temp_details    ? 
_exptl_crystal_grow.pdbx_pH_range   . 
# 
_diffrn.id                     1 
_diffrn.ambient_temp           100 
_diffrn.ambient_temp_details   ? 
_diffrn.crystal_id             1 
# 
_diffrn_detector.diffrn_id              1 
_diffrn_detector.detector               CCD 
_diffrn_detector.type                   'MARMOSAIC 325 mm CCD' 
_diffrn_detector.details                'Flat mirror (vertical focusing)' 
_diffrn_detector.pdbx_collection_date   2007-04-30 
# 
_diffrn_radiation.diffrn_id                        1 
_diffrn_radiation.pdbx_monochromatic_or_laue_m_l   M 
_diffrn_radiation.monochromator                    'Single crystal Si(111) bent (horizontal focusing)' 
_diffrn_radiation.pdbx_diffrn_protocol             'SINGLE WAVELENGTH' 
_diffrn_radiation.wavelength_id                    1 
_diffrn_radiation.pdbx_scattering_type             x-ray 
# 
_diffrn_radiation_wavelength.id           1 
_diffrn_radiation_wavelength.wavelength   0.97891 
_diffrn_radiation_wavelength.wt           1.0 
# 
_diffrn_source.diffrn_id                   1 
_diffrn_source.source                      SYNCHROTRON 
_diffrn_source.pdbx_synchrotron_beamline   BL11-1 
_diffrn_source.type                        'SSRL BEAMLINE BL11-1' 
_diffrn_source.pdbx_wavelength             ? 
_diffrn_source.pdbx_wavelength_list        0.97891 
_diffrn_source.pdbx_synchrotron_site       SSRL 
# 
_reflns.entry_id                     2Q0Y 
_reflns.d_resolution_high            1.80 
_reflns.d_resolution_low             29.591 
_reflns.number_obs                   21939 
_reflns.pdbx_Rmerge_I_obs            0.050 
_reflns.pdbx_netI_over_sigmaI        11.780 
_reflns.percent_possible_obs         96.100 
_reflns.B_iso_Wilson_estimate        17.93 
_reflns.observed_criterion_sigma_I   -3.00 
_reflns.observed_criterion_sigma_F   ? 
_reflns.number_all                   ? 
_reflns.pdbx_Rsym_value              ? 
_reflns.pdbx_redundancy              3.61 
_reflns.R_free_details               ? 
_reflns.limit_h_max                  ? 
_reflns.limit_h_min                  ? 
_reflns.limit_k_max                  ? 
_reflns.limit_k_min                  ? 
_reflns.limit_l_max                  ? 
_reflns.limit_l_min                  ? 
_reflns.observed_criterion_F_max     ? 
_reflns.observed_criterion_F_min     ? 
_reflns.pdbx_chi_squared             ? 
_reflns.pdbx_scaling_rejects         ? 
_reflns.pdbx_ordinal                 1 
_reflns.pdbx_diffrn_id               1 
# 
loop_
_reflns_shell.d_res_high 
_reflns_shell.d_res_low 
_reflns_shell.number_measured_obs 
_reflns_shell.number_measured_all 
_reflns_shell.number_unique_obs 
_reflns_shell.Rmerge_I_obs 
_reflns_shell.meanI_over_sigI_obs 
_reflns_shell.pdbx_Rsym_value 
_reflns_shell.pdbx_chi_squared 
_reflns_shell.pdbx_redundancy 
_reflns_shell.percent_possible_obs 
_reflns_shell.number_unique_all 
_reflns_shell.percent_possible_all 
_reflns_shell.pdbx_ordinal 
_reflns_shell.pdbx_diffrn_id 
1.80 1.86   1773 ? 3214 0.298 2.1  ? ? ? ? ? 81.30 1  1 
1.86 1.94   4016 ? 4321 0.233 3.0  ? ? ? ? ? 92.90 2  1 
1.94 2.03   7639 ? 4335 0.185 4.8  ? ? ? ? ? 98.50 3  1 
2.03 2.13   8896 ? 4017 0.145 6.7  ? ? ? ? ? 99.60 4  1 
2.13 2.27   9993 ? 4513 0.114 8.1  ? ? ? ? ? 99.50 5  1 
2.27 2.44   9309 ? 4211 0.087 10.3 ? ? ? ? ? 99.40 6  1 
2.44 2.69   9642 ? 4352 0.072 12.2 ? ? ? ? ? 98.90 7  1 
2.69 3.07   9198 ? 4187 0.050 16.1 ? ? ? ? ? 98.60 8  1 
3.07 3.87   9426 ? 4269 0.031 23.6 ? ? ? ? ? 98.00 9  1 
3.87 29.591 9205 ? 4093 0.025 29.3 ? ? ? ? ? 93.60 10 1 
# 
_refine.entry_id                                 2Q0Y 
_refine.ls_d_res_high                            1.800 
_refine.ls_d_res_low                             29.591 
_refine.pdbx_ls_sigma_F                          0.00 
_refine.ls_percent_reflns_obs                    97.880 
_refine.ls_number_reflns_obs                     21936 
_refine.pdbx_ls_cross_valid_method               THROUGHOUT 
_refine.pdbx_R_Free_selection_details            RANDOM 
_refine.details                                  
;1. HYDROGENS HAVE BEEN ADDED IN THE RIDING POSITIONS. 
2. ATOM RECORD CONTAINS RESIDUAL B FACTORS ONLY. 
3. A MET-INHIBITION PROTOCOL WAS USED FOR 
SELENOMETHIONINE INCORPORATION DURING PROTEIN EXPRESSION. THE 
OCCUPANCY OF THE SE ATOMS IN THE MSE RESIDUES WAS REDUCED TO 
0.75 FOR THE REDUCED SCATTERING POWER DUE TO PARTIAL S-MET 
INCORPORATION. 
4. MAGNESIUM IONS, ETHYLENE GLYCOL, AND FORMIC ACID 
MOLECULES FROM THE CRYSTALLIZATION AND CRYO SOLUTION ARE 
MODELED INTO THE STRUCTURE. 
5. X-RAY FLUORESCENCE AND ANOMALOUS DIFFERENCE MAPS SUPPORT 
THE ASSIGNMENT OF A ZINC ATOM IN THE STRUCTURE. 
6. AN UNKNOWN LIGAND (UNL) WAS MODELED INTO THE STRUCTURE.
;
_refine.ls_R_factor_obs                          0.144 
_refine.ls_R_factor_R_work                       0.143 
_refine.ls_R_factor_R_free                       0.165 
_refine.ls_percent_reflns_R_free                 5.100 
_refine.ls_number_reflns_R_free                  1123 
_refine.B_iso_mean                               14.876 
_refine.aniso_B[1][1]                            0.710 
_refine.aniso_B[2][2]                            0.710 
_refine.aniso_B[3][3]                            -1.070 
_refine.aniso_B[1][2]                            0.360 
_refine.aniso_B[1][3]                            0.000 
_refine.aniso_B[2][3]                            0.000 
_refine.correlation_coeff_Fo_to_Fc               0.971 
_refine.correlation_coeff_Fo_to_Fc_free          0.958 
_refine.pdbx_overall_ESU_R                       0.082 
_refine.pdbx_overall_ESU_R_Free                  0.080 
_refine.overall_SU_ML                            0.051 
_refine.overall_SU_B                             3.117 
_refine.solvent_model_details                    'BABINET MODEL WITH MASK' 
_refine.pdbx_solvent_vdw_probe_radii             1.200 
_refine.pdbx_solvent_ion_probe_radii             0.800 
_refine.pdbx_solvent_shrinkage_radii             0.800 
_refine.pdbx_method_to_determine_struct          SAD 
_refine.pdbx_stereochemistry_target_values       'MAXIMUM LIKELIHOOD WITH PHASES' 
_refine.pdbx_ls_sigma_I                          ? 
_refine.ls_number_reflns_all                     ? 
_refine.ls_R_factor_all                          ? 
_refine.ls_redundancy_reflns_obs                 ? 
_refine.pdbx_data_cutoff_high_absF               ? 
_refine.pdbx_data_cutoff_low_absF                ? 
_refine.ls_number_parameters                     ? 
_refine.ls_number_restraints                     ? 
_refine.ls_R_factor_R_free_error                 ? 
_refine.ls_R_factor_R_free_error_details         ? 
_refine.pdbx_starting_model                      ? 
_refine.pdbx_stereochem_target_val_spec_case     ? 
_refine.solvent_model_param_bsol                 ? 
_refine.solvent_model_param_ksol                 ? 
_refine.occupancy_max                            ? 
_refine.occupancy_min                            ? 
_refine.pdbx_isotropic_thermal_model             ? 
_refine.B_iso_min                                ? 
_refine.B_iso_max                                ? 
_refine.overall_SU_R_Cruickshank_DPI             ? 
_refine.overall_SU_R_free                        ? 
_refine.pdbx_data_cutoff_high_rms_absF           ? 
_refine.ls_wR_factor_R_free                      ? 
_refine.ls_wR_factor_R_work                      ? 
_refine.overall_FOM_free_R_set                   ? 
_refine.overall_FOM_work_R_set                   ? 
_refine.pdbx_refine_id                           'X-RAY DIFFRACTION' 
_refine.pdbx_TLS_residual_ADP_flag               'LIKELY RESIDUAL' 
_refine.pdbx_diffrn_id                           1 
_refine.pdbx_overall_phase_error                 ? 
_refine.pdbx_overall_SU_R_free_Cruickshank_DPI   ? 
_refine.pdbx_overall_SU_R_Blow_DPI               ? 
_refine.pdbx_overall_SU_R_free_Blow_DPI          ? 
# 
_refine_hist.pdbx_refine_id                   'X-RAY DIFFRACTION' 
_refine_hist.cycle_id                         LAST 
_refine_hist.pdbx_number_atoms_protein        1180 
_refine_hist.pdbx_number_atoms_nucleic_acid   0 
_refine_hist.pdbx_number_atoms_ligand         23 
_refine_hist.number_atoms_solvent             206 
_refine_hist.number_atoms_total               1409 
_refine_hist.d_res_high                       1.800 
_refine_hist.d_res_low                        29.591 
# 
loop_
_refine_ls_restr.type 
_refine_ls_restr.number 
_refine_ls_restr.dev_ideal 
_refine_ls_restr.dev_ideal_target 
_refine_ls_restr.weight 
_refine_ls_restr.pdbx_refine_id 
_refine_ls_restr.pdbx_restraint_function 
r_bond_refined_d             1269 0.012  0.022  ? 'X-RAY DIFFRACTION' ? 
r_bond_other_d               1165 0.002  0.020  ? 'X-RAY DIFFRACTION' ? 
r_angle_refined_deg          1723 1.344  1.975  ? 'X-RAY DIFFRACTION' ? 
r_angle_other_deg            2701 0.836  3.000  ? 'X-RAY DIFFRACTION' ? 
r_dihedral_angle_1_deg       166  5.395  5.000  ? 'X-RAY DIFFRACTION' ? 
r_dihedral_angle_2_deg       57   30.257 22.632 ? 'X-RAY DIFFRACTION' ? 
r_dihedral_angle_3_deg       204  11.315 15.000 ? 'X-RAY DIFFRACTION' ? 
r_dihedral_angle_4_deg       13   18.484 15.000 ? 'X-RAY DIFFRACTION' ? 
r_chiral_restr               178  0.072  0.200  ? 'X-RAY DIFFRACTION' ? 
r_gen_planes_refined         1434 0.005  0.020  ? 'X-RAY DIFFRACTION' ? 
r_gen_planes_other           266  0.001  0.020  ? 'X-RAY DIFFRACTION' ? 
r_nbd_refined                253  0.256  0.200  ? 'X-RAY DIFFRACTION' ? 
r_nbd_other                  1116 0.187  0.200  ? 'X-RAY DIFFRACTION' ? 
r_nbtor_refined              603  0.177  0.200  ? 'X-RAY DIFFRACTION' ? 
r_nbtor_other                700  0.089  0.200  ? 'X-RAY DIFFRACTION' ? 
r_xyhbond_nbd_refined        147  0.157  0.200  ? 'X-RAY DIFFRACTION' ? 
r_metal_ion_refined          2    0.237  0.200  ? 'X-RAY DIFFRACTION' ? 
r_symmetry_vdw_refined       18   0.182  0.200  ? 'X-RAY DIFFRACTION' ? 
r_symmetry_vdw_other         81   0.187  0.200  ? 'X-RAY DIFFRACTION' ? 
r_symmetry_hbond_refined     39   0.160  0.200  ? 'X-RAY DIFFRACTION' ? 
r_symmetry_metal_ion_refined 2    0.046  0.200  ? 'X-RAY DIFFRACTION' ? 
r_mcbond_it                  828  1.953  3.000  ? 'X-RAY DIFFRACTION' ? 
r_mcbond_other               322  0.420  3.000  ? 'X-RAY DIFFRACTION' ? 
r_mcangle_it                 1252 2.482  5.000  ? 'X-RAY DIFFRACTION' ? 
r_scbond_it                  525  4.491  8.000  ? 'X-RAY DIFFRACTION' ? 
r_scangle_it                 464  6.332  11.000 ? 'X-RAY DIFFRACTION' ? 
# 
_refine_ls_shell.d_res_high                       1.800 
_refine_ls_shell.d_res_low                        1.848 
_refine_ls_shell.pdbx_total_number_of_bins_used   20 
_refine_ls_shell.percent_reflns_obs               87.180 
_refine_ls_shell.number_reflns_R_work             1327 
_refine_ls_shell.R_factor_all                     ? 
_refine_ls_shell.R_factor_R_work                  0.208 
_refine_ls_shell.R_factor_R_free                  0.226 
_refine_ls_shell.percent_reflns_R_free            ? 
_refine_ls_shell.number_reflns_R_free             60 
_refine_ls_shell.R_factor_R_free_error            ? 
_refine_ls_shell.number_reflns_all                ? 
_refine_ls_shell.number_reflns_obs                1387 
_refine_ls_shell.redundancy_reflns_obs            ? 
_refine_ls_shell.pdbx_refine_id                   'X-RAY DIFFRACTION' 
# 
_struct.entry_id                  2Q0Y 
_struct.title                     
'Crystal structure of GCN5-related N-acetyltransferase (YP_295895.1) from Ralstonia eutropha JMP134 at 1.80 A resolution' 
_struct.pdbx_model_details        ? 
_struct.pdbx_CASP_flag            ? 
_struct.pdbx_model_type_details   ? 
# 
_struct_keywords.text            
;YP_295895.1, Acetyltransferase (GNAT) family, GCN5-related N-acetyltransferase, Structural Genomics, Joint Center for Structural Genomics, JCSG, Protein Structure Initiative, PSI-2, TRANSFERASE
;
_struct_keywords.pdbx_keywords   TRANSFERASE 
_struct_keywords.entry_id        2Q0Y 
# 
loop_
_struct_asym.id 
_struct_asym.pdbx_blank_PDB_chainid_flag 
_struct_asym.pdbx_modified 
_struct_asym.entity_id 
_struct_asym.details 
A N N 1 ? 
B N N 2 ? 
C N N 3 ? 
D N N 3 ? 
E N N 4 ? 
F N N 5 ? 
G N N 6 ? 
H N N 6 ? 
I N N 6 ? 
J N N 6 ? 
K N N 7 ? 
# 
_struct_ref.id                         1 
_struct_ref.db_name                    UNP 
_struct_ref.db_code                    Q470Y2_RALEJ 
_struct_ref.pdbx_db_accession          Q470Y2 
_struct_ref.entity_id                  1 
_struct_ref.pdbx_seq_one_letter_code   
;MECRPLCIDDLELVCRHREAMFREAGRDALTLAAMQDPFRDWLLPRLADGSYFGWVMEEGGAPLAGIGLMVIEWPPHPSH
PLQDKRGYILNLYVDPSHRERGIGQALMNRAEAEFAERGIAFAVLHATEMGQPLYARMGWSPTTEMSKPIAG
;
_struct_ref.pdbx_align_begin           1 
_struct_ref.pdbx_db_isoform            ? 
# 
_struct_ref_seq.align_id                      1 
_struct_ref_seq.ref_id                        1 
_struct_ref_seq.pdbx_PDB_id_code              2Q0Y 
_struct_ref_seq.pdbx_strand_id                A 
_struct_ref_seq.seq_align_beg                 2 
_struct_ref_seq.pdbx_seq_align_beg_ins_code   ? 
_struct_ref_seq.seq_align_end                 153 
_struct_ref_seq.pdbx_seq_align_end_ins_code   ? 
_struct_ref_seq.pdbx_db_accession             Q470Y2 
_struct_ref_seq.db_align_beg                  1 
_struct_ref_seq.pdbx_db_align_beg_ins_code    ? 
_struct_ref_seq.db_align_end                  152 
_struct_ref_seq.pdbx_db_align_end_ins_code    ? 
_struct_ref_seq.pdbx_auth_seq_align_beg       1 
_struct_ref_seq.pdbx_auth_seq_align_end       152 
# 
loop_
_struct_ref_seq_dif.align_id 
_struct_ref_seq_dif.pdbx_pdb_id_code 
_struct_ref_seq_dif.mon_id 
_struct_ref_seq_dif.pdbx_pdb_strand_id 
_struct_ref_seq_dif.seq_num 
_struct_ref_seq_dif.pdbx_pdb_ins_code 
_struct_ref_seq_dif.pdbx_seq_db_name 
_struct_ref_seq_dif.pdbx_seq_db_accession_code 
_struct_ref_seq_dif.db_mon_id 
_struct_ref_seq_dif.pdbx_seq_db_seq_num 
_struct_ref_seq_dif.details 
_struct_ref_seq_dif.pdbx_auth_seq_num 
_struct_ref_seq_dif.pdbx_ordinal 
1 2Q0Y GLY A 1   ? UNP Q470Y2 ?   ?   'expression tag'   0   1  
1 2Q0Y MSE A 2   ? UNP Q470Y2 MET 1   'modified residue' 1   2  
1 2Q0Y MSE A 22  ? UNP Q470Y2 MET 21  'modified residue' 21  3  
1 2Q0Y MSE A 36  ? UNP Q470Y2 MET 35  'modified residue' 35  4  
1 2Q0Y MSE A 58  ? UNP Q470Y2 MET 57  'modified residue' 57  5  
1 2Q0Y MSE A 71  ? UNP Q470Y2 MET 70  'modified residue' 70  6  
1 2Q0Y MSE A 109 ? UNP Q470Y2 MET 108 'modified residue' 108 7  
1 2Q0Y MSE A 131 ? UNP Q470Y2 MET 130 'modified residue' 130 8  
1 2Q0Y MSE A 139 ? UNP Q470Y2 MET 138 'modified residue' 138 9  
1 2Q0Y MSE A 147 ? UNP Q470Y2 MET 146 'modified residue' 146 10 
# 
_pdbx_struct_assembly.id                   1 
_pdbx_struct_assembly.details              author_and_software_defined_assembly 
_pdbx_struct_assembly.method_details       PISA,PQS 
_pdbx_struct_assembly.oligomeric_details   dimeric 
_pdbx_struct_assembly.oligomeric_count     2 
# 
loop_
_pdbx_struct_assembly_prop.biol_id 
_pdbx_struct_assembly_prop.type 
_pdbx_struct_assembly_prop.value 
_pdbx_struct_assembly_prop.details 
1 'ABSA (A^2)' 7020  ? 
1 MORE         -80   ? 
1 'SSA (A^2)'  14160 ? 
# 
_pdbx_struct_assembly_gen.assembly_id       1 
_pdbx_struct_assembly_gen.oper_expression   1,2 
_pdbx_struct_assembly_gen.asym_id_list      A,B,C,D,E,F,G,H,I,J,K 
# 
loop_
_pdbx_struct_assembly_auth_evidence.id 
_pdbx_struct_assembly_auth_evidence.assembly_id 
_pdbx_struct_assembly_auth_evidence.experimental_support 
_pdbx_struct_assembly_auth_evidence.details 
1 1 'gel filtration'   ? 
2 1 'light scattering' ? 
# 
loop_
_pdbx_struct_oper_list.id 
_pdbx_struct_oper_list.type 
_pdbx_struct_oper_list.name 
_pdbx_struct_oper_list.symmetry_operation 
_pdbx_struct_oper_list.matrix[1][1] 
_pdbx_struct_oper_list.matrix[1][2] 
_pdbx_struct_oper_list.matrix[1][3] 
_pdbx_struct_oper_list.vector[1] 
_pdbx_struct_oper_list.matrix[2][1] 
_pdbx_struct_oper_list.matrix[2][2] 
_pdbx_struct_oper_list.matrix[2][3] 
_pdbx_struct_oper_list.vector[2] 
_pdbx_struct_oper_list.matrix[3][1] 
_pdbx_struct_oper_list.matrix[3][2] 
_pdbx_struct_oper_list.matrix[3][3] 
_pdbx_struct_oper_list.vector[3] 
1 'identity operation'         1_555 x,y,z         1.0000000000 0.0000000000  0.0000000000 0.0000000000  0.0000000000  1.0000000000  0.0000000000  0.0000000000  0.0000000000 0.0000000000  1.0000000000  0.0000000000  
2 'crystal symmetry operation' 5_555 x-y,-y,-z+1/3 0.9281382698 -0.2205635898 0.2998517216 -1.9978851486 -0.2205635898 -0.9747692902 -0.0343006376 13.6794231238 0.2998517216 -0.0343006376 -0.9533689796 22.9092614458 
# 
_struct_biol.id        1 
_struct_biol.details   
;SIZE EXCLUSION CHROMATOGRAPHY WITH STATIC LIGHT SCATTERING 
SUPPORTS THE ASSIGNMENT OF A DIMER AS A BIOLOGICALLY-SIGNIFICANT 
OLIGOMERIZATION STATE IN SOLUTION.
;
# 
loop_
_struct_conf.conf_type_id 
_struct_conf.id 
_struct_conf.pdbx_PDB_helix_id 
_struct_conf.beg_label_comp_id 
_struct_conf.beg_label_asym_id 
_struct_conf.beg_label_seq_id 
_struct_conf.pdbx_beg_PDB_ins_code 
_struct_conf.end_label_comp_id 
_struct_conf.end_label_asym_id 
_struct_conf.end_label_seq_id 
_struct_conf.pdbx_end_PDB_ins_code 
_struct_conf.beg_auth_comp_id 
_struct_conf.beg_auth_asym_id 
_struct_conf.beg_auth_seq_id 
_struct_conf.end_auth_comp_id 
_struct_conf.end_auth_asym_id 
_struct_conf.end_auth_seq_id 
_struct_conf.pdbx_PDB_helix_class 
_struct_conf.details 
_struct_conf.pdbx_PDB_helix_length 
HELX_P HELX_P1 1 CYS A 8   ? ASP A 10  ? CYS A 7   ASP A 9   5 ? 3  
HELX_P HELX_P2 2 ASP A 11  ? ALA A 26  ? ASP A 10  ALA A 25  1 ? 16 
HELX_P HELX_P3 3 ASP A 29  ? ASP A 50  ? ASP A 28  ASP A 49  1 ? 22 
HELX_P HELX_P4 4 PRO A 97  ? ARG A 100 ? PRO A 96  ARG A 99  5 ? 4  
HELX_P HELX_P5 5 GLY A 103 ? ARG A 119 ? GLY A 102 ARG A 118 1 ? 17 
HELX_P HELX_P6 6 GLY A 132 ? MSE A 139 ? GLY A 131 MSE A 138 1 ? 8  
# 
_struct_conf_type.id          HELX_P 
_struct_conf_type.criteria    ? 
_struct_conf_type.reference   ? 
# 
loop_
_struct_conn.id 
_struct_conn.conn_type_id 
_struct_conn.pdbx_leaving_atom_flag 
_struct_conn.pdbx_PDB_id 
_struct_conn.ptnr1_label_asym_id 
_struct_conn.ptnr1_label_comp_id 
_struct_conn.ptnr1_label_seq_id 
_struct_conn.ptnr1_label_atom_id 
_struct_conn.pdbx_ptnr1_label_alt_id 
_struct_conn.pdbx_ptnr1_PDB_ins_code 
_struct_conn.pdbx_ptnr1_standard_comp_id 
_struct_conn.ptnr1_symmetry 
_struct_conn.ptnr2_label_asym_id 
_struct_conn.ptnr2_label_comp_id 
_struct_conn.ptnr2_label_seq_id 
_struct_conn.ptnr2_label_atom_id 
_struct_conn.pdbx_ptnr2_label_alt_id 
_struct_conn.pdbx_ptnr2_PDB_ins_code 
_struct_conn.ptnr1_auth_asym_id 
_struct_conn.ptnr1_auth_comp_id 
_struct_conn.ptnr1_auth_seq_id 
_struct_conn.ptnr2_auth_asym_id 
_struct_conn.ptnr2_auth_comp_id 
_struct_conn.ptnr2_auth_seq_id 
_struct_conn.ptnr2_symmetry 
_struct_conn.pdbx_ptnr3_label_atom_id 
_struct_conn.pdbx_ptnr3_label_seq_id 
_struct_conn.pdbx_ptnr3_label_comp_id 
_struct_conn.pdbx_ptnr3_label_asym_id 
_struct_conn.pdbx_ptnr3_label_alt_id 
_struct_conn.pdbx_ptnr3_PDB_ins_code 
_struct_conn.details 
_struct_conn.pdbx_dist_value 
_struct_conn.pdbx_value_order 
_struct_conn.pdbx_role 
covale1  covale both ? A GLY 1   C   ? ? ? 1_555 A MSE 2   N  ? ? A GLY 0   A MSE 1   1_555 ? ? ? ? ? ? ? 1.336 ? ? 
covale2  covale both ? A MSE 2   C   ? ? ? 1_555 A GLU 3   N  ? ? A MSE 1   A GLU 2   1_555 ? ? ? ? ? ? ? 1.324 ? ? 
covale3  covale both ? A ALA 21  C   ? ? ? 1_555 A MSE 22  N  ? ? A ALA 20  A MSE 21  1_555 ? ? ? ? ? ? ? 1.331 ? ? 
covale4  covale both ? A MSE 22  C   ? ? ? 1_555 A PHE 23  N  ? ? A MSE 21  A PHE 22  1_555 ? ? ? ? ? ? ? 1.330 ? ? 
covale5  covale both ? A ALA 35  C   ? ? ? 1_555 A MSE 36  N  ? ? A ALA 34  A MSE 35  1_555 ? ? ? ? ? ? ? 1.326 ? ? 
covale6  covale both ? A MSE 36  C   ? ? ? 1_555 A GLN 37  N  ? ? A MSE 35  A GLN 36  1_555 ? ? ? ? ? ? ? 1.334 ? ? 
covale7  covale both ? A VAL 57  C   ? ? ? 1_555 A MSE 58  N  ? ? A VAL 56  A MSE 57  1_555 ? ? ? ? ? ? ? 1.335 ? ? 
covale8  covale both ? A MSE 58  C   ? ? ? 1_555 A GLU 59  N  ? ? A MSE 57  A GLU 58  1_555 ? ? ? ? ? ? ? 1.326 ? ? 
covale9  covale both ? A LEU 70  C   ? ? ? 1_555 A MSE 71  N  ? ? A LEU 69  A MSE 70  1_555 ? ? ? ? ? ? ? 1.323 ? ? 
covale10 covale both ? A MSE 71  C   ? ? ? 1_555 A VAL 72  N  ? ? A MSE 70  A VAL 71  1_555 ? ? ? ? ? ? ? 1.323 ? ? 
covale11 covale both ? A LEU 108 C   ? ? ? 1_555 A MSE 109 N  ? ? A LEU 107 A MSE 108 1_555 ? ? ? ? ? ? ? 1.330 ? ? 
covale12 covale both ? A MSE 109 C   ? ? ? 1_555 A ASN 110 N  ? ? A MSE 108 A ASN 109 1_555 ? ? ? ? ? ? ? 1.325 ? ? 
covale13 covale both ? A GLU 130 C   ? ? ? 1_555 A MSE 131 N  ? ? A GLU 129 A MSE 130 1_555 ? ? ? ? ? ? ? 1.327 ? ? 
covale14 covale both ? A MSE 131 C   ? ? ? 1_555 A GLY 132 N  ? ? A MSE 130 A GLY 131 1_555 ? ? ? ? ? ? ? 1.335 ? ? 
covale15 covale both ? A ARG 138 C   ? ? ? 1_555 A MSE 139 N  ? ? A ARG 137 A MSE 138 1_555 ? ? ? ? ? ? ? 1.329 ? ? 
covale16 covale both ? A MSE 139 C   ? ? ? 1_555 A GLY 140 N  ? ? A MSE 138 A GLY 139 1_555 ? ? ? ? ? ? ? 1.334 ? ? 
covale17 covale both ? A GLU 146 C   ? ? ? 1_555 A MSE 147 N  ? ? A GLU 145 A MSE 146 1_555 ? ? ? ? ? ? ? 1.327 ? ? 
covale18 covale both ? A MSE 147 C   ? ? ? 1_555 A SER 148 N  ? ? A MSE 146 A SER 147 1_555 ? ? ? ? ? ? ? 1.325 ? ? 
metalc1  metalc ?    ? A CYS 8   SG  ? ? ? 1_555 D MG  .   MG ? ? A CYS 7   A MG  155 1_555 ? ? ? ? ? ? ? 2.580 ? ? 
metalc2  metalc ?    ? A ASP 10  OD2 ? ? ? 1_555 D MG  .   MG ? ? A ASP 9   A MG  155 1_555 ? ? ? ? ? ? ? 2.361 ? ? 
metalc3  metalc ?    ? A GLU 60  OE1 A ? ? 1_555 B ZN  .   ZN ? ? A GLU 59  A ZN  153 1_555 ? ? ? ? ? ? ? 2.134 ? ? 
metalc4  metalc ?    ? A GLU 60  OE2 A ? ? 1_555 B ZN  .   ZN ? ? A GLU 59  A ZN  153 1_555 ? ? ? ? ? ? ? 2.729 ? ? 
metalc5  metalc ?    ? A GLU 60  OE2 B ? ? 1_555 B ZN  .   ZN ? ? A GLU 59  A ZN  153 1_555 ? ? ? ? ? ? ? 1.692 ? ? 
metalc6  metalc ?    ? A HIS 99  NE2 ? ? ? 1_555 B ZN  .   ZN ? ? A HIS 98  A ZN  153 1_555 ? ? ? ? ? ? ? 1.992 ? ? 
metalc7  metalc ?    ? A GLU 115 OE1 ? ? ? 3_665 B ZN  .   ZN ? ? A GLU 114 A ZN  153 1_555 ? ? ? ? ? ? ? 1.981 ? ? 
metalc8  metalc ?    ? A GLU 118 OE1 ? ? ? 3_665 B ZN  .   ZN ? ? A GLU 117 A ZN  153 1_555 ? ? ? ? ? ? ? 1.966 ? ? 
metalc9  metalc ?    ? A HIS 127 NE2 ? ? ? 1_555 C MG  .   MG ? ? A HIS 126 A MG  154 1_555 ? ? ? ? ? ? ? 2.377 ? ? 
metalc10 metalc ?    ? A GLU 146 OE2 ? ? ? 1_555 C MG  .   MG ? ? A GLU 145 A MG  154 1_555 ? ? ? ? ? ? ? 2.150 ? ? 
metalc11 metalc ?    ? A GLU 146 OE1 ? ? ? 1_555 C MG  .   MG ? ? A GLU 145 A MG  154 1_555 ? ? ? ? ? ? ? 2.925 ? ? 
metalc12 metalc ?    ? A GLU 146 OE2 ? ? ? 5_555 C MG  .   MG ? ? A GLU 145 A MG  154 1_555 ? ? ? ? ? ? ? 2.036 ? ? 
metalc13 metalc ?    ? C MG  .   MG  ? ? ? 1_555 K HOH .   O  ? ? A MG  154 A HOH 364 5_555 ? ? ? ? ? ? ? 2.660 ? ? 
metalc14 metalc ?    ? C MG  .   MG  ? ? ? 1_555 K HOH .   O  ? ? A MG  154 A HOH 365 1_555 ? ? ? ? ? ? ? 2.131 ? ? 
metalc15 metalc ?    ? C MG  .   MG  ? ? ? 1_555 K HOH .   O  ? ? A MG  154 A HOH 365 5_555 ? ? ? ? ? ? ? 2.628 ? ? 
metalc16 metalc ?    ? D MG  .   MG  ? ? ? 1_555 H FMT .   O1 ? ? A MG  155 A FMT 159 1_555 ? ? ? ? ? ? ? 2.047 ? ? 
# 
loop_
_struct_conn_type.id 
_struct_conn_type.criteria 
_struct_conn_type.reference 
covale ? ? 
metalc ? ? 
# 
loop_
_pdbx_struct_conn_angle.id 
_pdbx_struct_conn_angle.ptnr1_label_atom_id 
_pdbx_struct_conn_angle.ptnr1_label_alt_id 
_pdbx_struct_conn_angle.ptnr1_label_asym_id 
_pdbx_struct_conn_angle.ptnr1_label_comp_id 
_pdbx_struct_conn_angle.ptnr1_label_seq_id 
_pdbx_struct_conn_angle.ptnr1_auth_atom_id 
_pdbx_struct_conn_angle.ptnr1_auth_asym_id 
_pdbx_struct_conn_angle.ptnr1_auth_comp_id 
_pdbx_struct_conn_angle.ptnr1_auth_seq_id 
_pdbx_struct_conn_angle.ptnr1_PDB_ins_code 
_pdbx_struct_conn_angle.ptnr1_symmetry 
_pdbx_struct_conn_angle.ptnr2_label_atom_id 
_pdbx_struct_conn_angle.ptnr2_label_alt_id 
_pdbx_struct_conn_angle.ptnr2_label_asym_id 
_pdbx_struct_conn_angle.ptnr2_label_comp_id 
_pdbx_struct_conn_angle.ptnr2_label_seq_id 
_pdbx_struct_conn_angle.ptnr2_auth_atom_id 
_pdbx_struct_conn_angle.ptnr2_auth_asym_id 
_pdbx_struct_conn_angle.ptnr2_auth_comp_id 
_pdbx_struct_conn_angle.ptnr2_auth_seq_id 
_pdbx_struct_conn_angle.ptnr2_PDB_ins_code 
_pdbx_struct_conn_angle.ptnr2_symmetry 
_pdbx_struct_conn_angle.ptnr3_label_atom_id 
_pdbx_struct_conn_angle.ptnr3_label_alt_id 
_pdbx_struct_conn_angle.ptnr3_label_asym_id 
_pdbx_struct_conn_angle.ptnr3_label_comp_id 
_pdbx_struct_conn_angle.ptnr3_label_seq_id 
_pdbx_struct_conn_angle.ptnr3_auth_atom_id 
_pdbx_struct_conn_angle.ptnr3_auth_asym_id 
_pdbx_struct_conn_angle.ptnr3_auth_comp_id 
_pdbx_struct_conn_angle.ptnr3_auth_seq_id 
_pdbx_struct_conn_angle.ptnr3_PDB_ins_code 
_pdbx_struct_conn_angle.ptnr3_symmetry 
_pdbx_struct_conn_angle.value 
_pdbx_struct_conn_angle.value_esd 
1  SG  ? A CYS 8   ? A CYS 7   ? 1_555 MG ? D MG . ? A MG 155 ? 1_555 OD2 ? A ASP 10  ? A ASP 9   ? 1_555 103.8 ? 
2  SG  ? A CYS 8   ? A CYS 7   ? 1_555 MG ? D MG . ? A MG 155 ? 1_555 O1  ? H FMT .   ? A FMT 159 ? 1_555 104.0 ? 
3  OD2 ? A ASP 10  ? A ASP 9   ? 1_555 MG ? D MG . ? A MG 155 ? 1_555 O1  ? H FMT .   ? A FMT 159 ? 1_555 123.2 ? 
4  OE1 A A GLU 60  ? A GLU 59  ? 1_555 ZN ? B ZN . ? A ZN 153 ? 1_555 OE2 A A GLU 60  ? A GLU 59  ? 1_555 52.0  ? 
5  OE1 A A GLU 60  ? A GLU 59  ? 1_555 ZN ? B ZN . ? A ZN 153 ? 1_555 OE2 B A GLU 60  ? A GLU 59  ? 1_555 25.1  ? 
6  OE2 A A GLU 60  ? A GLU 59  ? 1_555 ZN ? B ZN . ? A ZN 153 ? 1_555 OE2 B A GLU 60  ? A GLU 59  ? 1_555 28.4  ? 
7  OE1 A A GLU 60  ? A GLU 59  ? 1_555 ZN ? B ZN . ? A ZN 153 ? 1_555 NE2 ? A HIS 99  ? A HIS 98  ? 1_555 95.5  ? 
8  OE2 A A GLU 60  ? A GLU 59  ? 1_555 ZN ? B ZN . ? A ZN 153 ? 1_555 NE2 ? A HIS 99  ? A HIS 98  ? 1_555 147.4 ? 
9  OE2 B A GLU 60  ? A GLU 59  ? 1_555 ZN ? B ZN . ? A ZN 153 ? 1_555 NE2 ? A HIS 99  ? A HIS 98  ? 1_555 119.4 ? 
10 OE1 A A GLU 60  ? A GLU 59  ? 1_555 ZN ? B ZN . ? A ZN 153 ? 1_555 OE1 ? A GLU 115 ? A GLU 114 ? 3_665 108.0 ? 
11 OE2 A A GLU 60  ? A GLU 59  ? 1_555 ZN ? B ZN . ? A ZN 153 ? 1_555 OE1 ? A GLU 115 ? A GLU 114 ? 3_665 84.3  ? 
12 OE2 B A GLU 60  ? A GLU 59  ? 1_555 ZN ? B ZN . ? A ZN 153 ? 1_555 OE1 ? A GLU 115 ? A GLU 114 ? 3_665 103.3 ? 
13 NE2 ? A HIS 99  ? A HIS 98  ? 1_555 ZN ? B ZN . ? A ZN 153 ? 1_555 OE1 ? A GLU 115 ? A GLU 114 ? 3_665 110.4 ? 
14 OE1 A A GLU 60  ? A GLU 59  ? 1_555 ZN ? B ZN . ? A ZN 153 ? 1_555 OE1 ? A GLU 118 ? A GLU 117 ? 3_665 124.6 ? 
15 OE2 A A GLU 60  ? A GLU 59  ? 1_555 ZN ? B ZN . ? A ZN 153 ? 1_555 OE1 ? A GLU 118 ? A GLU 117 ? 3_665 84.5  ? 
16 OE2 B A GLU 60  ? A GLU 59  ? 1_555 ZN ? B ZN . ? A ZN 153 ? 1_555 OE1 ? A GLU 118 ? A GLU 117 ? 3_665 102.3 ? 
17 NE2 ? A HIS 99  ? A HIS 98  ? 1_555 ZN ? B ZN . ? A ZN 153 ? 1_555 OE1 ? A GLU 118 ? A GLU 117 ? 3_665 120.2 ? 
18 OE1 ? A GLU 115 ? A GLU 114 ? 3_665 ZN ? B ZN . ? A ZN 153 ? 1_555 OE1 ? A GLU 118 ? A GLU 117 ? 3_665 98.0  ? 
19 NE2 ? A HIS 127 ? A HIS 126 ? 1_555 MG ? C MG . ? A MG 154 ? 1_555 OE2 ? A GLU 146 ? A GLU 145 ? 1_555 105.7 ? 
20 NE2 ? A HIS 127 ? A HIS 126 ? 1_555 MG ? C MG . ? A MG 154 ? 1_555 OE1 ? A GLU 146 ? A GLU 145 ? 1_555 61.3  ? 
21 OE2 ? A GLU 146 ? A GLU 145 ? 1_555 MG ? C MG . ? A MG 154 ? 1_555 OE1 ? A GLU 146 ? A GLU 145 ? 1_555 47.8  ? 
22 NE2 ? A HIS 127 ? A HIS 126 ? 1_555 MG ? C MG . ? A MG 154 ? 1_555 OE2 ? A GLU 146 ? A GLU 145 ? 5_555 112.2 ? 
23 OE2 ? A GLU 146 ? A GLU 145 ? 1_555 MG ? C MG . ? A MG 154 ? 1_555 OE2 ? A GLU 146 ? A GLU 145 ? 5_555 100.5 ? 
24 OE1 ? A GLU 146 ? A GLU 145 ? 1_555 MG ? C MG . ? A MG 154 ? 1_555 OE2 ? A GLU 146 ? A GLU 145 ? 5_555 100.6 ? 
25 NE2 ? A HIS 127 ? A HIS 126 ? 1_555 MG ? C MG . ? A MG 154 ? 1_555 O   ? K HOH .   ? A HOH 364 ? 5_555 90.9  ? 
26 OE2 ? A GLU 146 ? A GLU 145 ? 1_555 MG ? C MG . ? A MG 154 ? 1_555 O   ? K HOH .   ? A HOH 364 ? 5_555 75.4  ? 
27 OE1 ? A GLU 146 ? A GLU 145 ? 1_555 MG ? C MG . ? A MG 154 ? 1_555 O   ? K HOH .   ? A HOH 364 ? 5_555 93.4  ? 
28 OE2 ? A GLU 146 ? A GLU 145 ? 5_555 MG ? C MG . ? A MG 154 ? 1_555 O   ? K HOH .   ? A HOH 364 ? 5_555 156.7 ? 
29 NE2 ? A HIS 127 ? A HIS 126 ? 1_555 MG ? C MG . ? A MG 154 ? 1_555 O   ? K HOH .   ? A HOH 365 ? 1_555 131.8 ? 
30 OE2 ? A GLU 146 ? A GLU 145 ? 1_555 MG ? C MG . ? A MG 154 ? 1_555 O   ? K HOH .   ? A HOH 365 ? 1_555 100.7 ? 
31 OE1 ? A GLU 146 ? A GLU 145 ? 1_555 MG ? C MG . ? A MG 154 ? 1_555 O   ? K HOH .   ? A HOH 365 ? 1_555 144.4 ? 
32 OE2 ? A GLU 146 ? A GLU 145 ? 5_555 MG ? C MG . ? A MG 154 ? 1_555 O   ? K HOH .   ? A HOH 365 ? 1_555 101.5 ? 
33 O   ? K HOH .   ? A HOH 364 ? 5_555 MG ? C MG . ? A MG 154 ? 1_555 O   ? K HOH .   ? A HOH 365 ? 1_555 57.9  ? 
34 NE2 ? A HIS 127 ? A HIS 126 ? 1_555 MG ? C MG . ? A MG 154 ? 1_555 O   ? K HOH .   ? A HOH 365 ? 5_555 153.8 ? 
35 OE2 ? A GLU 146 ? A GLU 145 ? 1_555 MG ? C MG . ? A MG 154 ? 1_555 O   ? K HOH .   ? A HOH 365 ? 5_555 84.3  ? 
36 OE1 ? A GLU 146 ? A GLU 145 ? 1_555 MG ? C MG . ? A MG 154 ? 1_555 O   ? K HOH .   ? A HOH 365 ? 5_555 132.0 ? 
37 OE2 ? A GLU 146 ? A GLU 145 ? 5_555 MG ? C MG . ? A MG 154 ? 1_555 O   ? K HOH .   ? A HOH 365 ? 5_555 89.0  ? 
38 O   ? K HOH .   ? A HOH 364 ? 5_555 MG ? C MG . ? A MG 154 ? 1_555 O   ? K HOH .   ? A HOH 365 ? 5_555 67.8  ? 
39 O   ? K HOH .   ? A HOH 365 ? 1_555 MG ? C MG . ? A MG 154 ? 1_555 O   ? K HOH .   ? A HOH 365 ? 5_555 22.9  ? 
# 
loop_
_pdbx_modification_feature.ordinal 
_pdbx_modification_feature.label_comp_id 
_pdbx_modification_feature.label_asym_id 
_pdbx_modification_feature.label_seq_id 
_pdbx_modification_feature.label_alt_id 
_pdbx_modification_feature.modified_residue_label_comp_id 
_pdbx_modification_feature.modified_residue_label_asym_id 
_pdbx_modification_feature.modified_residue_label_seq_id 
_pdbx_modification_feature.modified_residue_label_alt_id 
_pdbx_modification_feature.auth_comp_id 
_pdbx_modification_feature.auth_asym_id 
_pdbx_modification_feature.auth_seq_id 
_pdbx_modification_feature.PDB_ins_code 
_pdbx_modification_feature.symmetry 
_pdbx_modification_feature.modified_residue_auth_comp_id 
_pdbx_modification_feature.modified_residue_auth_asym_id 
_pdbx_modification_feature.modified_residue_auth_seq_id 
_pdbx_modification_feature.modified_residue_PDB_ins_code 
_pdbx_modification_feature.modified_residue_symmetry 
_pdbx_modification_feature.comp_id_linking_atom 
_pdbx_modification_feature.modified_residue_id_linking_atom 
_pdbx_modification_feature.modified_residue_id 
_pdbx_modification_feature.ref_pcm_id 
_pdbx_modification_feature.ref_comp_id 
_pdbx_modification_feature.type 
_pdbx_modification_feature.category 
1 MSE A 2   ? . . . . MSE A 1   ? 1_555 . . . . . . . MET 1 MSE Selenomethionine 'Named protein modification' 
2 MSE A 22  ? . . . . MSE A 21  ? 1_555 . . . . . . . MET 1 MSE Selenomethionine 'Named protein modification' 
3 MSE A 36  ? . . . . MSE A 35  ? 1_555 . . . . . . . MET 1 MSE Selenomethionine 'Named protein modification' 
4 MSE A 58  ? . . . . MSE A 57  ? 1_555 . . . . . . . MET 1 MSE Selenomethionine 'Named protein modification' 
5 MSE A 71  ? . . . . MSE A 70  ? 1_555 . . . . . . . MET 1 MSE Selenomethionine 'Named protein modification' 
6 MSE A 109 ? . . . . MSE A 108 ? 1_555 . . . . . . . MET 1 MSE Selenomethionine 'Named protein modification' 
7 MSE A 131 ? . . . . MSE A 130 ? 1_555 . . . . . . . MET 1 MSE Selenomethionine 'Named protein modification' 
8 MSE A 139 ? . . . . MSE A 138 ? 1_555 . . . . . . . MET 1 MSE Selenomethionine 'Named protein modification' 
9 MSE A 147 ? . . . . MSE A 146 ? 1_555 . . . . . . . MET 1 MSE Selenomethionine 'Named protein modification' 
# 
_struct_sheet.id               A 
_struct_sheet.type             ? 
_struct_sheet.number_strands   5 
_struct_sheet.details          ? 
# 
loop_
_struct_sheet_order.sheet_id 
_struct_sheet_order.range_id_1 
_struct_sheet_order.range_id_2 
_struct_sheet_order.offset 
_struct_sheet_order.sense 
A 1 2 ? anti-parallel 
A 2 3 ? anti-parallel 
A 3 4 ? anti-parallel 
A 4 5 ? parallel      
# 
loop_
_struct_sheet_range.sheet_id 
_struct_sheet_range.id 
_struct_sheet_range.beg_label_comp_id 
_struct_sheet_range.beg_label_asym_id 
_struct_sheet_range.beg_label_seq_id 
_struct_sheet_range.pdbx_beg_PDB_ins_code 
_struct_sheet_range.end_label_comp_id 
_struct_sheet_range.end_label_asym_id 
_struct_sheet_range.end_label_seq_id 
_struct_sheet_range.pdbx_end_PDB_ins_code 
_struct_sheet_range.beg_auth_comp_id 
_struct_sheet_range.beg_auth_asym_id 
_struct_sheet_range.beg_auth_seq_id 
_struct_sheet_range.end_auth_comp_id 
_struct_sheet_range.end_auth_asym_id 
_struct_sheet_range.end_auth_seq_id 
A 1 MSE A 2   ? PRO A 6   ? MSE A 1   PRO A 5   
A 2 PHE A 54  ? GLU A 60  ? PHE A 53  GLU A 59  
A 3 ALA A 63  ? GLU A 74  ? ALA A 62  GLU A 73  
A 4 LYS A 86  ? VAL A 95  ? LYS A 85  VAL A 94  
A 5 ALA A 124 ? LEU A 126 ? ALA A 123 LEU A 125 
# 
loop_
_pdbx_struct_sheet_hbond.sheet_id 
_pdbx_struct_sheet_hbond.range_id_1 
_pdbx_struct_sheet_hbond.range_id_2 
_pdbx_struct_sheet_hbond.range_1_label_atom_id 
_pdbx_struct_sheet_hbond.range_1_label_comp_id 
_pdbx_struct_sheet_hbond.range_1_label_asym_id 
_pdbx_struct_sheet_hbond.range_1_label_seq_id 
_pdbx_struct_sheet_hbond.range_1_PDB_ins_code 
_pdbx_struct_sheet_hbond.range_1_auth_atom_id 
_pdbx_struct_sheet_hbond.range_1_auth_comp_id 
_pdbx_struct_sheet_hbond.range_1_auth_asym_id 
_pdbx_struct_sheet_hbond.range_1_auth_seq_id 
_pdbx_struct_sheet_hbond.range_2_label_atom_id 
_pdbx_struct_sheet_hbond.range_2_label_comp_id 
_pdbx_struct_sheet_hbond.range_2_label_asym_id 
_pdbx_struct_sheet_hbond.range_2_label_seq_id 
_pdbx_struct_sheet_hbond.range_2_PDB_ins_code 
_pdbx_struct_sheet_hbond.range_2_auth_atom_id 
_pdbx_struct_sheet_hbond.range_2_auth_comp_id 
_pdbx_struct_sheet_hbond.range_2_auth_asym_id 
_pdbx_struct_sheet_hbond.range_2_auth_seq_id 
A 1 2 N GLU A 3  ? N GLU A 2  O GLU A 59  ? O GLU A 58  
A 2 3 N MSE A 58 ? N MSE A 57 O LEU A 65  ? O LEU A 64  
A 3 4 N ILE A 73 ? N ILE A 72 O ARG A 87  ? O ARG A 86  
A 4 5 N GLY A 88 ? N GLY A 87 O VAL A 125 ? O VAL A 124 
# 
loop_
_struct_site.id 
_struct_site.pdbx_evidence_code 
_struct_site.pdbx_auth_asym_id 
_struct_site.pdbx_auth_comp_id 
_struct_site.pdbx_auth_seq_id 
_struct_site.pdbx_auth_ins_code 
_struct_site.pdbx_num_residues 
_struct_site.details 
AC1 Software A ZN  153 ? 4 'BINDING SITE FOR RESIDUE ZN A 153'  
AC2 Software A MG  154 ? 6 'BINDING SITE FOR RESIDUE MG A 154'  
AC3 Software A MG  155 ? 3 'BINDING SITE FOR RESIDUE MG A 155'  
AC4 Software A UNL 156 ? 7 'BINDING SITE FOR RESIDUE UNL A 156' 
AC5 Software A EDO 157 ? 9 'BINDING SITE FOR RESIDUE EDO A 157' 
AC6 Software A FMT 158 ? 6 'BINDING SITE FOR RESIDUE FMT A 158' 
AC7 Software A FMT 159 ? 5 'BINDING SITE FOR RESIDUE FMT A 159' 
AC8 Software A FMT 160 ? 6 'BINDING SITE FOR RESIDUE FMT A 160' 
AC9 Software A FMT 161 ? 1 'BINDING SITE FOR RESIDUE FMT A 161' 
# 
loop_
_struct_site_gen.id 
_struct_site_gen.site_id 
_struct_site_gen.pdbx_num_res 
_struct_site_gen.label_comp_id 
_struct_site_gen.label_asym_id 
_struct_site_gen.label_seq_id 
_struct_site_gen.pdbx_auth_ins_code 
_struct_site_gen.auth_comp_id 
_struct_site_gen.auth_asym_id 
_struct_site_gen.auth_seq_id 
_struct_site_gen.label_atom_id 
_struct_site_gen.label_alt_id 
_struct_site_gen.symmetry 
_struct_site_gen.details 
1  AC1 4 GLU A 60  ? GLU A 59  . ? 1_555 ? 
2  AC1 4 HIS A 99  ? HIS A 98  . ? 1_555 ? 
3  AC1 4 GLU A 115 ? GLU A 114 . ? 3_665 ? 
4  AC1 4 GLU A 118 ? GLU A 117 . ? 3_665 ? 
5  AC2 6 HIS A 127 ? HIS A 126 . ? 1_555 ? 
6  AC2 6 GLU A 146 ? GLU A 145 . ? 5_555 ? 
7  AC2 6 GLU A 146 ? GLU A 145 . ? 1_555 ? 
8  AC2 6 HOH K .   ? HOH A 364 . ? 5_555 ? 
9  AC2 6 HOH K .   ? HOH A 365 . ? 5_555 ? 
10 AC2 6 HOH K .   ? HOH A 365 . ? 1_555 ? 
11 AC3 3 CYS A 8   ? CYS A 7   . ? 1_555 ? 
12 AC3 3 ASP A 10  ? ASP A 9   . ? 1_555 ? 
13 AC3 3 FMT H .   ? FMT A 159 . ? 1_555 ? 
14 AC4 7 LEU A 91  ? LEU A 90  . ? 1_555 ? 
15 AC4 7 ASN A 92  ? ASN A 91  . ? 1_555 ? 
16 AC4 7 LEU A 93  ? LEU A 92  . ? 1_555 ? 
17 AC4 7 HIS A 127 ? HIS A 126 . ? 1_555 ? 
18 AC4 7 THR A 129 ? THR A 128 . ? 1_555 ? 
19 AC4 7 TYR A 136 ? TYR A 135 . ? 1_555 ? 
20 AC4 7 HOH K .   ? HOH A 325 . ? 1_555 ? 
21 AC5 9 ARG A 100 ? ARG A 99  . ? 1_555 ? 
22 AC5 9 GLY A 103 ? GLY A 102 . ? 1_555 ? 
23 AC5 9 ILE A 104 ? ILE A 103 . ? 1_555 ? 
24 AC5 9 GLY A 105 ? GLY A 104 . ? 1_555 ? 
25 AC5 9 HOH K .   ? HOH A 165 . ? 1_555 ? 
26 AC5 9 HOH K .   ? HOH A 181 . ? 1_555 ? 
27 AC5 9 HOH K .   ? HOH A 186 . ? 1_555 ? 
28 AC5 9 HOH K .   ? HOH A 258 . ? 1_555 ? 
29 AC5 9 HOH K .   ? HOH A 331 . ? 1_555 ? 
30 AC6 6 ARG A 19  ? ARG A 18  . ? 1_555 ? 
31 AC6 6 TRP A 75  ? TRP A 74  . ? 5_555 ? 
32 AC6 6 PRO A 76  ? PRO A 75  . ? 5_555 ? 
33 AC6 6 HIS A 78  ? HIS A 77  . ? 5_555 ? 
34 AC6 6 TYR A 89  ? TYR A 88  . ? 1_555 ? 
35 AC6 6 HOH K .   ? HOH A 315 . ? 5_555 ? 
36 AC7 5 CYS A 8   ? CYS A 7   . ? 1_555 ? 
37 AC7 5 ARG A 17  ? ARG A 16  . ? 2_654 ? 
38 AC7 5 ARG A 24  ? ARG A 23  . ? 2_654 ? 
39 AC7 5 MG  D .   ? MG  A 155 . ? 1_555 ? 
40 AC7 5 HOH K .   ? HOH A 239 . ? 2_654 ? 
41 AC8 6 LEU A 83  ? LEU A 82  . ? 5_554 ? 
42 AC8 6 GLN A 84  ? GLN A 83  . ? 1_555 ? 
43 AC8 6 LYS A 86  ? LYS A 85  . ? 1_555 ? 
44 AC8 6 ARG A 119 ? ARG A 118 . ? 1_555 ? 
45 AC8 6 GLY A 120 ? GLY A 119 . ? 1_555 ? 
46 AC8 6 HOH K .   ? HOH A 352 . ? 5_554 ? 
47 AC9 1 ASP A 42  ? ASP A 41  . ? 1_555 ? 
# 
_pdbx_entry_details.entry_id                   2Q0Y 
_pdbx_entry_details.compound_details           ? 
_pdbx_entry_details.source_details             ? 
_pdbx_entry_details.nonpolymer_details         ? 
_pdbx_entry_details.sequence_details           ? 
_pdbx_entry_details.has_ligand_of_interest     ? 
_pdbx_entry_details.has_protein_modification   Y 
# 
loop_
_pdbx_validate_torsion.id 
_pdbx_validate_torsion.PDB_model_num 
_pdbx_validate_torsion.auth_comp_id 
_pdbx_validate_torsion.auth_asym_id 
_pdbx_validate_torsion.auth_seq_id 
_pdbx_validate_torsion.PDB_ins_code 
_pdbx_validate_torsion.label_alt_id 
_pdbx_validate_torsion.phi 
_pdbx_validate_torsion.psi 
1 1 HIS A 80  ? ? -159.85 65.29  
2 1 ASP A 84  ? ? -97.65  44.08  
3 1 ILE A 150 ? ? -108.60 -83.63 
# 
_pdbx_SG_project.project_name          'PSI, Protein Structure Initiative' 
_pdbx_SG_project.full_name_of_center   'Joint Center for Structural Genomics' 
_pdbx_SG_project.id                    1 
_pdbx_SG_project.initial_of_center     JCSG 
# 
loop_
_pdbx_struct_mod_residue.id 
_pdbx_struct_mod_residue.label_asym_id 
_pdbx_struct_mod_residue.label_comp_id 
_pdbx_struct_mod_residue.label_seq_id 
_pdbx_struct_mod_residue.auth_asym_id 
_pdbx_struct_mod_residue.auth_comp_id 
_pdbx_struct_mod_residue.auth_seq_id 
_pdbx_struct_mod_residue.PDB_ins_code 
_pdbx_struct_mod_residue.parent_comp_id 
_pdbx_struct_mod_residue.details 
1 A MSE 2   A MSE 1   ? MET SELENOMETHIONINE 
2 A MSE 22  A MSE 21  ? MET SELENOMETHIONINE 
3 A MSE 36  A MSE 35  ? MET SELENOMETHIONINE 
4 A MSE 58  A MSE 57  ? MET SELENOMETHIONINE 
5 A MSE 71  A MSE 70  ? MET SELENOMETHIONINE 
6 A MSE 109 A MSE 108 ? MET SELENOMETHIONINE 
7 A MSE 131 A MSE 130 ? MET SELENOMETHIONINE 
8 A MSE 139 A MSE 138 ? MET SELENOMETHIONINE 
9 A MSE 147 A MSE 146 ? MET SELENOMETHIONINE 
# 
_pdbx_refine_tls.id               1 
_pdbx_refine_tls.details          ? 
_pdbx_refine_tls.method           refined 
_pdbx_refine_tls.origin_x         -0.1821 
_pdbx_refine_tls.origin_y         0.1425 
_pdbx_refine_tls.origin_z         0.3315 
_pdbx_refine_tls.T[1][1]          0.0327 
_pdbx_refine_tls.T[2][2]          0.0092 
_pdbx_refine_tls.T[3][3]          -0.0073 
_pdbx_refine_tls.T[1][2]          0.0056 
_pdbx_refine_tls.T[1][3]          0.0120 
_pdbx_refine_tls.T[2][3]          -0.0051 
_pdbx_refine_tls.L[1][1]          0.3610 
_pdbx_refine_tls.L[2][2]          1.2058 
_pdbx_refine_tls.L[3][3]          1.1887 
_pdbx_refine_tls.L[1][2]          0.2110 
_pdbx_refine_tls.L[1][3]          -0.0151 
_pdbx_refine_tls.L[2][3]          0.3052 
_pdbx_refine_tls.S[1][1]          -0.0086 
_pdbx_refine_tls.S[2][2]          0.0073 
_pdbx_refine_tls.S[3][3]          0.0014 
_pdbx_refine_tls.S[1][2]          0.0136 
_pdbx_refine_tls.S[1][3]          -0.0744 
_pdbx_refine_tls.S[2][3]          -0.0668 
_pdbx_refine_tls.S[2][1]          -0.0828 
_pdbx_refine_tls.S[3][1]          0.0715 
_pdbx_refine_tls.S[3][2]          0.0774 
_pdbx_refine_tls.pdbx_refine_id   'X-RAY DIFFRACTION' 
# 
_pdbx_refine_tls_group.id                  1 
_pdbx_refine_tls_group.refine_tls_id       1 
_pdbx_refine_tls_group.beg_label_asym_id   A 
_pdbx_refine_tls_group.beg_label_seq_id    1 
_pdbx_refine_tls_group.end_label_asym_id   A 
_pdbx_refine_tls_group.end_label_seq_id    153 
_pdbx_refine_tls_group.selection           ? 
_pdbx_refine_tls_group.beg_auth_asym_id    A 
_pdbx_refine_tls_group.beg_auth_seq_id     0 
_pdbx_refine_tls_group.end_auth_asym_id    A 
_pdbx_refine_tls_group.end_auth_seq_id     152 
_pdbx_refine_tls_group.pdbx_refine_id      'X-RAY DIFFRACTION' 
_pdbx_refine_tls_group.selection_details   ? 
# 
_phasing.method   SAD 
# 
loop_
_pdbx_database_remark.id 
_pdbx_database_remark.text 
300 
;
BIOMOLECULE: 1
THIS ENTRY CONTAINS THE CRYSTALLOGRAPHIC ASYMMETRIC UNIT
WHICH CONSISTS OF 1 CHAIN. SEE REMARK 350 FOR
INFORMATION ON GENERATING THE BIOLOGICAL MOLECULE(S).
SIZE EXCLUSION CHROMATOGRAPHY WITH STATIC LIGHT SCATTERING
SUPPORT THE ASSIGNMENT OF A DIMER AS A BIOLOGICALLY-SIGNIFICANT
OLIGOMERIZATION STATE IN SOLUTION.
;
999 
;
SEQUENCE
THE CONSTRUCT WAS EXPRESSED WITH A PURIFICATION TAG
MGSDKIHHHHHHENLYFQG. THE TAG WAS REMOVED WITH
TEV PROTEASE, LEAVING ONLY A GLYCINE, FOLLOWED BY
THE TARGET SEQUENCE.
;
# 
loop_
_chem_comp_atom.comp_id 
_chem_comp_atom.atom_id 
_chem_comp_atom.type_symbol 
_chem_comp_atom.pdbx_aromatic_flag 
_chem_comp_atom.pdbx_stereo_config 
_chem_comp_atom.pdbx_ordinal 
ALA N    N  N N 1   
ALA CA   C  N S 2   
ALA C    C  N N 3   
ALA O    O  N N 4   
ALA CB   C  N N 5   
ALA OXT  O  N N 6   
ALA H    H  N N 7   
ALA H2   H  N N 8   
ALA HA   H  N N 9   
ALA HB1  H  N N 10  
ALA HB2  H  N N 11  
ALA HB3  H  N N 12  
ALA HXT  H  N N 13  
ARG N    N  N N 14  
ARG CA   C  N S 15  
ARG C    C  N N 16  
ARG O    O  N N 17  
ARG CB   C  N N 18  
ARG CG   C  N N 19  
ARG CD   C  N N 20  
ARG NE   N  N N 21  
ARG CZ   C  N N 22  
ARG NH1  N  N N 23  
ARG NH2  N  N N 24  
ARG OXT  O  N N 25  
ARG H    H  N N 26  
ARG H2   H  N N 27  
ARG HA   H  N N 28  
ARG HB2  H  N N 29  
ARG HB3  H  N N 30  
ARG HG2  H  N N 31  
ARG HG3  H  N N 32  
ARG HD2  H  N N 33  
ARG HD3  H  N N 34  
ARG HE   H  N N 35  
ARG HH11 H  N N 36  
ARG HH12 H  N N 37  
ARG HH21 H  N N 38  
ARG HH22 H  N N 39  
ARG HXT  H  N N 40  
ASN N    N  N N 41  
ASN CA   C  N S 42  
ASN C    C  N N 43  
ASN O    O  N N 44  
ASN CB   C  N N 45  
ASN CG   C  N N 46  
ASN OD1  O  N N 47  
ASN ND2  N  N N 48  
ASN OXT  O  N N 49  
ASN H    H  N N 50  
ASN H2   H  N N 51  
ASN HA   H  N N 52  
ASN HB2  H  N N 53  
ASN HB3  H  N N 54  
ASN HD21 H  N N 55  
ASN HD22 H  N N 56  
ASN HXT  H  N N 57  
ASP N    N  N N 58  
ASP CA   C  N S 59  
ASP C    C  N N 60  
ASP O    O  N N 61  
ASP CB   C  N N 62  
ASP CG   C  N N 63  
ASP OD1  O  N N 64  
ASP OD2  O  N N 65  
ASP OXT  O  N N 66  
ASP H    H  N N 67  
ASP H2   H  N N 68  
ASP HA   H  N N 69  
ASP HB2  H  N N 70  
ASP HB3  H  N N 71  
ASP HD2  H  N N 72  
ASP HXT  H  N N 73  
CYS N    N  N N 74  
CYS CA   C  N R 75  
CYS C    C  N N 76  
CYS O    O  N N 77  
CYS CB   C  N N 78  
CYS SG   S  N N 79  
CYS OXT  O  N N 80  
CYS H    H  N N 81  
CYS H2   H  N N 82  
CYS HA   H  N N 83  
CYS HB2  H  N N 84  
CYS HB3  H  N N 85  
CYS HG   H  N N 86  
CYS HXT  H  N N 87  
EDO C1   C  N N 88  
EDO O1   O  N N 89  
EDO C2   C  N N 90  
EDO O2   O  N N 91  
EDO H11  H  N N 92  
EDO H12  H  N N 93  
EDO HO1  H  N N 94  
EDO H21  H  N N 95  
EDO H22  H  N N 96  
EDO HO2  H  N N 97  
FMT C    C  N N 98  
FMT O1   O  N N 99  
FMT O2   O  N N 100 
FMT H    H  N N 101 
FMT HO2  H  N N 102 
GLN N    N  N N 103 
GLN CA   C  N S 104 
GLN C    C  N N 105 
GLN O    O  N N 106 
GLN CB   C  N N 107 
GLN CG   C  N N 108 
GLN CD   C  N N 109 
GLN OE1  O  N N 110 
GLN NE2  N  N N 111 
GLN OXT  O  N N 112 
GLN H    H  N N 113 
GLN H2   H  N N 114 
GLN HA   H  N N 115 
GLN HB2  H  N N 116 
GLN HB3  H  N N 117 
GLN HG2  H  N N 118 
GLN HG3  H  N N 119 
GLN HE21 H  N N 120 
GLN HE22 H  N N 121 
GLN HXT  H  N N 122 
GLU N    N  N N 123 
GLU CA   C  N S 124 
GLU C    C  N N 125 
GLU O    O  N N 126 
GLU CB   C  N N 127 
GLU CG   C  N N 128 
GLU CD   C  N N 129 
GLU OE1  O  N N 130 
GLU OE2  O  N N 131 
GLU OXT  O  N N 132 
GLU H    H  N N 133 
GLU H2   H  N N 134 
GLU HA   H  N N 135 
GLU HB2  H  N N 136 
GLU HB3  H  N N 137 
GLU HG2  H  N N 138 
GLU HG3  H  N N 139 
GLU HE2  H  N N 140 
GLU HXT  H  N N 141 
GLY N    N  N N 142 
GLY CA   C  N N 143 
GLY C    C  N N 144 
GLY O    O  N N 145 
GLY OXT  O  N N 146 
GLY H    H  N N 147 
GLY H2   H  N N 148 
GLY HA2  H  N N 149 
GLY HA3  H  N N 150 
GLY HXT  H  N N 151 
HIS N    N  N N 152 
HIS CA   C  N S 153 
HIS C    C  N N 154 
HIS O    O  N N 155 
HIS CB   C  N N 156 
HIS CG   C  Y N 157 
HIS ND1  N  Y N 158 
HIS CD2  C  Y N 159 
HIS CE1  C  Y N 160 
HIS NE2  N  Y N 161 
HIS OXT  O  N N 162 
HIS H    H  N N 163 
HIS H2   H  N N 164 
HIS HA   H  N N 165 
HIS HB2  H  N N 166 
HIS HB3  H  N N 167 
HIS HD1  H  N N 168 
HIS HD2  H  N N 169 
HIS HE1  H  N N 170 
HIS HE2  H  N N 171 
HIS HXT  H  N N 172 
HOH O    O  N N 173 
HOH H1   H  N N 174 
HOH H2   H  N N 175 
ILE N    N  N N 176 
ILE CA   C  N S 177 
ILE C    C  N N 178 
ILE O    O  N N 179 
ILE CB   C  N S 180 
ILE CG1  C  N N 181 
ILE CG2  C  N N 182 
ILE CD1  C  N N 183 
ILE OXT  O  N N 184 
ILE H    H  N N 185 
ILE H2   H  N N 186 
ILE HA   H  N N 187 
ILE HB   H  N N 188 
ILE HG12 H  N N 189 
ILE HG13 H  N N 190 
ILE HG21 H  N N 191 
ILE HG22 H  N N 192 
ILE HG23 H  N N 193 
ILE HD11 H  N N 194 
ILE HD12 H  N N 195 
ILE HD13 H  N N 196 
ILE HXT  H  N N 197 
LEU N    N  N N 198 
LEU CA   C  N S 199 
LEU C    C  N N 200 
LEU O    O  N N 201 
LEU CB   C  N N 202 
LEU CG   C  N N 203 
LEU CD1  C  N N 204 
LEU CD2  C  N N 205 
LEU OXT  O  N N 206 
LEU H    H  N N 207 
LEU H2   H  N N 208 
LEU HA   H  N N 209 
LEU HB2  H  N N 210 
LEU HB3  H  N N 211 
LEU HG   H  N N 212 
LEU HD11 H  N N 213 
LEU HD12 H  N N 214 
LEU HD13 H  N N 215 
LEU HD21 H  N N 216 
LEU HD22 H  N N 217 
LEU HD23 H  N N 218 
LEU HXT  H  N N 219 
LYS N    N  N N 220 
LYS CA   C  N S 221 
LYS C    C  N N 222 
LYS O    O  N N 223 
LYS CB   C  N N 224 
LYS CG   C  N N 225 
LYS CD   C  N N 226 
LYS CE   C  N N 227 
LYS NZ   N  N N 228 
LYS OXT  O  N N 229 
LYS H    H  N N 230 
LYS H2   H  N N 231 
LYS HA   H  N N 232 
LYS HB2  H  N N 233 
LYS HB3  H  N N 234 
LYS HG2  H  N N 235 
LYS HG3  H  N N 236 
LYS HD2  H  N N 237 
LYS HD3  H  N N 238 
LYS HE2  H  N N 239 
LYS HE3  H  N N 240 
LYS HZ1  H  N N 241 
LYS HZ2  H  N N 242 
LYS HZ3  H  N N 243 
LYS HXT  H  N N 244 
MET N    N  N N 245 
MET CA   C  N S 246 
MET C    C  N N 247 
MET O    O  N N 248 
MET CB   C  N N 249 
MET CG   C  N N 250 
MET SD   S  N N 251 
MET CE   C  N N 252 
MET OXT  O  N N 253 
MET H    H  N N 254 
MET H2   H  N N 255 
MET HA   H  N N 256 
MET HB2  H  N N 257 
MET HB3  H  N N 258 
MET HG2  H  N N 259 
MET HG3  H  N N 260 
MET HE1  H  N N 261 
MET HE2  H  N N 262 
MET HE3  H  N N 263 
MET HXT  H  N N 264 
MG  MG   MG N N 265 
MSE N    N  N N 266 
MSE CA   C  N S 267 
MSE C    C  N N 268 
MSE O    O  N N 269 
MSE OXT  O  N N 270 
MSE CB   C  N N 271 
MSE CG   C  N N 272 
MSE SE   SE N N 273 
MSE CE   C  N N 274 
MSE H    H  N N 275 
MSE H2   H  N N 276 
MSE HA   H  N N 277 
MSE HXT  H  N N 278 
MSE HB2  H  N N 279 
MSE HB3  H  N N 280 
MSE HG2  H  N N 281 
MSE HG3  H  N N 282 
MSE HE1  H  N N 283 
MSE HE2  H  N N 284 
MSE HE3  H  N N 285 
PHE N    N  N N 286 
PHE CA   C  N S 287 
PHE C    C  N N 288 
PHE O    O  N N 289 
PHE CB   C  N N 290 
PHE CG   C  Y N 291 
PHE CD1  C  Y N 292 
PHE CD2  C  Y N 293 
PHE CE1  C  Y N 294 
PHE CE2  C  Y N 295 
PHE CZ   C  Y N 296 
PHE OXT  O  N N 297 
PHE H    H  N N 298 
PHE H2   H  N N 299 
PHE HA   H  N N 300 
PHE HB2  H  N N 301 
PHE HB3  H  N N 302 
PHE HD1  H  N N 303 
PHE HD2  H  N N 304 
PHE HE1  H  N N 305 
PHE HE2  H  N N 306 
PHE HZ   H  N N 307 
PHE HXT  H  N N 308 
PRO N    N  N N 309 
PRO CA   C  N S 310 
PRO C    C  N N 311 
PRO O    O  N N 312 
PRO CB   C  N N 313 
PRO CG   C  N N 314 
PRO CD   C  N N 315 
PRO OXT  O  N N 316 
PRO H    H  N N 317 
PRO HA   H  N N 318 
PRO HB2  H  N N 319 
PRO HB3  H  N N 320 
PRO HG2  H  N N 321 
PRO HG3  H  N N 322 
PRO HD2  H  N N 323 
PRO HD3  H  N N 324 
PRO HXT  H  N N 325 
SER N    N  N N 326 
SER CA   C  N S 327 
SER C    C  N N 328 
SER O    O  N N 329 
SER CB   C  N N 330 
SER OG   O  N N 331 
SER OXT  O  N N 332 
SER H    H  N N 333 
SER H2   H  N N 334 
SER HA   H  N N 335 
SER HB2  H  N N 336 
SER HB3  H  N N 337 
SER HG   H  N N 338 
SER HXT  H  N N 339 
THR N    N  N N 340 
THR CA   C  N S 341 
THR C    C  N N 342 
THR O    O  N N 343 
THR CB   C  N R 344 
THR OG1  O  N N 345 
THR CG2  C  N N 346 
THR OXT  O  N N 347 
THR H    H  N N 348 
THR H2   H  N N 349 
THR HA   H  N N 350 
THR HB   H  N N 351 
THR HG1  H  N N 352 
THR HG21 H  N N 353 
THR HG22 H  N N 354 
THR HG23 H  N N 355 
THR HXT  H  N N 356 
TRP N    N  N N 357 
TRP CA   C  N S 358 
TRP C    C  N N 359 
TRP O    O  N N 360 
TRP CB   C  N N 361 
TRP CG   C  Y N 362 
TRP CD1  C  Y N 363 
TRP CD2  C  Y N 364 
TRP NE1  N  Y N 365 
TRP CE2  C  Y N 366 
TRP CE3  C  Y N 367 
TRP CZ2  C  Y N 368 
TRP CZ3  C  Y N 369 
TRP CH2  C  Y N 370 
TRP OXT  O  N N 371 
TRP H    H  N N 372 
TRP H2   H  N N 373 
TRP HA   H  N N 374 
TRP HB2  H  N N 375 
TRP HB3  H  N N 376 
TRP HD1  H  N N 377 
TRP HE1  H  N N 378 
TRP HE3  H  N N 379 
TRP HZ2  H  N N 380 
TRP HZ3  H  N N 381 
TRP HH2  H  N N 382 
TRP HXT  H  N N 383 
TYR N    N  N N 384 
TYR CA   C  N S 385 
TYR C    C  N N 386 
TYR O    O  N N 387 
TYR CB   C  N N 388 
TYR CG   C  Y N 389 
TYR CD1  C  Y N 390 
TYR CD2  C  Y N 391 
TYR CE1  C  Y N 392 
TYR CE2  C  Y N 393 
TYR CZ   C  Y N 394 
TYR OH   O  N N 395 
TYR OXT  O  N N 396 
TYR H    H  N N 397 
TYR H2   H  N N 398 
TYR HA   H  N N 399 
TYR HB2  H  N N 400 
TYR HB3  H  N N 401 
TYR HD1  H  N N 402 
TYR HD2  H  N N 403 
TYR HE1  H  N N 404 
TYR HE2  H  N N 405 
TYR HH   H  N N 406 
TYR HXT  H  N N 407 
VAL N    N  N N 408 
VAL CA   C  N S 409 
VAL C    C  N N 410 
VAL O    O  N N 411 
VAL CB   C  N N 412 
VAL CG1  C  N N 413 
VAL CG2  C  N N 414 
VAL OXT  O  N N 415 
VAL H    H  N N 416 
VAL H2   H  N N 417 
VAL HA   H  N N 418 
VAL HB   H  N N 419 
VAL HG11 H  N N 420 
VAL HG12 H  N N 421 
VAL HG13 H  N N 422 
VAL HG21 H  N N 423 
VAL HG22 H  N N 424 
VAL HG23 H  N N 425 
VAL HXT  H  N N 426 
ZN  ZN   ZN N N 427 
# 
loop_
_chem_comp_bond.comp_id 
_chem_comp_bond.atom_id_1 
_chem_comp_bond.atom_id_2 
_chem_comp_bond.value_order 
_chem_comp_bond.pdbx_aromatic_flag 
_chem_comp_bond.pdbx_stereo_config 
_chem_comp_bond.pdbx_ordinal 
ALA N   CA   sing N N 1   
ALA N   H    sing N N 2   
ALA N   H2   sing N N 3   
ALA CA  C    sing N N 4   
ALA CA  CB   sing N N 5   
ALA CA  HA   sing N N 6   
ALA C   O    doub N N 7   
ALA C   OXT  sing N N 8   
ALA CB  HB1  sing N N 9   
ALA CB  HB2  sing N N 10  
ALA CB  HB3  sing N N 11  
ALA OXT HXT  sing N N 12  
ARG N   CA   sing N N 13  
ARG N   H    sing N N 14  
ARG N   H2   sing N N 15  
ARG CA  C    sing N N 16  
ARG CA  CB   sing N N 17  
ARG CA  HA   sing N N 18  
ARG C   O    doub N N 19  
ARG C   OXT  sing N N 20  
ARG CB  CG   sing N N 21  
ARG CB  HB2  sing N N 22  
ARG CB  HB3  sing N N 23  
ARG CG  CD   sing N N 24  
ARG CG  HG2  sing N N 25  
ARG CG  HG3  sing N N 26  
ARG CD  NE   sing N N 27  
ARG CD  HD2  sing N N 28  
ARG CD  HD3  sing N N 29  
ARG NE  CZ   sing N N 30  
ARG NE  HE   sing N N 31  
ARG CZ  NH1  sing N N 32  
ARG CZ  NH2  doub N N 33  
ARG NH1 HH11 sing N N 34  
ARG NH1 HH12 sing N N 35  
ARG NH2 HH21 sing N N 36  
ARG NH2 HH22 sing N N 37  
ARG OXT HXT  sing N N 38  
ASN N   CA   sing N N 39  
ASN N   H    sing N N 40  
ASN N   H2   sing N N 41  
ASN CA  C    sing N N 42  
ASN CA  CB   sing N N 43  
ASN CA  HA   sing N N 44  
ASN C   O    doub N N 45  
ASN C   OXT  sing N N 46  
ASN CB  CG   sing N N 47  
ASN CB  HB2  sing N N 48  
ASN CB  HB3  sing N N 49  
ASN CG  OD1  doub N N 50  
ASN CG  ND2  sing N N 51  
ASN ND2 HD21 sing N N 52  
ASN ND2 HD22 sing N N 53  
ASN OXT HXT  sing N N 54  
ASP N   CA   sing N N 55  
ASP N   H    sing N N 56  
ASP N   H2   sing N N 57  
ASP CA  C    sing N N 58  
ASP CA  CB   sing N N 59  
ASP CA  HA   sing N N 60  
ASP C   O    doub N N 61  
ASP C   OXT  sing N N 62  
ASP CB  CG   sing N N 63  
ASP CB  HB2  sing N N 64  
ASP CB  HB3  sing N N 65  
ASP CG  OD1  doub N N 66  
ASP CG  OD2  sing N N 67  
ASP OD2 HD2  sing N N 68  
ASP OXT HXT  sing N N 69  
CYS N   CA   sing N N 70  
CYS N   H    sing N N 71  
CYS N   H2   sing N N 72  
CYS CA  C    sing N N 73  
CYS CA  CB   sing N N 74  
CYS CA  HA   sing N N 75  
CYS C   O    doub N N 76  
CYS C   OXT  sing N N 77  
CYS CB  SG   sing N N 78  
CYS CB  HB2  sing N N 79  
CYS CB  HB3  sing N N 80  
CYS SG  HG   sing N N 81  
CYS OXT HXT  sing N N 82  
EDO C1  O1   sing N N 83  
EDO C1  C2   sing N N 84  
EDO C1  H11  sing N N 85  
EDO C1  H12  sing N N 86  
EDO O1  HO1  sing N N 87  
EDO C2  O2   sing N N 88  
EDO C2  H21  sing N N 89  
EDO C2  H22  sing N N 90  
EDO O2  HO2  sing N N 91  
FMT C   O1   doub N N 92  
FMT C   O2   sing N N 93  
FMT C   H    sing N N 94  
FMT O2  HO2  sing N N 95  
GLN N   CA   sing N N 96  
GLN N   H    sing N N 97  
GLN N   H2   sing N N 98  
GLN CA  C    sing N N 99  
GLN CA  CB   sing N N 100 
GLN CA  HA   sing N N 101 
GLN C   O    doub N N 102 
GLN C   OXT  sing N N 103 
GLN CB  CG   sing N N 104 
GLN CB  HB2  sing N N 105 
GLN CB  HB3  sing N N 106 
GLN CG  CD   sing N N 107 
GLN CG  HG2  sing N N 108 
GLN CG  HG3  sing N N 109 
GLN CD  OE1  doub N N 110 
GLN CD  NE2  sing N N 111 
GLN NE2 HE21 sing N N 112 
GLN NE2 HE22 sing N N 113 
GLN OXT HXT  sing N N 114 
GLU N   CA   sing N N 115 
GLU N   H    sing N N 116 
GLU N   H2   sing N N 117 
GLU CA  C    sing N N 118 
GLU CA  CB   sing N N 119 
GLU CA  HA   sing N N 120 
GLU C   O    doub N N 121 
GLU C   OXT  sing N N 122 
GLU CB  CG   sing N N 123 
GLU CB  HB2  sing N N 124 
GLU CB  HB3  sing N N 125 
GLU CG  CD   sing N N 126 
GLU CG  HG2  sing N N 127 
GLU CG  HG3  sing N N 128 
GLU CD  OE1  doub N N 129 
GLU CD  OE2  sing N N 130 
GLU OE2 HE2  sing N N 131 
GLU OXT HXT  sing N N 132 
GLY N   CA   sing N N 133 
GLY N   H    sing N N 134 
GLY N   H2   sing N N 135 
GLY CA  C    sing N N 136 
GLY CA  HA2  sing N N 137 
GLY CA  HA3  sing N N 138 
GLY C   O    doub N N 139 
GLY C   OXT  sing N N 140 
GLY OXT HXT  sing N N 141 
HIS N   CA   sing N N 142 
HIS N   H    sing N N 143 
HIS N   H2   sing N N 144 
HIS CA  C    sing N N 145 
HIS CA  CB   sing N N 146 
HIS CA  HA   sing N N 147 
HIS C   O    doub N N 148 
HIS C   OXT  sing N N 149 
HIS CB  CG   sing N N 150 
HIS CB  HB2  sing N N 151 
HIS CB  HB3  sing N N 152 
HIS CG  ND1  sing Y N 153 
HIS CG  CD2  doub Y N 154 
HIS ND1 CE1  doub Y N 155 
HIS ND1 HD1  sing N N 156 
HIS CD2 NE2  sing Y N 157 
HIS CD2 HD2  sing N N 158 
HIS CE1 NE2  sing Y N 159 
HIS CE1 HE1  sing N N 160 
HIS NE2 HE2  sing N N 161 
HIS OXT HXT  sing N N 162 
HOH O   H1   sing N N 163 
HOH O   H2   sing N N 164 
ILE N   CA   sing N N 165 
ILE N   H    sing N N 166 
ILE N   H2   sing N N 167 
ILE CA  C    sing N N 168 
ILE CA  CB   sing N N 169 
ILE CA  HA   sing N N 170 
ILE C   O    doub N N 171 
ILE C   OXT  sing N N 172 
ILE CB  CG1  sing N N 173 
ILE CB  CG2  sing N N 174 
ILE CB  HB   sing N N 175 
ILE CG1 CD1  sing N N 176 
ILE CG1 HG12 sing N N 177 
ILE CG1 HG13 sing N N 178 
ILE CG2 HG21 sing N N 179 
ILE CG2 HG22 sing N N 180 
ILE CG2 HG23 sing N N 181 
ILE CD1 HD11 sing N N 182 
ILE CD1 HD12 sing N N 183 
ILE CD1 HD13 sing N N 184 
ILE OXT HXT  sing N N 185 
LEU N   CA   sing N N 186 
LEU N   H    sing N N 187 
LEU N   H2   sing N N 188 
LEU CA  C    sing N N 189 
LEU CA  CB   sing N N 190 
LEU CA  HA   sing N N 191 
LEU C   O    doub N N 192 
LEU C   OXT  sing N N 193 
LEU CB  CG   sing N N 194 
LEU CB  HB2  sing N N 195 
LEU CB  HB3  sing N N 196 
LEU CG  CD1  sing N N 197 
LEU CG  CD2  sing N N 198 
LEU CG  HG   sing N N 199 
LEU CD1 HD11 sing N N 200 
LEU CD1 HD12 sing N N 201 
LEU CD1 HD13 sing N N 202 
LEU CD2 HD21 sing N N 203 
LEU CD2 HD22 sing N N 204 
LEU CD2 HD23 sing N N 205 
LEU OXT HXT  sing N N 206 
LYS N   CA   sing N N 207 
LYS N   H    sing N N 208 
LYS N   H2   sing N N 209 
LYS CA  C    sing N N 210 
LYS CA  CB   sing N N 211 
LYS CA  HA   sing N N 212 
LYS C   O    doub N N 213 
LYS C   OXT  sing N N 214 
LYS CB  CG   sing N N 215 
LYS CB  HB2  sing N N 216 
LYS CB  HB3  sing N N 217 
LYS CG  CD   sing N N 218 
LYS CG  HG2  sing N N 219 
LYS CG  HG3  sing N N 220 
LYS CD  CE   sing N N 221 
LYS CD  HD2  sing N N 222 
LYS CD  HD3  sing N N 223 
LYS CE  NZ   sing N N 224 
LYS CE  HE2  sing N N 225 
LYS CE  HE3  sing N N 226 
LYS NZ  HZ1  sing N N 227 
LYS NZ  HZ2  sing N N 228 
LYS NZ  HZ3  sing N N 229 
LYS OXT HXT  sing N N 230 
MET N   CA   sing N N 231 
MET N   H    sing N N 232 
MET N   H2   sing N N 233 
MET CA  C    sing N N 234 
MET CA  CB   sing N N 235 
MET CA  HA   sing N N 236 
MET C   O    doub N N 237 
MET C   OXT  sing N N 238 
MET CB  CG   sing N N 239 
MET CB  HB2  sing N N 240 
MET CB  HB3  sing N N 241 
MET CG  SD   sing N N 242 
MET CG  HG2  sing N N 243 
MET CG  HG3  sing N N 244 
MET SD  CE   sing N N 245 
MET CE  HE1  sing N N 246 
MET CE  HE2  sing N N 247 
MET CE  HE3  sing N N 248 
MET OXT HXT  sing N N 249 
MSE N   CA   sing N N 250 
MSE N   H    sing N N 251 
MSE N   H2   sing N N 252 
MSE CA  C    sing N N 253 
MSE CA  CB   sing N N 254 
MSE CA  HA   sing N N 255 
MSE C   O    doub N N 256 
MSE C   OXT  sing N N 257 
MSE OXT HXT  sing N N 258 
MSE CB  CG   sing N N 259 
MSE CB  HB2  sing N N 260 
MSE CB  HB3  sing N N 261 
MSE CG  SE   sing N N 262 
MSE CG  HG2  sing N N 263 
MSE CG  HG3  sing N N 264 
MSE SE  CE   sing N N 265 
MSE CE  HE1  sing N N 266 
MSE CE  HE2  sing N N 267 
MSE CE  HE3  sing N N 268 
PHE N   CA   sing N N 269 
PHE N   H    sing N N 270 
PHE N   H2   sing N N 271 
PHE CA  C    sing N N 272 
PHE CA  CB   sing N N 273 
PHE CA  HA   sing N N 274 
PHE C   O    doub N N 275 
PHE C   OXT  sing N N 276 
PHE CB  CG   sing N N 277 
PHE CB  HB2  sing N N 278 
PHE CB  HB3  sing N N 279 
PHE CG  CD1  doub Y N 280 
PHE CG  CD2  sing Y N 281 
PHE CD1 CE1  sing Y N 282 
PHE CD1 HD1  sing N N 283 
PHE CD2 CE2  doub Y N 284 
PHE CD2 HD2  sing N N 285 
PHE CE1 CZ   doub Y N 286 
PHE CE1 HE1  sing N N 287 
PHE CE2 CZ   sing Y N 288 
PHE CE2 HE2  sing N N 289 
PHE CZ  HZ   sing N N 290 
PHE OXT HXT  sing N N 291 
PRO N   CA   sing N N 292 
PRO N   CD   sing N N 293 
PRO N   H    sing N N 294 
PRO CA  C    sing N N 295 
PRO CA  CB   sing N N 296 
PRO CA  HA   sing N N 297 
PRO C   O    doub N N 298 
PRO C   OXT  sing N N 299 
PRO CB  CG   sing N N 300 
PRO CB  HB2  sing N N 301 
PRO CB  HB3  sing N N 302 
PRO CG  CD   sing N N 303 
PRO CG  HG2  sing N N 304 
PRO CG  HG3  sing N N 305 
PRO CD  HD2  sing N N 306 
PRO CD  HD3  sing N N 307 
PRO OXT HXT  sing N N 308 
SER N   CA   sing N N 309 
SER N   H    sing N N 310 
SER N   H2   sing N N 311 
SER CA  C    sing N N 312 
SER CA  CB   sing N N 313 
SER CA  HA   sing N N 314 
SER C   O    doub N N 315 
SER C   OXT  sing N N 316 
SER CB  OG   sing N N 317 
SER CB  HB2  sing N N 318 
SER CB  HB3  sing N N 319 
SER OG  HG   sing N N 320 
SER OXT HXT  sing N N 321 
THR N   CA   sing N N 322 
THR N   H    sing N N 323 
THR N   H2   sing N N 324 
THR CA  C    sing N N 325 
THR CA  CB   sing N N 326 
THR CA  HA   sing N N 327 
THR C   O    doub N N 328 
THR C   OXT  sing N N 329 
THR CB  OG1  sing N N 330 
THR CB  CG2  sing N N 331 
THR CB  HB   sing N N 332 
THR OG1 HG1  sing N N 333 
THR CG2 HG21 sing N N 334 
THR CG2 HG22 sing N N 335 
THR CG2 HG23 sing N N 336 
THR OXT HXT  sing N N 337 
TRP N   CA   sing N N 338 
TRP N   H    sing N N 339 
TRP N   H2   sing N N 340 
TRP CA  C    sing N N 341 
TRP CA  CB   sing N N 342 
TRP CA  HA   sing N N 343 
TRP C   O    doub N N 344 
TRP C   OXT  sing N N 345 
TRP CB  CG   sing N N 346 
TRP CB  HB2  sing N N 347 
TRP CB  HB3  sing N N 348 
TRP CG  CD1  doub Y N 349 
TRP CG  CD2  sing Y N 350 
TRP CD1 NE1  sing Y N 351 
TRP CD1 HD1  sing N N 352 
TRP CD2 CE2  doub Y N 353 
TRP CD2 CE3  sing Y N 354 
TRP NE1 CE2  sing Y N 355 
TRP NE1 HE1  sing N N 356 
TRP CE2 CZ2  sing Y N 357 
TRP CE3 CZ3  doub Y N 358 
TRP CE3 HE3  sing N N 359 
TRP CZ2 CH2  doub Y N 360 
TRP CZ2 HZ2  sing N N 361 
TRP CZ3 CH2  sing Y N 362 
TRP CZ3 HZ3  sing N N 363 
TRP CH2 HH2  sing N N 364 
TRP OXT HXT  sing N N 365 
TYR N   CA   sing N N 366 
TYR N   H    sing N N 367 
TYR N   H2   sing N N 368 
TYR CA  C    sing N N 369 
TYR CA  CB   sing N N 370 
TYR CA  HA   sing N N 371 
TYR C   O    doub N N 372 
TYR C   OXT  sing N N 373 
TYR CB  CG   sing N N 374 
TYR CB  HB2  sing N N 375 
TYR CB  HB3  sing N N 376 
TYR CG  CD1  doub Y N 377 
TYR CG  CD2  sing Y N 378 
TYR CD1 CE1  sing Y N 379 
TYR CD1 HD1  sing N N 380 
TYR CD2 CE2  doub Y N 381 
TYR CD2 HD2  sing N N 382 
TYR CE1 CZ   doub Y N 383 
TYR CE1 HE1  sing N N 384 
TYR CE2 CZ   sing Y N 385 
TYR CE2 HE2  sing N N 386 
TYR CZ  OH   sing N N 387 
TYR OH  HH   sing N N 388 
TYR OXT HXT  sing N N 389 
VAL N   CA   sing N N 390 
VAL N   H    sing N N 391 
VAL N   H2   sing N N 392 
VAL CA  C    sing N N 393 
VAL CA  CB   sing N N 394 
VAL CA  HA   sing N N 395 
VAL C   O    doub N N 396 
VAL C   OXT  sing N N 397 
VAL CB  CG1  sing N N 398 
VAL CB  CG2  sing N N 399 
VAL CB  HB   sing N N 400 
VAL CG1 HG11 sing N N 401 
VAL CG1 HG12 sing N N 402 
VAL CG1 HG13 sing N N 403 
VAL CG2 HG21 sing N N 404 
VAL CG2 HG22 sing N N 405 
VAL CG2 HG23 sing N N 406 
VAL OXT HXT  sing N N 407 
# 
_atom_sites.entry_id                    2Q0Y 
_atom_sites.fract_transf_matrix[1][1]   -0.00916535 
_atom_sites.fract_transf_matrix[1][2]   -0.00182615 
_atom_sites.fract_transf_matrix[1][3]   -0.00628661 
_atom_sites.fract_transf_matrix[2][1]   0.00082356 
_atom_sites.fract_transf_matrix[2][2]   -0.00584289 
_atom_sites.fract_transf_matrix[2][3]   -0.00959362 
_atom_sites.fract_transf_matrix[3][1]   -0.00440741 
_atom_sites.fract_transf_matrix[3][2]   -0.02135881 
_atom_sites.fract_transf_matrix[3][3]   0.01263000 
_atom_sites.fract_transf_vector[1]      0.517102 
_atom_sites.fract_transf_vector[2]      0.150678 
_atom_sites.fract_transf_vector[3]      0.163683 
# 
loop_
_atom_type.symbol 
C  
MG 
N  
O  
S  
SE 
ZN 
# 
loop_
_atom_site.group_PDB 
_atom_site.id 
_atom_site.type_symbol 
_atom_site.label_atom_id 
_atom_site.label_alt_id 
_atom_site.label_comp_id 
_atom_site.label_asym_id 
_atom_site.label_entity_id 
_atom_site.label_seq_id 
_atom_site.pdbx_PDB_ins_code 
_atom_site.Cartn_x 
_atom_site.Cartn_y 
_atom_site.Cartn_z 
_atom_site.occupancy 
_atom_site.B_iso_or_equiv 
_atom_site.pdbx_formal_charge 
_atom_site.auth_seq_id 
_atom_site.auth_comp_id 
_atom_site.auth_asym_id 
_atom_site.auth_atom_id 
_atom_site.pdbx_PDB_model_num 
ATOM   1    N  N   . GLY A 1 1   ? 3.531   -6.835  -22.989 1.00 32.95 ? 0   GLY A N   1 
ATOM   2    C  CA  . GLY A 1 1   ? 4.262   -5.783  -22.220 1.00 32.44 ? 0   GLY A CA  1 
ATOM   3    C  C   . GLY A 1 1   ? 3.681   -5.558  -20.837 1.00 30.61 ? 0   GLY A C   1 
ATOM   4    O  O   . GLY A 1 1   ? 2.741   -6.258  -20.422 1.00 28.79 ? 0   GLY A O   1 
HETATM 5    N  N   . MSE A 1 2   ? 4.244   -4.575  -20.130 1.00 29.68 ? 1   MSE A N   1 
HETATM 6    C  CA  A MSE A 1 2   ? 3.809   -4.224  -18.774 0.50 27.71 ? 1   MSE A CA  1 
HETATM 7    C  CA  B MSE A 1 2   ? 3.779   -4.231  -18.792 0.50 29.46 ? 1   MSE A CA  1 
HETATM 8    C  C   . MSE A 1 2   ? 2.919   -2.994  -18.811 1.00 26.84 ? 1   MSE A C   1 
HETATM 9    O  O   . MSE A 1 2   ? 3.288   -1.977  -19.405 1.00 26.82 ? 1   MSE A O   1 
HETATM 10   C  CB  A MSE A 1 2   ? 5.012   -3.954  -17.875 0.50 27.76 ? 1   MSE A CB  1 
HETATM 11   C  CB  B MSE A 1 2   ? 4.940   -3.994  -17.856 0.50 29.40 ? 1   MSE A CB  1 
HETATM 12   C  CG  A MSE A 1 2   ? 5.797   -5.195  -17.525 0.50 27.38 ? 1   MSE A CG  1 
HETATM 13   C  CG  B MSE A 1 2   ? 5.194   -5.123  -16.931 0.50 29.60 ? 1   MSE A CG  1 
HETATM 14   SE SE  A MSE A 1 2   ? 5.082   -6.063  -15.954 0.38 21.60 ? 1   MSE A SE  1 
HETATM 15   SE SE  B MSE A 1 2   ? 6.301   -4.391  -15.588 0.38 35.91 ? 1   MSE A SE  1 
ATOM   16   N  N   . GLU A 1 3   ? 1.764   -3.091  -18.170 1.00 21.67 ? 2   GLU A N   1 
ATOM   17   C  CA  . GLU A 1 3   ? 0.829   -1.997  -18.131 1.00 19.15 ? 2   GLU A CA  1 
ATOM   18   C  C   . GLU A 1 3   ? 0.303   -1.836  -16.729 1.00 17.61 ? 2   GLU A C   1 
ATOM   19   O  O   . GLU A 1 3   ? 0.208   -2.791  -15.963 1.00 17.48 ? 2   GLU A O   1 
ATOM   20   C  CB  . GLU A 1 3   ? -0.330  -2.254  -19.080 1.00 20.92 ? 2   GLU A CB  1 
ATOM   21   N  N   . CYS A 1 4   ? -0.051  -0.608  -16.398 1.00 15.10 ? 3   CYS A N   1 
ATOM   22   C  CA  . CYS A 1 4   ? -0.599  -0.297  -15.097 1.00 14.75 ? 3   CYS A CA  1 
ATOM   23   C  C   . CYS A 1 4   ? -2.075  0.021   -15.299 1.00 16.78 ? 3   CYS A C   1 
ATOM   24   O  O   . CYS A 1 4   ? -2.461  0.546   -16.363 1.00 17.45 ? 3   CYS A O   1 
ATOM   25   C  CB  . CYS A 1 4   ? 0.156   0.883   -14.548 1.00 17.19 ? 3   CYS A CB  1 
ATOM   26   S  SG  . CYS A 1 4   ? -0.252  1.335   -12.906 1.00 20.36 ? 3   CYS A SG  1 
ATOM   27   N  N   . ARG A 1 5   ? -2.913  -0.357  -14.334 1.00 13.22 ? 4   ARG A N   1 
ATOM   28   C  CA  . ARG A 1 5   ? -4.336  0.014   -14.373 1.00 14.23 ? 4   ARG A CA  1 
ATOM   29   C  C   . ARG A 1 5   ? -4.833  0.337   -12.963 1.00 14.16 ? 4   ARG A C   1 
ATOM   30   O  O   . ARG A 1 5   ? -4.249  -0.099  -11.974 1.00 14.90 ? 4   ARG A O   1 
ATOM   31   C  CB  . ARG A 1 5   ? -5.187  -1.111  -14.975 1.00 14.19 ? 4   ARG A CB  1 
ATOM   32   C  CG  . ARG A 1 5   ? -5.226  -2.377  -14.157 1.00 11.68 ? 4   ARG A CG  1 
ATOM   33   C  CD  . ARG A 1 5   ? -6.319  -3.326  -14.634 1.00 15.88 ? 4   ARG A CD  1 
ATOM   34   N  NE  . ARG A 1 5   ? -6.286  -4.598  -13.922 1.00 14.04 ? 4   ARG A NE  1 
ATOM   35   C  CZ  . ARG A 1 5   ? -6.739  -4.791  -12.682 1.00 17.07 ? 4   ARG A CZ  1 
ATOM   36   N  NH1 . ARG A 1 5   ? -7.323  -3.817  -11.993 1.00 15.12 ? 4   ARG A NH1 1 
ATOM   37   N  NH2 . ARG A 1 5   ? -6.640  -5.993  -12.139 1.00 13.96 ? 4   ARG A NH2 1 
ATOM   38   N  N   . PRO A 1 6   ? -5.929  1.092   -12.861 1.00 13.57 ? 5   PRO A N   1 
ATOM   39   C  CA  . PRO A 1 6   ? -6.480  1.337   -11.539 1.00 12.28 ? 5   PRO A CA  1 
ATOM   40   C  C   . PRO A 1 6   ? -7.065  0.055   -10.942 1.00 12.01 ? 5   PRO A C   1 
ATOM   41   O  O   . PRO A 1 6   ? -7.545  -0.819  -11.667 1.00 10.71 ? 5   PRO A O   1 
ATOM   42   C  CB  . PRO A 1 6   ? -7.616  2.334   -11.784 1.00 14.77 ? 5   PRO A CB  1 
ATOM   43   C  CG  . PRO A 1 6   ? -7.677  2.578   -13.219 1.00 13.94 ? 5   PRO A CG  1 
ATOM   44   C  CD  . PRO A 1 6   ? -6.694  1.739   -13.944 1.00 12.21 ? 5   PRO A CD  1 
ATOM   45   N  N   . LEU A 1 7   ? -7.024  -0.045  -9.617  1.00 13.70 ? 6   LEU A N   1 
ATOM   46   C  CA  . LEU A 1 7   ? -7.733  -1.083  -8.906  1.00 13.10 ? 6   LEU A CA  1 
ATOM   47   C  C   . LEU A 1 7   ? -9.209  -0.965  -9.161  1.00 14.98 ? 6   LEU A C   1 
ATOM   48   O  O   . LEU A 1 7   ? -9.722  0.146   -9.368  1.00 15.96 ? 6   LEU A O   1 
ATOM   49   C  CB  . LEU A 1 7   ? -7.534  -0.894  -7.403  1.00 15.84 ? 6   LEU A CB  1 
ATOM   50   C  CG  . LEU A 1 7   ? -6.462  -1.561  -6.580  1.00 21.49 ? 6   LEU A CG  1 
ATOM   51   C  CD1 . LEU A 1 7   ? -6.781  -1.191  -5.123  1.00 25.37 ? 6   LEU A CD1 1 
ATOM   52   C  CD2 . LEU A 1 7   ? -6.404  -3.047  -6.753  1.00 16.16 ? 6   LEU A CD2 1 
ATOM   53   N  N   . CYS A 1 8   ? -9.901  -2.096  -9.147  1.00 15.31 ? 7   CYS A N   1 
ATOM   54   C  CA  . CYS A 1 8   ? -11.346 -2.112  -9.236  1.00 16.57 ? 7   CYS A CA  1 
ATOM   55   C  C   . CYS A 1 8   ? -11.913 -3.071  -8.200  1.00 17.91 ? 7   CYS A C   1 
ATOM   56   O  O   . CYS A 1 8   ? -11.170 -3.758  -7.500  1.00 15.58 ? 7   CYS A O   1 
ATOM   57   C  CB  . CYS A 1 8   ? -11.799 -2.515  -10.632 1.00 15.38 ? 7   CYS A CB  1 
ATOM   58   S  SG  . CYS A 1 8   ? -11.447 -4.186  -11.054 1.00 21.00 ? 7   CYS A SG  1 
ATOM   59   N  N   . ILE A 1 9   ? -13.238 -3.122  -8.102  1.00 19.67 ? 8   ILE A N   1 
ATOM   60   C  CA  . ILE A 1 9   ? -13.869 -3.945  -7.068  1.00 20.19 ? 8   ILE A CA  1 
ATOM   61   C  C   . ILE A 1 9   ? -13.537 -5.431  -7.223  1.00 18.77 ? 8   ILE A C   1 
ATOM   62   O  O   . ILE A 1 9   ? -13.511 -6.175  -6.248  1.00 19.24 ? 8   ILE A O   1 
ATOM   63   C  CB  . ILE A 1 9   ? -15.401 -3.721  -6.987  1.00 21.50 ? 8   ILE A CB  1 
ATOM   64   C  CG1 . ILE A 1 9   ? -16.091 -4.112  -8.299  1.00 23.37 ? 8   ILE A CG1 1 
ATOM   65   C  CG2 . ILE A 1 9   ? -15.704 -2.273  -6.646  1.00 24.98 ? 8   ILE A CG2 1 
ATOM   66   C  CD1 . ILE A 1 9   ? -17.618 -4.069  -8.229  1.00 26.95 ? 8   ILE A CD1 1 
ATOM   67   N  N   . ASP A 1 10  ? -13.242 -5.858  -8.446  1.00 17.97 ? 9   ASP A N   1 
ATOM   68   C  CA  . ASP A 1 10  ? -12.935 -7.258  -8.698  1.00 19.11 ? 9   ASP A CA  1 
ATOM   69   C  C   . ASP A 1 10  ? -11.538 -7.661  -8.226  1.00 16.10 ? 9   ASP A C   1 
ATOM   70   O  O   . ASP A 1 10  ? -11.158 -8.814  -8.327  1.00 15.64 ? 9   ASP A O   1 
ATOM   71   C  CB  . ASP A 1 10  ? -13.094 -7.546  -10.181 1.00 22.76 ? 9   ASP A CB  1 
ATOM   72   C  CG  . ASP A 1 10  ? -14.503 -7.240  -10.674 1.00 31.32 ? 9   ASP A CG  1 
ATOM   73   O  OD1 . ASP A 1 10  ? -15.455 -7.867  -10.148 1.00 31.55 ? 9   ASP A OD1 1 
ATOM   74   O  OD2 . ASP A 1 10  ? -14.648 -6.340  -11.544 1.00 44.93 ? 9   ASP A OD2 1 
ATOM   75   N  N   . ASP A 1 11  ? -10.772 -6.700  -7.725  1.00 14.47 ? 10  ASP A N   1 
ATOM   76   C  CA  . ASP A 1 11  ? -9.437  -6.957  -7.213  1.00 13.38 ? 10  ASP A CA  1 
ATOM   77   C  C   . ASP A 1 11  ? -9.434  -7.260  -5.718  1.00 12.72 ? 10  ASP A C   1 
ATOM   78   O  O   . ASP A 1 11  ? -8.377  -7.303  -5.109  1.00 11.56 ? 10  ASP A O   1 
ATOM   79   C  CB  . ASP A 1 11  ? -8.533  -5.754  -7.503  1.00 12.11 ? 10  ASP A CB  1 
ATOM   80   C  CG  . ASP A 1 11  ? -8.325  -5.533  -8.981  1.00 18.38 ? 10  ASP A CG  1 
ATOM   81   O  OD1 . ASP A 1 11  ? -8.208  -6.527  -9.729  1.00 14.04 ? 10  ASP A OD1 1 
ATOM   82   O  OD2 . ASP A 1 11  ? -8.295  -4.371  -9.405  1.00 15.75 ? 10  ASP A OD2 1 
ATOM   83   N  N   . LEU A 1 12  ? -10.603 -7.474  -5.116  1.00 12.37 ? 11  LEU A N   1 
ATOM   84   C  CA  . LEU A 1 12  ? -10.672 -7.801  -3.693  1.00 12.78 ? 11  LEU A CA  1 
ATOM   85   C  C   . LEU A 1 12  ? -9.677  -8.890  -3.307  1.00 12.80 ? 11  LEU A C   1 
ATOM   86   O  O   . LEU A 1 12  ? -8.874  -8.702  -2.399  1.00 12.26 ? 11  LEU A O   1 
ATOM   87   C  CB  . LEU A 1 12  ? -12.094 -8.248  -3.308  1.00 11.43 ? 11  LEU A CB  1 
ATOM   88   C  CG  . LEU A 1 12  ? -12.317 -8.607  -1.842  1.00 15.78 ? 11  LEU A CG  1 
ATOM   89   C  CD1 . LEU A 1 12  ? -12.329 -7.346  -0.995  1.00 19.18 ? 11  LEU A CD1 1 
ATOM   90   C  CD2 . LEU A 1 12  ? -13.598 -9.373  -1.657  1.00 15.41 ? 11  LEU A CD2 1 
ATOM   91   N  N   . GLU A 1 13  ? -9.729  -10.030 -3.992  1.00 12.13 ? 12  GLU A N   1 
ATOM   92   C  CA  A GLU A 1 13  ? -8.874  -11.157 -3.621  0.50 13.21 ? 12  GLU A CA  1 
ATOM   93   C  CA  B GLU A 1 13  ? -8.878  -11.173 -3.638  0.50 13.16 ? 12  GLU A CA  1 
ATOM   94   C  C   . GLU A 1 13  ? -7.397  -10.838 -3.837  1.00 13.23 ? 12  GLU A C   1 
ATOM   95   O  O   . GLU A 1 13  ? -6.547  -11.209 -3.018  1.00 11.29 ? 12  GLU A O   1 
ATOM   96   C  CB  A GLU A 1 13  ? -9.273  -12.412 -4.383  0.50 14.44 ? 12  GLU A CB  1 
ATOM   97   C  CB  B GLU A 1 13  ? -9.269  -12.406 -4.456  0.50 14.48 ? 12  GLU A CB  1 
ATOM   98   C  CG  A GLU A 1 13  ? -10.607 -12.971 -3.948  0.50 17.46 ? 12  GLU A CG  1 
ATOM   99   C  CG  B GLU A 1 13  ? -8.441  -13.659 -4.167  0.50 17.12 ? 12  GLU A CG  1 
ATOM   100  N  N   . LEU A 1 14  ? -7.095  -10.142 -4.927  1.00 12.12 ? 13  LEU A N   1 
ATOM   101  C  CA  . LEU A 1 14  ? -5.723  -9.728  -5.232  1.00 11.87 ? 13  LEU A CA  1 
ATOM   102  C  C   . LEU A 1 14  ? -5.106  -8.922  -4.103  1.00 10.58 ? 13  LEU A C   1 
ATOM   103  O  O   . LEU A 1 14  ? -3.975  -9.189  -3.663  1.00 11.82 ? 13  LEU A O   1 
ATOM   104  C  CB  . LEU A 1 14  ? -5.709  -8.897  -6.516  1.00 11.14 ? 13  LEU A CB  1 
ATOM   105  C  CG  . LEU A 1 14  ? -4.364  -8.400  -7.048  1.00 14.65 ? 13  LEU A CG  1 
ATOM   106  C  CD1 . LEU A 1 14  ? -3.500  -9.567  -7.520  1.00 17.70 ? 13  LEU A CD1 1 
ATOM   107  C  CD2 . LEU A 1 14  ? -4.589  -7.438  -8.209  1.00 18.30 ? 13  LEU A CD2 1 
ATOM   108  N  N   . VAL A 1 15  ? -5.846  -7.931  -3.625  1.00 11.80 ? 14  VAL A N   1 
ATOM   109  C  CA  . VAL A 1 15  ? -5.344  -7.078  -2.562  1.00 11.16 ? 14  VAL A CA  1 
ATOM   110  C  C   . VAL A 1 15  ? -5.106  -7.873  -1.281  1.00 12.64 ? 14  VAL A C   1 
ATOM   111  O  O   . VAL A 1 15  ? -4.075  -7.699  -0.616  1.00 10.43 ? 14  VAL A O   1 
ATOM   112  C  CB  . VAL A 1 15  ? -6.271  -5.878  -2.286  1.00 11.80 ? 14  VAL A CB  1 
ATOM   113  C  CG1 . VAL A 1 15  ? -5.741  -5.052  -1.110  1.00 11.69 ? 14  VAL A CG1 1 
ATOM   114  C  CG2 . VAL A 1 15  ? -6.393  -4.984  -3.522  1.00 13.98 ? 14  VAL A CG2 1 
ATOM   115  N  N   . CYS A 1 16  ? -6.032  -8.767  -0.930  1.00 11.84 ? 15  CYS A N   1 
ATOM   116  C  CA  . CYS A 1 16  ? -5.859  -9.613  0.253   1.00 9.74  ? 15  CYS A CA  1 
ATOM   117  C  C   . CYS A 1 16  ? -4.637  -10.510 0.144   1.00 9.96  ? 15  CYS A C   1 
ATOM   118  O  O   . CYS A 1 16  ? -3.939  -10.715 1.123   1.00 11.54 ? 15  CYS A O   1 
ATOM   119  C  CB  . CYS A 1 16  ? -7.097  -10.471 0.490   1.00 11.17 ? 15  CYS A CB  1 
ATOM   120  S  SG  . CYS A 1 16  ? -8.587  -9.497  0.856   1.00 12.67 ? 15  CYS A SG  1 
ATOM   121  N  N   . ARG A 1 17  ? -4.392  -11.041 -1.050  1.00 11.40 ? 16  ARG A N   1 
ATOM   122  C  CA  . ARG A 1 17  ? -3.206  -11.879 -1.304  1.00 13.21 ? 16  ARG A CA  1 
ATOM   123  C  C   . ARG A 1 17  ? -1.922  -11.078 -1.158  1.00 11.16 ? 16  ARG A C   1 
ATOM   124  O  O   . ARG A 1 17  ? -0.937  -11.568 -0.574  1.00 10.14 ? 16  ARG A O   1 
ATOM   125  C  CB  . ARG A 1 17  ? -3.251  -12.500 -2.711  1.00 13.19 ? 16  ARG A CB  1 
ATOM   126  C  CG  . ARG A 1 17  ? -4.085  -13.756 -2.838  1.00 21.83 ? 16  ARG A CG  1 
ATOM   127  C  CD  . ARG A 1 17  ? -4.168  -14.257 -4.322  1.00 24.26 ? 16  ARG A CD  1 
ATOM   128  N  NE  . ARG A 1 17  ? -2.888  -14.733 -4.856  1.00 36.03 ? 16  ARG A NE  1 
ATOM   129  C  CZ  . ARG A 1 17  ? -2.580  -16.021 -5.034  1.00 38.60 ? 16  ARG A CZ  1 
ATOM   130  N  N   . HIS A 1 18  ? -1.923  -9.864  -1.710  1.00 9.72  ? 17  HIS A N   1 
ATOM   131  C  CA  . HIS A 1 18  ? -0.773  -8.972  -1.616  1.00 10.74 ? 17  HIS A CA  1 
ATOM   132  C  C   . HIS A 1 18  ? -0.430  -8.619  -0.165  1.00 11.67 ? 17  HIS A C   1 
ATOM   133  O  O   . HIS A 1 18  ? 0.727   -8.673  0.254   1.00 11.94 ? 17  HIS A O   1 
ATOM   134  C  CB  . HIS A 1 18  ? -1.021  -7.683  -2.402  1.00 11.80 ? 17  HIS A CB  1 
ATOM   135  C  CG  . HIS A 1 18  ? -0.925  -7.843  -3.887  1.00 11.47 ? 17  HIS A CG  1 
ATOM   136  N  ND1 . HIS A 1 18  ? -1.217  -6.814  -4.751  1.00 12.53 ? 17  HIS A ND1 1 
ATOM   137  C  CD2 . HIS A 1 18  ? -0.571  -8.902  -4.657  1.00 14.05 ? 17  HIS A CD2 1 
ATOM   138  C  CE1 . HIS A 1 18  ? -1.038  -7.228  -5.992  1.00 10.19 ? 17  HIS A CE1 1 
ATOM   139  N  NE2 . HIS A 1 18  ? -0.645  -8.489  -5.965  1.00 13.11 ? 17  HIS A NE2 1 
ATOM   140  N  N   . ARG A 1 19  ? -1.452  -8.251  0.597   1.00 13.05 ? 18  ARG A N   1 
ATOM   141  C  CA  . ARG A 1 19  ? -1.260  -7.916  1.993   1.00 12.40 ? 18  ARG A CA  1 
ATOM   142  C  C   . ARG A 1 19  ? -0.634  -9.080  2.752   1.00 11.76 ? 18  ARG A C   1 
ATOM   143  O  O   . ARG A 1 19  ? 0.331   -8.891  3.483   1.00 12.63 ? 18  ARG A O   1 
ATOM   144  C  CB  . ARG A 1 19  ? -2.584  -7.506  2.631   1.00 10.48 ? 18  ARG A CB  1 
ATOM   145  C  CG  . ARG A 1 19  ? -2.474  -7.009  4.069   1.00 12.57 ? 18  ARG A CG  1 
ATOM   146  C  CD  . ARG A 1 19  ? -3.744  -6.339  4.513   1.00 12.81 ? 18  ARG A CD  1 
ATOM   147  N  NE  . ARG A 1 19  ? -3.667  -5.742  5.848   1.00 9.27  ? 18  ARG A NE  1 
ATOM   148  C  CZ  . ARG A 1 19  ? -3.132  -4.556  6.128   1.00 14.34 ? 18  ARG A CZ  1 
ATOM   149  N  NH1 . ARG A 1 19  ? -2.540  -3.833  5.187   1.00 13.70 ? 18  ARG A NH1 1 
ATOM   150  N  NH2 . ARG A 1 19  ? -3.135  -4.112  7.365   1.00 12.48 ? 18  ARG A NH2 1 
ATOM   151  N  N   . GLU A 1 20  ? -1.188  -10.279 2.605   1.00 9.55  ? 19  GLU A N   1 
ATOM   152  C  CA  A GLU A 1 20  ? -0.673  -11.448 3.314   0.50 11.00 ? 19  GLU A CA  1 
ATOM   153  C  CA  B GLU A 1 20  ? -0.665  -11.451 3.321   0.50 10.05 ? 19  GLU A CA  1 
ATOM   154  C  C   . GLU A 1 20  ? 0.773   -11.742 2.908   1.00 10.56 ? 19  GLU A C   1 
ATOM   155  O  O   . GLU A 1 20  ? 1.644   -11.974 3.771   1.00 11.78 ? 19  GLU A O   1 
ATOM   156  C  CB  A GLU A 1 20  ? -1.573  -12.653 3.031   0.50 9.64  ? 19  GLU A CB  1 
ATOM   157  C  CB  B GLU A 1 20  ? -1.535  -12.686 3.075   0.50 9.15  ? 19  GLU A CB  1 
ATOM   158  C  CG  A GLU A 1 20  ? -1.196  -13.943 3.738   0.50 13.21 ? 19  GLU A CG  1 
ATOM   159  C  CG  B GLU A 1 20  ? -1.182  -13.915 3.937   0.50 13.75 ? 19  GLU A CG  1 
ATOM   160  C  CD  A GLU A 1 20  ? -2.291  -14.996 3.636   0.50 15.82 ? 19  GLU A CD  1 
ATOM   161  C  CD  B GLU A 1 20  ? -0.069  -14.790 3.370   0.50 18.66 ? 19  GLU A CD  1 
ATOM   162  O  OE1 A GLU A 1 20  ? -3.462  -14.704 3.989   0.50 17.65 ? 19  GLU A OE1 1 
ATOM   163  O  OE1 B GLU A 1 20  ? 0.201   -14.746 2.153   0.50 23.84 ? 19  GLU A OE1 1 
ATOM   164  O  OE2 A GLU A 1 20  ? -1.979  -16.124 3.212   0.50 24.84 ? 19  GLU A OE2 1 
ATOM   165  O  OE2 B GLU A 1 20  ? 0.539   -15.545 4.156   0.50 20.92 ? 19  GLU A OE2 1 
ATOM   166  N  N   . ALA A 1 21  ? 1.029   -11.731 1.599   1.00 11.41 ? 20  ALA A N   1 
ATOM   167  C  CA  . ALA A 1 21  ? 2.377   -12.062 1.083   1.00 11.34 ? 20  ALA A CA  1 
ATOM   168  C  C   . ALA A 1 21  ? 3.425   -11.048 1.572   1.00 11.25 ? 20  ALA A C   1 
ATOM   169  O  O   . ALA A 1 21  ? 4.514   -11.436 1.997   1.00 11.09 ? 20  ALA A O   1 
ATOM   170  C  CB  . ALA A 1 21  ? 2.380   -12.152 -0.455  1.00 15.31 ? 20  ALA A CB  1 
HETATM 171  N  N   . MSE A 1 22  ? 3.077   -9.765  1.512   1.00 10.21 ? 21  MSE A N   1 
HETATM 172  C  CA  . MSE A 1 22  ? 3.935   -8.673  1.990   1.00 11.82 ? 21  MSE A CA  1 
HETATM 173  C  C   . MSE A 1 22  ? 4.314   -8.862  3.463   1.00 12.40 ? 21  MSE A C   1 
HETATM 174  O  O   . MSE A 1 22  ? 5.485   -8.802  3.833   1.00 10.96 ? 21  MSE A O   1 
HETATM 175  C  CB  . MSE A 1 22  ? 3.227   -7.328  1.782   1.00 11.83 ? 21  MSE A CB  1 
HETATM 176  C  CG  . MSE A 1 22  ? 3.937   -6.119  2.348   1.00 16.42 ? 21  MSE A CG  1 
HETATM 177  SE SE  . MSE A 1 22  ? 2.809   -4.548  2.441   0.75 20.19 ? 21  MSE A SE  1 
HETATM 178  C  CE  . MSE A 1 22  ? 1.671   -5.094  3.942   1.00 15.38 ? 21  MSE A CE  1 
ATOM   179  N  N   . PHE A 1 23  ? 3.317   -9.100  4.309   1.00 13.27 ? 22  PHE A N   1 
ATOM   180  C  CA  . PHE A 1 23  ? 3.587   -9.315  5.735   1.00 11.76 ? 22  PHE A CA  1 
ATOM   181  C  C   . PHE A 1 23  ? 4.308   -10.627 6.027   1.00 12.39 ? 22  PHE A C   1 
ATOM   182  O  O   . PHE A 1 23  ? 5.157   -10.683 6.922   1.00 13.14 ? 22  PHE A O   1 
ATOM   183  C  CB  . PHE A 1 23  ? 2.285   -9.246  6.542   1.00 12.37 ? 22  PHE A CB  1 
ATOM   184  C  CG  . PHE A 1 23  ? 1.776   -7.847  6.807   1.00 10.58 ? 22  PHE A CG  1 
ATOM   185  C  CD1 . PHE A 1 23  ? 2.605   -6.879  7.372   1.00 12.87 ? 22  PHE A CD1 1 
ATOM   186  C  CD2 . PHE A 1 23  ? 0.456   -7.516  6.537   1.00 13.19 ? 22  PHE A CD2 1 
ATOM   187  C  CE1 . PHE A 1 23  ? 2.129   -5.620  7.659   1.00 16.35 ? 22  PHE A CE1 1 
ATOM   188  C  CE2 . PHE A 1 23  ? -0.021  -6.248  6.810   1.00 11.99 ? 22  PHE A CE2 1 
ATOM   189  C  CZ  . PHE A 1 23  ? 0.819   -5.303  7.375   1.00 11.77 ? 22  PHE A CZ  1 
ATOM   190  N  N   . ARG A 1 24  ? 3.982   -11.694 5.306   1.00 12.03 ? 23  ARG A N   1 
ATOM   191  C  CA  . ARG A 1 24  ? 4.639   -12.976 5.530   1.00 13.76 ? 23  ARG A CA  1 
ATOM   192  C  C   . ARG A 1 24  ? 6.110   -12.840 5.203   1.00 13.44 ? 23  ARG A C   1 
ATOM   193  O  O   . ARG A 1 24  ? 6.976   -13.278 5.963   1.00 11.81 ? 23  ARG A O   1 
ATOM   194  C  CB  . ARG A 1 24  ? 4.017   -14.061 4.659   1.00 13.59 ? 23  ARG A CB  1 
ATOM   195  C  CG  . ARG A 1 24  ? 4.644   -15.431 4.803   1.00 18.10 ? 23  ARG A CG  1 
ATOM   196  C  CD  . ARG A 1 24  ? 3.902   -16.464 3.957   1.00 21.59 ? 23  ARG A CD  1 
ATOM   197  N  NE  . ARG A 1 24  ? 3.840   -16.061 2.548   1.00 36.80 ? 23  ARG A NE  1 
ATOM   198  C  CZ  . ARG A 1 24  ? 2.834   -16.327 1.710   1.00 44.71 ? 23  ARG A CZ  1 
ATOM   199  N  NH1 . ARG A 1 24  ? 1.772   -17.035 2.104   1.00 53.58 ? 23  ARG A NH1 1 
ATOM   200  N  NH2 . ARG A 1 24  ? 2.892   -15.885 0.454   1.00 42.00 ? 23  ARG A NH2 1 
ATOM   201  N  N   . GLU A 1 25  ? 6.398   -12.205 4.072   1.00 11.80 ? 24  GLU A N   1 
ATOM   202  C  CA  A GLU A 1 25  ? 7.784   -12.050 3.630   0.50 12.12 ? 24  GLU A CA  1 
ATOM   203  C  CA  B GLU A 1 25  ? 7.782   -12.038 3.636   0.50 12.69 ? 24  GLU A CA  1 
ATOM   204  C  C   . GLU A 1 25  ? 8.559   -11.125 4.575   1.00 12.90 ? 24  GLU A C   1 
ATOM   205  O  O   . GLU A 1 25  ? 9.778   -11.259 4.718   1.00 13.30 ? 24  GLU A O   1 
ATOM   206  C  CB  A GLU A 1 25  ? 7.845   -11.582 2.162   0.50 12.21 ? 24  GLU A CB  1 
ATOM   207  C  CB  B GLU A 1 25  ? 7.835   -11.495 2.211   0.50 13.18 ? 24  GLU A CB  1 
ATOM   208  C  CG  A GLU A 1 25  ? 7.564   -12.711 1.148   0.50 10.40 ? 24  GLU A CG  1 
ATOM   209  C  CG  B GLU A 1 25  ? 9.246   -11.232 1.727   0.50 13.45 ? 24  GLU A CG  1 
ATOM   210  C  CD  A GLU A 1 25  ? 7.328   -12.221 -0.291  0.50 11.59 ? 24  GLU A CD  1 
ATOM   211  C  CD  B GLU A 1 25  ? 9.319   -11.007 0.243   0.50 15.78 ? 24  GLU A CD  1 
ATOM   212  O  OE1 A GLU A 1 25  ? 7.799   -11.117 -0.602  0.50 11.12 ? 24  GLU A OE1 1 
ATOM   213  O  OE1 B GLU A 1 25  ? 8.273   -10.715 -0.365  0.50 16.74 ? 24  GLU A OE1 1 
ATOM   214  O  OE2 A GLU A 1 25  ? 6.690   -12.942 -1.104  0.50 3.29  ? 24  GLU A OE2 1 
ATOM   215  O  OE2 B GLU A 1 25  ? 10.432  -11.122 -0.309  0.50 12.55 ? 24  GLU A OE2 1 
ATOM   216  N  N   . ALA A 1 26  ? 7.858   -10.219 5.238   1.00 12.56 ? 25  ALA A N   1 
ATOM   217  C  CA  . ALA A 1 26  ? 8.458   -9.328  6.224   1.00 14.64 ? 25  ALA A CA  1 
ATOM   218  C  C   . ALA A 1 26  ? 8.622   -9.995  7.604   1.00 16.27 ? 25  ALA A C   1 
ATOM   219  O  O   . ALA A 1 26  ? 9.150   -9.382  8.525   1.00 20.54 ? 25  ALA A O   1 
ATOM   220  C  CB  . ALA A 1 26  ? 7.642   -8.089  6.358   1.00 15.13 ? 25  ALA A CB  1 
ATOM   221  N  N   . GLY A 1 27  ? 8.174   -11.234 7.749   1.00 14.26 ? 26  GLY A N   1 
ATOM   222  C  CA  . GLY A 1 27  ? 8.427   -12.014 8.972   1.00 14.50 ? 26  GLY A CA  1 
ATOM   223  C  C   . GLY A 1 27  ? 7.313   -12.027 10.015  1.00 15.51 ? 26  GLY A C   1 
ATOM   224  O  O   . GLY A 1 27  ? 7.537   -12.486 11.159  1.00 14.82 ? 26  GLY A O   1 
ATOM   225  N  N   . ARG A 1 28  ? 6.124   -11.557 9.647   1.00 13.53 ? 27  ARG A N   1 
ATOM   226  C  CA  . ARG A 1 28  ? 4.963   -11.664 10.534  1.00 15.16 ? 27  ARG A CA  1 
ATOM   227  C  C   . ARG A 1 28  ? 4.507   -13.108 10.623  1.00 14.39 ? 27  ARG A C   1 
ATOM   228  O  O   . ARG A 1 28  ? 4.637   -13.864 9.668   1.00 14.23 ? 27  ARG A O   1 
ATOM   229  C  CB  . ARG A 1 28  ? 3.811   -10.784 10.078  1.00 13.87 ? 27  ARG A CB  1 
ATOM   230  C  CG  . ARG A 1 28  ? 4.114   -9.282  9.972   1.00 20.48 ? 27  ARG A CG  1 
ATOM   231  C  CD  . ARG A 1 28  ? 4.874   -8.660  11.146  1.00 24.99 ? 27  ARG A CD  1 
ATOM   232  N  NE  . ARG A 1 28  ? 4.059   -8.325  12.320  1.00 30.96 ? 27  ARG A NE  1 
ATOM   233  C  CZ  . ARG A 1 28  ? 3.659   -7.095  12.674  1.00 32.40 ? 27  ARG A CZ  1 
ATOM   234  N  NH1 . ARG A 1 28  ? 3.916   -6.021  11.929  1.00 35.88 ? 27  ARG A NH1 1 
ATOM   235  N  NH2 . ARG A 1 28  ? 2.949   -6.943  13.780  1.00 29.70 ? 27  ARG A NH2 1 
ATOM   236  N  N   . ASP A 1 29  ? 3.981   -13.483 11.788  1.00 17.12 ? 28  ASP A N   1 
ATOM   237  C  CA  . ASP A 1 29  ? 3.532   -14.854 12.042  1.00 19.54 ? 28  ASP A CA  1 
ATOM   238  C  C   . ASP A 1 29  ? 2.390   -15.251 11.142  1.00 16.95 ? 28  ASP A C   1 
ATOM   239  O  O   . ASP A 1 29  ? 1.427   -14.520 11.007  1.00 14.80 ? 28  ASP A O   1 
ATOM   240  C  CB  . ASP A 1 29  ? 3.060   -15.005 13.494  1.00 22.30 ? 28  ASP A CB  1 
ATOM   241  C  CG  . ASP A 1 29  ? 4.191   -15.304 14.454  1.00 33.96 ? 28  ASP A CG  1 
ATOM   242  O  OD1 . ASP A 1 29  ? 5.345   -15.513 14.011  1.00 44.82 ? 28  ASP A OD1 1 
ATOM   243  O  OD2 . ASP A 1 29  ? 3.915   -15.344 15.671  1.00 45.30 ? 28  ASP A OD2 1 
ATOM   244  N  N   . ALA A 1 30  ? 2.495   -16.437 10.563  1.00 18.04 ? 29  ALA A N   1 
ATOM   245  C  CA  . ALA A 1 30  ? 1.497   -16.938 9.626   1.00 18.38 ? 29  ALA A CA  1 
ATOM   246  C  C   . ALA A 1 30  ? 0.136   -17.058 10.306  1.00 16.26 ? 29  ALA A C   1 
ATOM   247  O  O   . ALA A 1 30  ? -0.903  -16.760 9.704   1.00 14.52 ? 29  ALA A O   1 
ATOM   248  C  CB  . ALA A 1 30  ? 1.936   -18.284 9.059   1.00 19.87 ? 29  ALA A CB  1 
ATOM   249  N  N   . LEU A 1 31  ? 0.144   -17.451 11.576  1.00 15.84 ? 30  LEU A N   1 
ATOM   250  C  CA  A LEU A 1 31  ? -1.092  -17.607 12.317  0.50 14.17 ? 30  LEU A CA  1 
ATOM   251  C  CA  B LEU A 1 31  ? -1.105  -17.589 12.338  0.50 15.30 ? 30  LEU A CA  1 
ATOM   252  C  C   . LEU A 1 31  ? -1.769  -16.250 12.575  1.00 14.20 ? 30  LEU A C   1 
ATOM   253  O  O   . LEU A 1 31  ? -2.992  -16.129 12.538  1.00 12.86 ? 30  LEU A O   1 
ATOM   254  C  CB  A LEU A 1 31  ? -0.810  -18.358 13.619  0.50 14.39 ? 30  LEU A CB  1 
ATOM   255  C  CB  B LEU A 1 31  ? -0.884  -18.259 13.698  0.50 15.97 ? 30  LEU A CB  1 
ATOM   256  C  CG  A LEU A 1 31  ? -1.988  -19.019 14.299  0.50 8.88  ? 30  LEU A CG  1 
ATOM   257  C  CG  B LEU A 1 31  ? -1.024  -19.766 13.793  0.50 14.59 ? 30  LEU A CG  1 
ATOM   258  C  CD1 A LEU A 1 31  ? -2.722  -19.941 13.338  0.50 9.38  ? 30  LEU A CD1 1 
ATOM   259  C  CD1 B LEU A 1 31  ? -0.872  -20.167 15.249  0.50 15.89 ? 30  LEU A CD1 1 
ATOM   260  C  CD2 A LEU A 1 31  ? -1.481  -19.779 15.522  0.50 12.53 ? 30  LEU A CD2 1 
ATOM   261  C  CD2 B LEU A 1 31  ? -2.363  -20.243 13.230  0.50 16.97 ? 30  LEU A CD2 1 
ATOM   262  N  N   . THR A 1 32  ? -0.972  -15.228 12.837  1.00 13.53 ? 31  THR A N   1 
ATOM   263  C  CA  . THR A 1 32  ? -1.507  -13.911 13.011  1.00 12.16 ? 31  THR A CA  1 
ATOM   264  C  C   . THR A 1 32  ? -2.133  -13.402 11.696  1.00 12.20 ? 31  THR A C   1 
ATOM   265  O  O   . THR A 1 32  ? -3.189  -12.772 11.707  1.00 11.07 ? 31  THR A O   1 
ATOM   266  C  CB  . THR A 1 32  ? -0.390  -12.976 13.509  1.00 15.86 ? 31  THR A CB  1 
ATOM   267  O  OG1 . THR A 1 32  ? 0.227   -13.577 14.660  1.00 15.41 ? 31  THR A OG1 1 
ATOM   268  C  CG2 . THR A 1 32  ? -0.924  -11.624 13.868  1.00 20.48 ? 31  THR A CG2 1 
ATOM   269  N  N   . LEU A 1 33  ? -1.490  -13.689 10.568  1.00 9.99  ? 32  LEU A N   1 
ATOM   270  C  CA  . LEU A 1 33  ? -2.033  -13.281 9.260   1.00 9.75  ? 32  LEU A CA  1 
ATOM   271  C  C   . LEU A 1 33  ? -3.307  -14.054 8.952   1.00 8.56  ? 32  LEU A C   1 
ATOM   272  O  O   . LEU A 1 33  ? -4.209  -13.518 8.307   1.00 10.43 ? 32  LEU A O   1 
ATOM   273  C  CB  . LEU A 1 33  ? -1.006  -13.470 8.140   1.00 9.75  ? 32  LEU A CB  1 
ATOM   274  C  CG  . LEU A 1 33  ? 0.304   -12.689 8.375   1.00 13.87 ? 32  LEU A CG  1 
ATOM   275  C  CD1 . LEU A 1 33  ? 1.326   -13.001 7.290   1.00 14.75 ? 32  LEU A CD1 1 
ATOM   276  C  CD2 . LEU A 1 33  ? 0.033   -11.212 8.466   1.00 17.72 ? 32  LEU A CD2 1 
ATOM   277  N  N   . ALA A 1 34  ? -3.388  -15.294 9.437   1.00 10.12 ? 33  ALA A N   1 
ATOM   278  C  CA  . ALA A 1 34  ? -4.573  -16.113 9.248   1.00 10.05 ? 33  ALA A CA  1 
ATOM   279  C  C   . ALA A 1 34  ? -5.738  -15.508 10.038  1.00 9.39  ? 33  ALA A C   1 
ATOM   280  O  O   . ALA A 1 34  ? -6.879  -15.474 9.564   1.00 10.89 ? 33  ALA A O   1 
ATOM   281  C  CB  . ALA A 1 34  ? -4.312  -17.531 9.684   1.00 10.30 ? 33  ALA A CB  1 
ATOM   282  N  N   . ALA A 1 35  ? -5.444  -15.012 11.234  1.00 8.28  ? 34  ALA A N   1 
ATOM   283  C  CA  . ALA A 1 35  ? -6.461  -14.354 12.071  1.00 8.83  ? 34  ALA A CA  1 
ATOM   284  C  C   . ALA A 1 35  ? -6.950  -13.039 11.466  1.00 7.40  ? 34  ALA A C   1 
ATOM   285  O  O   . ALA A 1 35  ? -8.119  -12.654 11.639  1.00 10.77 ? 34  ALA A O   1 
ATOM   286  C  CB  . ALA A 1 35  ? -5.926  -14.122 13.459  1.00 9.27  ? 34  ALA A CB  1 
HETATM 287  N  N   . MSE A 1 36  ? -6.052  -12.346 10.778  1.00 8.70  ? 35  MSE A N   1 
HETATM 288  C  CA  . MSE A 1 36  ? -6.352  -11.087 10.103  1.00 9.93  ? 35  MSE A CA  1 
HETATM 289  C  C   . MSE A 1 36  ? -7.163  -11.244 8.823   1.00 10.27 ? 35  MSE A C   1 
HETATM 290  O  O   . MSE A 1 36  ? -7.803  -10.292 8.360   1.00 9.87  ? 35  MSE A O   1 
HETATM 291  C  CB  . MSE A 1 36  ? -5.027  -10.392 9.744   1.00 10.54 ? 35  MSE A CB  1 
HETATM 292  C  CG  . MSE A 1 36  ? -5.177  -9.031  9.112   1.00 11.77 ? 35  MSE A CG  1 
HETATM 293  SE SE  . MSE A 1 36  ? -3.476  -8.447  8.379   0.75 17.67 ? 35  MSE A SE  1 
HETATM 294  C  CE  . MSE A 1 36  ? -3.445  -9.662  6.910   1.00 19.67 ? 35  MSE A CE  1 
ATOM   295  N  N   . GLN A 1 37  ? -7.130  -12.443 8.240   1.00 10.08 ? 36  GLN A N   1 
ATOM   296  C  CA  . GLN A 1 37  ? -7.599  -12.643 6.867   1.00 12.34 ? 36  GLN A CA  1 
ATOM   297  C  C   . GLN A 1 37  ? -9.038  -12.187 6.665   1.00 11.40 ? 36  GLN A C   1 
ATOM   298  O  O   . GLN A 1 37  ? -9.326  -11.307 5.847   1.00 9.51  ? 36  GLN A O   1 
ATOM   299  C  CB  . GLN A 1 37  ? -7.437  -14.130 6.507   1.00 12.40 ? 36  GLN A CB  1 
ATOM   300  C  CG  . GLN A 1 37  ? -7.443  -14.470 5.064   1.00 23.13 ? 36  GLN A CG  1 
ATOM   301  C  CD  . GLN A 1 37  ? -7.099  -15.961 4.830   1.00 22.02 ? 36  GLN A CD  1 
ATOM   302  O  OE1 . GLN A 1 37  ? -7.515  -16.836 5.591   1.00 38.40 ? 36  GLN A OE1 1 
ATOM   303  N  NE2 . GLN A 1 37  ? -6.325  -16.231 3.781   1.00 39.03 ? 36  GLN A NE2 1 
ATOM   304  N  N   . ASP A 1 38  ? -9.958  -12.797 7.390   1.00 9.70  ? 37  ASP A N   1 
ATOM   305  C  CA  . ASP A 1 38  ? -11.378 -12.468 7.197   1.00 10.24 ? 37  ASP A CA  1 
ATOM   306  C  C   . ASP A 1 38  ? -11.726 -11.031 7.643   1.00 11.31 ? 37  ASP A C   1 
ATOM   307  O  O   . ASP A 1 38  ? -12.418 -10.314 6.919   1.00 12.78 ? 37  ASP A O   1 
ATOM   308  C  CB  . ASP A 1 38  ? -12.284 -13.535 7.831   1.00 8.66  ? 37  ASP A CB  1 
ATOM   309  C  CG  . ASP A 1 38  ? -12.167 -14.898 7.138   1.00 14.37 ? 37  ASP A CG  1 
ATOM   310  O  OD1 . ASP A 1 38  ? -11.743 -14.957 5.958   1.00 18.79 ? 37  ASP A OD1 1 
ATOM   311  O  OD2 . ASP A 1 38  ? -12.491 -15.921 7.780   1.00 16.05 ? 37  ASP A OD2 1 
ATOM   312  N  N   . PRO A 1 39  ? -11.265 -10.604 8.835   1.00 9.88  ? 38  PRO A N   1 
ATOM   313  C  CA  . PRO A 1 39  ? -11.442 -9.186  9.216   1.00 10.45 ? 38  PRO A CA  1 
ATOM   314  C  C   . PRO A 1 39  ? -10.953 -8.176  8.157   1.00 10.78 ? 38  PRO A C   1 
ATOM   315  O  O   . PRO A 1 39  ? -11.669 -7.224  7.815   1.00 10.27 ? 38  PRO A O   1 
ATOM   316  C  CB  . PRO A 1 39  ? -10.656 -9.085  10.524  1.00 11.47 ? 38  PRO A CB  1 
ATOM   317  C  CG  . PRO A 1 39  ? -10.795 -10.443 11.129  1.00 8.55  ? 38  PRO A CG  1 
ATOM   318  C  CD  . PRO A 1 39  ? -10.680 -11.390 9.942   1.00 9.75  ? 38  PRO A CD  1 
ATOM   319  N  N   . PHE A 1 40  ? -9.772  -8.402  7.595   1.00 10.42 ? 39  PHE A N   1 
ATOM   320  C  CA  . PHE A 1 40  ? -9.281  -7.500  6.549   1.00 8.94  ? 39  PHE A CA  1 
ATOM   321  C  C   . PHE A 1 40  ? -10.153 -7.499  5.285   1.00 9.72  ? 39  PHE A C   1 
ATOM   322  O  O   . PHE A 1 40  ? -10.453 -6.446  4.734   1.00 11.41 ? 39  PHE A O   1 
ATOM   323  C  CB  . PHE A 1 40  ? -7.809  -7.757  6.173   1.00 9.63  ? 39  PHE A CB  1 
ATOM   324  C  CG  . PHE A 1 40  ? -7.350  -6.851  5.089   1.00 8.27  ? 39  PHE A CG  1 
ATOM   325  C  CD1 . PHE A 1 40  ? -7.057  -5.541  5.368   1.00 10.25 ? 39  PHE A CD1 1 
ATOM   326  C  CD2 . PHE A 1 40  ? -7.326  -7.272  3.767   1.00 7.38  ? 39  PHE A CD2 1 
ATOM   327  C  CE1 . PHE A 1 40  ? -6.714  -4.657  4.353   1.00 10.44 ? 39  PHE A CE1 1 
ATOM   328  C  CE2 . PHE A 1 40  ? -6.954  -6.389  2.748   1.00 11.49 ? 39  PHE A CE2 1 
ATOM   329  C  CZ  . PHE A 1 40  ? -6.647  -5.090  3.050   1.00 11.67 ? 39  PHE A CZ  1 
ATOM   330  N  N   . ARG A 1 41  ? -10.545 -8.679  4.816   1.00 11.91 ? 40  ARG A N   1 
ATOM   331  C  CA  . ARG A 1 41  ? -11.394 -8.773  3.623   1.00 12.62 ? 40  ARG A CA  1 
ATOM   332  C  C   . ARG A 1 41  ? -12.709 -8.030  3.840   1.00 12.94 ? 40  ARG A C   1 
ATOM   333  O  O   . ARG A 1 41  ? -13.164 -7.292  2.963   1.00 13.46 ? 40  ARG A O   1 
ATOM   334  C  CB  . ARG A 1 41  ? -11.670 -10.237 3.289   1.00 12.07 ? 40  ARG A CB  1 
ATOM   335  C  CG  . ARG A 1 41  ? -12.450 -10.495 2.015   1.00 19.93 ? 40  ARG A CG  1 
ATOM   336  C  CD  . ARG A 1 41  ? -12.480 -11.990 1.754   1.00 25.14 ? 40  ARG A CD  1 
ATOM   337  N  NE  . ARG A 1 41  ? -12.935 -12.357 0.413   1.00 38.30 ? 40  ARG A NE  1 
ATOM   338  C  CZ  . ARG A 1 41  ? -12.155 -12.721 -0.616  1.00 43.61 ? 40  ARG A CZ  1 
ATOM   339  N  NH1 . ARG A 1 41  ? -10.822 -12.762 -0.520  1.00 42.21 ? 40  ARG A NH1 1 
ATOM   340  N  NH2 . ARG A 1 41  ? -12.733 -13.045 -1.773  1.00 46.20 ? 40  ARG A NH2 1 
ATOM   341  N  N   . ASP A 1 42  ? -13.307 -8.222  5.011   1.00 12.72 ? 41  ASP A N   1 
ATOM   342  C  CA  . ASP A 1 42  ? -14.584 -7.580  5.350   1.00 14.78 ? 41  ASP A CA  1 
ATOM   343  C  C   . ASP A 1 42  ? -14.446 -6.067  5.452   1.00 15.42 ? 41  ASP A C   1 
ATOM   344  O  O   . ASP A 1 42  ? -15.359 -5.333  5.083   1.00 16.63 ? 41  ASP A O   1 
ATOM   345  C  CB  . ASP A 1 42  ? -15.157 -8.145  6.660   1.00 14.98 ? 41  ASP A CB  1 
ATOM   346  C  CG  . ASP A 1 42  ? -15.524 -9.631  6.559   1.00 16.01 ? 41  ASP A CG  1 
ATOM   347  O  OD1 . ASP A 1 42  ? -15.544 -10.200 5.451   1.00 21.43 ? 41  ASP A OD1 1 
ATOM   348  O  OD2 . ASP A 1 42  ? -15.794 -10.244 7.611   1.00 20.52 ? 41  ASP A OD2 1 
ATOM   349  N  N   . TRP A 1 43  ? -13.286 -5.611  5.911   1.00 11.69 ? 42  TRP A N   1 
ATOM   350  C  CA  . TRP A 1 43  ? -12.958 -4.192  5.985   1.00 13.88 ? 42  TRP A CA  1 
ATOM   351  C  C   . TRP A 1 43  ? -12.795 -3.623  4.571   1.00 13.71 ? 42  TRP A C   1 
ATOM   352  O  O   . TRP A 1 43  ? -13.249 -2.516  4.292   1.00 12.52 ? 42  TRP A O   1 
ATOM   353  C  CB  . TRP A 1 43  ? -11.666 -3.993  6.784   1.00 13.48 ? 42  TRP A CB  1 
ATOM   354  C  CG  . TRP A 1 43  ? -11.136 -2.581  6.833   1.00 15.93 ? 42  TRP A CG  1 
ATOM   355  C  CD1 . TRP A 1 43  ? -11.433 -1.619  7.760   1.00 15.84 ? 42  TRP A CD1 1 
ATOM   356  C  CD2 . TRP A 1 43  ? -10.196 -1.986  5.928   1.00 12.95 ? 42  TRP A CD2 1 
ATOM   357  N  NE1 . TRP A 1 43  ? -10.746 -0.468  7.483   1.00 14.79 ? 42  TRP A NE1 1 
ATOM   358  C  CE2 . TRP A 1 43  ? -9.991  -0.655  6.358   1.00 15.82 ? 42  TRP A CE2 1 
ATOM   359  C  CE3 . TRP A 1 43  ? -9.531  -2.440  4.791   1.00 12.30 ? 42  TRP A CE3 1 
ATOM   360  C  CZ2 . TRP A 1 43  ? -9.149  0.206   5.700   1.00 13.70 ? 42  TRP A CZ2 1 
ATOM   361  C  CZ3 . TRP A 1 43  ? -8.704  -1.577  4.121   1.00 13.49 ? 42  TRP A CZ3 1 
ATOM   362  C  CH2 . TRP A 1 43  ? -8.518  -0.268  4.571   1.00 16.17 ? 42  TRP A CH2 1 
ATOM   363  N  N   . LEU A 1 44  ? -12.101 -4.360  3.704   1.00 11.70 ? 43  LEU A N   1 
ATOM   364  C  CA  . LEU A 1 44  ? -11.731 -3.835  2.388   1.00 11.84 ? 43  LEU A CA  1 
ATOM   365  C  C   . LEU A 1 44  ? -12.921 -3.726  1.434   1.00 13.09 ? 43  LEU A C   1 
ATOM   366  O  O   . LEU A 1 44  ? -13.013 -2.781  0.628   1.00 13.37 ? 43  LEU A O   1 
ATOM   367  C  CB  . LEU A 1 44  ? -10.649 -4.708  1.749   1.00 10.95 ? 43  LEU A CB  1 
ATOM   368  C  CG  . LEU A 1 44  ? -10.198 -4.330  0.338   1.00 9.64  ? 43  LEU A CG  1 
ATOM   369  C  CD1 . LEU A 1 44  ? -9.664  -2.897  0.336   1.00 15.71 ? 43  LEU A CD1 1 
ATOM   370  C  CD2 . LEU A 1 44  ? -9.146  -5.276  -0.172  1.00 13.67 ? 43  LEU A CD2 1 
ATOM   371  N  N   . LEU A 1 45  ? -13.800 -4.722  1.474   1.00 14.15 ? 44  LEU A N   1 
ATOM   372  C  CA  . LEU A 1 45  ? -14.897 -4.803  0.529   1.00 17.37 ? 44  LEU A CA  1 
ATOM   373  C  C   . LEU A 1 45  ? -15.660 -3.480  0.327   1.00 16.11 ? 44  LEU A C   1 
ATOM   374  O  O   . LEU A 1 45  ? -15.766 -3.012  -0.801  1.00 15.04 ? 44  LEU A O   1 
ATOM   375  C  CB  . LEU A 1 45  ? -15.845 -5.943  0.927   1.00 18.61 ? 44  LEU A CB  1 
ATOM   376  C  CG  . LEU A 1 45  ? -17.121 -6.166  0.121   1.00 22.25 ? 44  LEU A CG  1 
ATOM   377  C  CD1 . LEU A 1 45  ? -16.816 -6.699  -1.246  1.00 28.28 ? 44  LEU A CD1 1 
ATOM   378  C  CD2 . LEU A 1 45  ? -18.017 -7.143  0.879   1.00 25.21 ? 44  LEU A CD2 1 
ATOM   379  N  N   . PRO A 1 46  ? -16.217 -2.888  1.399   1.00 16.86 ? 45  PRO A N   1 
ATOM   380  C  CA  . PRO A 1 46  ? -16.958 -1.636  1.190   1.00 16.10 ? 45  PRO A CA  1 
ATOM   381  C  C   . PRO A 1 46  ? -16.108 -0.447  0.768   1.00 15.36 ? 45  PRO A C   1 
ATOM   382  O  O   . PRO A 1 46  ? -16.632 0.509   0.193   1.00 15.04 ? 45  PRO A O   1 
ATOM   383  C  CB  . PRO A 1 46  ? -17.573 -1.361  2.562   1.00 17.69 ? 45  PRO A CB  1 
ATOM   384  C  CG  . PRO A 1 46  ? -16.706 -2.098  3.513   1.00 16.91 ? 45  PRO A CG  1 
ATOM   385  C  CD  . PRO A 1 46  ? -16.273 -3.321  2.812   1.00 14.87 ? 45  PRO A CD  1 
ATOM   386  N  N   . ARG A 1 47  ? -14.812 -0.493  1.069   1.00 14.50 ? 46  ARG A N   1 
ATOM   387  C  CA  . ARG A 1 47  ? -13.920 0.599   0.769   1.00 13.41 ? 46  ARG A CA  1 
ATOM   388  C  C   . ARG A 1 47  ? -13.410 0.559   -0.669  1.00 13.70 ? 46  ARG A C   1 
ATOM   389  O  O   . ARG A 1 47  ? -13.133 1.603   -1.235  1.00 14.13 ? 46  ARG A O   1 
ATOM   390  C  CB  . ARG A 1 47  ? -12.757 0.585   1.749   1.00 14.56 ? 46  ARG A CB  1 
ATOM   391  C  CG  . ARG A 1 47  ? -13.223 0.905   3.158   1.00 14.47 ? 46  ARG A CG  1 
ATOM   392  C  CD  . ARG A 1 47  ? -12.138 0.794   4.166   1.00 17.55 ? 46  ARG A CD  1 
ATOM   393  N  NE  . ARG A 1 47  ? -12.586 1.377   5.435   1.00 18.97 ? 46  ARG A NE  1 
ATOM   394  C  CZ  . ARG A 1 47  ? -13.445 0.802   6.276   1.00 23.17 ? 46  ARG A CZ  1 
ATOM   395  N  NH1 . ARG A 1 47  ? -13.964 -0.408  6.035   1.00 19.18 ? 46  ARG A NH1 1 
ATOM   396  N  NH2 . ARG A 1 47  ? -13.786 1.442   7.390   1.00 26.23 ? 46  ARG A NH2 1 
ATOM   397  N  N   . LEU A 1 48  ? -13.269 -0.627  -1.254  1.00 15.36 ? 47  LEU A N   1 
ATOM   398  C  CA  . LEU A 1 48  ? -13.095 -0.727  -2.714  1.00 17.63 ? 47  LEU A CA  1 
ATOM   399  C  C   . LEU A 1 48  ? -14.323 -0.183  -3.410  1.00 17.99 ? 47  LEU A C   1 
ATOM   400  O  O   . LEU A 1 48  ? -14.212 0.531   -4.403  1.00 19.46 ? 47  LEU A O   1 
ATOM   401  C  CB  . LEU A 1 48  ? -12.904 -2.173  -3.190  1.00 18.06 ? 47  LEU A CB  1 
ATOM   402  C  CG  . LEU A 1 48  ? -11.519 -2.780  -3.074  1.00 21.83 ? 47  LEU A CG  1 
ATOM   403  C  CD1 . LEU A 1 48  ? -11.579 -4.221  -3.551  1.00 19.33 ? 47  LEU A CD1 1 
ATOM   404  C  CD2 . LEU A 1 48  ? -10.494 -1.997  -3.878  1.00 24.07 ? 47  LEU A CD2 1 
ATOM   405  N  N   . ALA A 1 49  ? -15.489 -0.543  -2.879  1.00 16.61 ? 48  ALA A N   1 
ATOM   406  C  CA  . ALA A 1 49  ? -16.772 -0.137  -3.436  1.00 19.16 ? 48  ALA A CA  1 
ATOM   407  C  C   . ALA A 1 49  ? -16.945 1.365   -3.489  1.00 20.26 ? 48  ALA A C   1 
ATOM   408  O  O   . ALA A 1 49  ? -17.400 1.892   -4.501  1.00 21.69 ? 48  ALA A O   1 
ATOM   409  C  CB  . ALA A 1 49  ? -17.904 -0.746  -2.636  1.00 19.44 ? 48  ALA A CB  1 
ATOM   410  N  N   . ASP A 1 50  ? -16.584 2.054   -2.413  1.00 18.64 ? 49  ASP A N   1 
ATOM   411  C  CA  . ASP A 1 50  ? -16.792 3.503   -2.334  1.00 19.65 ? 49  ASP A CA  1 
ATOM   412  C  C   . ASP A 1 50  ? -15.573 4.325   -2.709  1.00 18.71 ? 49  ASP A C   1 
ATOM   413  O  O   . ASP A 1 50  ? -15.625 5.546   -2.644  1.00 18.85 ? 49  ASP A O   1 
ATOM   414  C  CB  . ASP A 1 50  ? -17.366 3.927   -0.969  1.00 19.43 ? 49  ASP A CB  1 
ATOM   415  C  CG  . ASP A 1 50  ? -16.371 3.877   0.172   1.00 22.14 ? 49  ASP A CG  1 
ATOM   416  O  OD1 . ASP A 1 50  ? -15.146 3.701   -0.010  1.00 16.67 ? 49  ASP A OD1 1 
ATOM   417  O  OD2 . ASP A 1 50  ? -16.839 4.041   1.313   1.00 22.24 ? 49  ASP A OD2 1 
ATOM   418  N  N   . GLY A 1 51  ? -14.481 3.669   -3.087  1.00 16.99 ? 50  GLY A N   1 
ATOM   419  C  CA  . GLY A 1 51  ? -13.272 4.359   -3.512  1.00 16.17 ? 50  GLY A CA  1 
ATOM   420  C  C   . GLY A 1 51  ? -12.364 4.867   -2.421  1.00 16.13 ? 50  GLY A C   1 
ATOM   421  O  O   . GLY A 1 51  ? -11.334 5.473   -2.714  1.00 15.36 ? 50  GLY A O   1 
ATOM   422  N  N   . SER A 1 52  ? -12.721 4.656   -1.159  1.00 14.13 ? 51  SER A N   1 
ATOM   423  C  CA  . SER A 1 52  ? -11.863 5.119   -0.073  1.00 13.72 ? 51  SER A CA  1 
ATOM   424  C  C   . SER A 1 52  ? -10.569 4.304   0.005   1.00 11.87 ? 51  SER A C   1 
ATOM   425  O  O   . SER A 1 52  ? -9.589  4.761   0.588   1.00 16.10 ? 51  SER A O   1 
ATOM   426  C  CB  . SER A 1 52  ? -12.604 5.162   1.267   1.00 14.11 ? 51  SER A CB  1 
ATOM   427  O  OG  . SER A 1 52  ? -13.145 3.928   1.624   1.00 15.17 ? 51  SER A OG  1 
ATOM   428  N  N   . TYR A 1 53  ? -10.573 3.084   -0.548  1.00 12.38 ? 52  TYR A N   1 
ATOM   429  C  CA  . TYR A 1 53  ? -9.348  2.354   -0.841  1.00 10.48 ? 52  TYR A CA  1 
ATOM   430  C  C   . TYR A 1 53  ? -9.177  2.307   -2.338  1.00 12.40 ? 52  TYR A C   1 
ATOM   431  O  O   . TYR A 1 53  ? -10.005 1.728   -3.053  1.00 10.21 ? 52  TYR A O   1 
ATOM   432  C  CB  . TYR A 1 53  ? -9.395  0.926   -0.279  1.00 11.39 ? 52  TYR A CB  1 
ATOM   433  C  CG  . TYR A 1 53  ? -8.093  0.161   -0.400  1.00 9.10  ? 52  TYR A CG  1 
ATOM   434  C  CD1 . TYR A 1 53  ? -7.702  -0.424  -1.598  1.00 10.54 ? 52  TYR A CD1 1 
ATOM   435  C  CD2 . TYR A 1 53  ? -7.237  0.024   0.684   1.00 9.34  ? 52  TYR A CD2 1 
ATOM   436  C  CE1 . TYR A 1 53  ? -6.499  -1.107  -1.694  1.00 9.50  ? 52  TYR A CE1 1 
ATOM   437  C  CE2 . TYR A 1 53  ? -6.040  -0.646  0.590   1.00 11.52 ? 52  TYR A CE2 1 
ATOM   438  C  CZ  . TYR A 1 53  ? -5.679  -1.233  -0.601  1.00 13.00 ? 52  TYR A CZ  1 
ATOM   439  O  OH  . TYR A 1 53  ? -4.495  -1.922  -0.725  1.00 12.67 ? 52  TYR A OH  1 
ATOM   440  N  N   . PHE A 1 54  ? -8.102  2.927   -2.808  1.00 9.42  ? 53  PHE A N   1 
ATOM   441  C  CA  . PHE A 1 54  ? -7.843  3.044   -4.225  1.00 11.71 ? 53  PHE A CA  1 
ATOM   442  C  C   . PHE A 1 54  ? -6.421  2.512   -4.455  1.00 12.73 ? 53  PHE A C   1 
ATOM   443  O  O   . PHE A 1 54  ? -5.724  2.138   -3.524  1.00 13.12 ? 53  PHE A O   1 
ATOM   444  C  CB  . PHE A 1 54  ? -8.021  4.498   -4.690  1.00 14.66 ? 53  PHE A CB  1 
ATOM   445  C  CG  . PHE A 1 54  ? -7.730  4.709   -6.165  1.00 22.11 ? 53  PHE A CG  1 
ATOM   446  C  CD1 . PHE A 1 54  ? -8.575  4.190   -7.146  1.00 28.62 ? 53  PHE A CD1 1 
ATOM   447  C  CD2 . PHE A 1 54  ? -6.588  5.412   -6.575  1.00 24.59 ? 53  PHE A CD2 1 
ATOM   448  C  CE1 . PHE A 1 54  ? -8.296  4.375   -8.520  1.00 23.46 ? 53  PHE A CE1 1 
ATOM   449  C  CE2 . PHE A 1 54  ? -6.303  5.589   -7.942  1.00 20.22 ? 53  PHE A CE2 1 
ATOM   450  C  CZ  . PHE A 1 54  ? -7.165  5.061   -8.910  1.00 20.66 ? 53  PHE A CZ  1 
ATOM   451  N  N   . GLY A 1 55  ? -6.005  2.425   -5.702  1.00 14.44 ? 54  GLY A N   1 
ATOM   452  C  CA  . GLY A 1 55  ? -4.644  2.038   -5.986  1.00 11.89 ? 54  GLY A CA  1 
ATOM   453  C  C   . GLY A 1 55  ? -4.468  1.629   -7.417  1.00 10.51 ? 54  GLY A C   1 
ATOM   454  O  O   . GLY A 1 55  ? -5.320  1.918   -8.280  1.00 10.39 ? 54  GLY A O   1 
ATOM   455  N  N   . TRP A 1 56  ? -3.377  0.907   -7.660  1.00 11.40 ? 55  TRP A N   1 
ATOM   456  C  CA  . TRP A 1 56  ? -2.965  0.601   -9.010  1.00 11.73 ? 55  TRP A CA  1 
ATOM   457  C  C   . TRP A 1 56  ? -2.443  -0.820  -9.055  1.00 11.47 ? 55  TRP A C   1 
ATOM   458  O  O   . TRP A 1 56  ? -1.882  -1.317  -8.064  1.00 8.53  ? 55  TRP A O   1 
ATOM   459  C  CB  . TRP A 1 56  ? -1.862  1.570   -9.449  1.00 14.04 ? 55  TRP A CB  1 
ATOM   460  C  CG  . TRP A 1 56  ? -2.193  3.029   -9.286  1.00 13.68 ? 55  TRP A CG  1 
ATOM   461  C  CD1 . TRP A 1 56  ? -1.858  3.844   -8.233  1.00 17.72 ? 55  TRP A CD1 1 
ATOM   462  C  CD2 . TRP A 1 56  ? -2.912  3.845   -10.210 1.00 13.05 ? 55  TRP A CD2 1 
ATOM   463  N  NE1 . TRP A 1 56  ? -2.337  5.124   -8.450  1.00 17.29 ? 55  TRP A NE1 1 
ATOM   464  C  CE2 . TRP A 1 56  ? -2.993  5.144   -9.654  1.00 15.93 ? 55  TRP A CE2 1 
ATOM   465  C  CE3 . TRP A 1 56  ? -3.513  3.599   -11.444 1.00 15.65 ? 55  TRP A CE3 1 
ATOM   466  C  CZ2 . TRP A 1 56  ? -3.639  6.197   -10.310 1.00 18.25 ? 55  TRP A CZ2 1 
ATOM   467  C  CZ3 . TRP A 1 56  ? -4.143  4.650   -12.105 1.00 15.85 ? 55  TRP A CZ3 1 
ATOM   468  C  CH2 . TRP A 1 56  ? -4.209  5.924   -11.533 1.00 15.24 ? 55  TRP A CH2 1 
ATOM   469  N  N   . VAL A 1 57  ? -2.609  -1.460  -10.203 1.00 11.40 ? 56  VAL A N   1 
ATOM   470  C  CA  . VAL A 1 57  ? -2.136  -2.823  -10.439 1.00 10.29 ? 56  VAL A CA  1 
ATOM   471  C  C   . VAL A 1 57  ? -1.184  -2.823  -11.648 1.00 10.87 ? 56  VAL A C   1 
ATOM   472  O  O   . VAL A 1 57  ? -1.486  -2.219  -12.672 1.00 10.03 ? 56  VAL A O   1 
ATOM   473  C  CB  . VAL A 1 57  ? -3.332  -3.764  -10.695 1.00 10.56 ? 56  VAL A CB  1 
ATOM   474  C  CG1 . VAL A 1 57  ? -2.882  -5.168  -11.000 1.00 15.71 ? 56  VAL A CG1 1 
ATOM   475  C  CG2 . VAL A 1 57  ? -4.291  -3.750  -9.478  1.00 16.69 ? 56  VAL A CG2 1 
HETATM 476  N  N   . MSE A 1 58  ? -0.023  -3.469  -11.524 1.00 9.70  ? 57  MSE A N   1 
HETATM 477  C  CA  . MSE A 1 58  ? 0.869   -3.681  -12.668 1.00 10.01 ? 57  MSE A CA  1 
HETATM 478  C  C   . MSE A 1 58  ? 0.639   -5.076  -13.245 1.00 9.30  ? 57  MSE A C   1 
HETATM 479  O  O   . MSE A 1 58  ? 0.666   -6.078  -12.521 1.00 9.81  ? 57  MSE A O   1 
HETATM 480  C  CB  . MSE A 1 58  ? 2.339   -3.543  -12.268 1.00 10.47 ? 57  MSE A CB  1 
HETATM 481  C  CG  . MSE A 1 58  ? 3.301   -3.486  -13.431 1.00 14.14 ? 57  MSE A CG  1 
HETATM 482  SE SE  . MSE A 1 58  ? 3.185   -1.739  -14.318 0.75 22.31 ? 57  MSE A SE  1 
HETATM 483  C  CE  . MSE A 1 58  ? 4.003   -0.666  -12.968 1.00 21.64 ? 57  MSE A CE  1 
ATOM   484  N  N   . GLU A 1 59  ? 0.424   -5.131  -14.552 1.00 10.86 ? 58  GLU A N   1 
ATOM   485  C  CA  . GLU A 1 59  ? 0.123   -6.372  -15.250 1.00 9.49  ? 58  GLU A CA  1 
ATOM   486  C  C   . GLU A 1 59  ? 1.089   -6.640  -16.396 1.00 9.49  ? 58  GLU A C   1 
ATOM   487  O  O   . GLU A 1 59  ? 1.558   -5.715  -17.045 1.00 13.00 ? 58  GLU A O   1 
ATOM   488  C  CB  . GLU A 1 59  ? -1.283  -6.329  -15.848 1.00 12.64 ? 58  GLU A CB  1 
ATOM   489  C  CG  . GLU A 1 59  ? -2.361  -6.026  -14.874 1.00 17.47 ? 58  GLU A CG  1 
ATOM   490  C  CD  . GLU A 1 59  ? -3.718  -6.194  -15.487 1.00 14.73 ? 58  GLU A CD  1 
ATOM   491  O  OE1 . GLU A 1 59  ? -3.901  -5.779  -16.649 1.00 21.34 ? 58  GLU A OE1 1 
ATOM   492  O  OE2 . GLU A 1 59  ? -4.588  -6.751  -14.802 1.00 20.15 ? 58  GLU A OE2 1 
ATOM   493  N  N   . GLU A 1 60  ? 1.390   -7.920  -16.585 1.00 9.77  ? 59  GLU A N   1 
ATOM   494  C  CA  A GLU A 1 60  ? 2.183   -8.401  -17.704 0.50 10.40 ? 59  GLU A CA  1 
ATOM   495  C  CA  B GLU A 1 60  ? 2.184   -8.400  -17.695 0.50 10.65 ? 59  GLU A CA  1 
ATOM   496  C  C   . GLU A 1 60  ? 1.227   -9.157  -18.608 1.00 10.66 ? 59  GLU A C   1 
ATOM   497  O  O   . GLU A 1 60  ? 0.678   -10.182 -18.221 1.00 10.79 ? 59  GLU A O   1 
ATOM   498  C  CB  A GLU A 1 60  ? 3.314   -9.337  -17.233 0.50 10.28 ? 59  GLU A CB  1 
ATOM   499  C  CB  B GLU A 1 60  ? 3.299   -9.323  -17.175 0.50 10.86 ? 59  GLU A CB  1 
ATOM   500  C  CG  A GLU A 1 60  ? 4.022   -10.076 -18.366 0.50 12.70 ? 59  GLU A CG  1 
ATOM   501  C  CG  B GLU A 1 60  ? 4.497   -9.465  -18.084 0.50 14.55 ? 59  GLU A CG  1 
ATOM   502  C  CD  A GLU A 1 60  ? 5.211   -10.904 -17.910 0.50 10.66 ? 59  GLU A CD  1 
ATOM   503  C  CD  B GLU A 1 60  ? 5.744   -9.896  -17.337 0.50 11.79 ? 59  GLU A CD  1 
ATOM   504  O  OE1 A GLU A 1 60  ? 5.448   -10.980 -16.694 0.50 5.50  ? 59  GLU A OE1 1 
ATOM   505  O  OE1 B GLU A 1 60  ? 6.395   -9.029  -16.731 0.50 20.79 ? 59  GLU A OE1 1 
ATOM   506  O  OE2 A GLU A 1 60  ? 5.912   -11.480 -18.782 0.50 12.12 ? 59  GLU A OE2 1 
ATOM   507  O  OE2 B GLU A 1 60  ? 6.092   -11.093 -17.367 0.50 4.01  ? 59  GLU A OE2 1 
ATOM   508  N  N   . GLY A 1 61  ? 1.004   -8.641  -19.806 1.00 13.05 ? 60  GLY A N   1 
ATOM   509  C  CA  . GLY A 1 61  ? 0.060   -9.271  -20.711 1.00 14.32 ? 60  GLY A CA  1 
ATOM   510  C  C   . GLY A 1 61  ? -1.264  -9.569  -20.042 1.00 13.91 ? 60  GLY A C   1 
ATOM   511  O  O   . GLY A 1 61  ? -1.812  -10.651 -20.223 1.00 15.42 ? 60  GLY A O   1 
ATOM   512  N  N   . GLY A 1 62  ? -1.766  -8.624  -19.249 1.00 13.42 ? 61  GLY A N   1 
ATOM   513  C  CA  . GLY A 1 62  ? -3.044  -8.803  -18.556 1.00 13.58 ? 61  GLY A CA  1 
ATOM   514  C  C   . GLY A 1 62  ? -3.034  -9.578  -17.233 1.00 13.22 ? 61  GLY A C   1 
ATOM   515  O  O   . GLY A 1 62  ? -4.078  -9.699  -16.587 1.00 14.40 ? 61  GLY A O   1 
ATOM   516  N  N   . ALA A 1 63  ? -1.877  -10.104 -16.816 1.00 13.02 ? 62  ALA A N   1 
ATOM   517  C  CA  . ALA A 1 63  ? -1.768  -10.864 -15.550 1.00 11.60 ? 62  ALA A CA  1 
ATOM   518  C  C   . ALA A 1 63  ? -1.163  -9.987  -14.444 1.00 11.96 ? 62  ALA A C   1 
ATOM   519  O  O   . ALA A 1 63  ? -0.044  -9.515  -14.600 1.00 10.43 ? 62  ALA A O   1 
ATOM   520  C  CB  . ALA A 1 63  ? -0.893  -12.085 -15.744 1.00 12.64 ? 62  ALA A CB  1 
ATOM   521  N  N   . PRO A 1 64  ? -1.896  -9.762  -13.341 1.00 13.68 ? 63  PRO A N   1 
ATOM   522  C  CA  . PRO A 1 64  ? -1.383  -8.925  -12.267 1.00 14.64 ? 63  PRO A CA  1 
ATOM   523  C  C   . PRO A 1 64  ? -0.132  -9.495  -11.606 1.00 14.61 ? 63  PRO A C   1 
ATOM   524  O  O   . PRO A 1 64  ? -0.146  -10.645 -11.166 1.00 16.42 ? 63  PRO A O   1 
ATOM   525  C  CB  . PRO A 1 64  ? -2.551  -8.876  -11.268 1.00 16.31 ? 63  PRO A CB  1 
ATOM   526  C  CG  . PRO A 1 64  ? -3.755  -9.208  -12.087 1.00 21.18 ? 63  PRO A CG  1 
ATOM   527  C  CD  . PRO A 1 64  ? -3.254  -10.242 -13.029 1.00 15.94 ? 63  PRO A CD  1 
ATOM   528  N  N   . LEU A 1 65  ? 0.921   -8.674  -11.556 1.00 11.62 ? 64  LEU A N   1 
ATOM   529  C  CA  . LEU A 1 65  ? 2.216   -9.020  -10.961 1.00 13.96 ? 64  LEU A CA  1 
ATOM   530  C  C   . LEU A 1 65  ? 2.516   -8.215  -9.699  1.00 12.92 ? 64  LEU A C   1 
ATOM   531  O  O   . LEU A 1 65  ? 3.413   -8.563  -8.937  1.00 11.11 ? 64  LEU A O   1 
ATOM   532  C  CB  . LEU A 1 65  ? 3.343   -8.686  -11.950 1.00 16.62 ? 64  LEU A CB  1 
ATOM   533  C  CG  . LEU A 1 65  ? 3.529   -9.439  -13.254 1.00 23.76 ? 64  LEU A CG  1 
ATOM   534  C  CD1 . LEU A 1 65  ? 4.822   -8.978  -13.835 1.00 26.74 ? 64  LEU A CD1 1 
ATOM   535  C  CD2 . LEU A 1 65  ? 3.544   -10.941 -13.047 1.00 29.77 ? 64  LEU A CD2 1 
ATOM   536  N  N   . ALA A 1 66  ? 1.810   -7.104  -9.519  1.00 9.66  ? 65  ALA A N   1 
ATOM   537  C  CA  . ALA A 1 66  ? 2.099   -6.185  -8.422  1.00 9.12  ? 65  ALA A CA  1 
ATOM   538  C  C   . ALA A 1 66  ? 0.920   -5.270  -8.185  1.00 9.91  ? 65  ALA A C   1 
ATOM   539  O  O   . ALA A 1 66  ? 0.086   -5.057  -9.061  1.00 9.10  ? 65  ALA A O   1 
ATOM   540  C  CB  . ALA A 1 66  ? 3.324   -5.354  -8.727  1.00 9.44  ? 65  ALA A CB  1 
ATOM   541  N  N   . GLY A 1 67  ? 0.880   -4.684  -6.997  1.00 9.94  ? 66  GLY A N   1 
ATOM   542  C  CA  . GLY A 1 67  ? -0.169  -3.751  -6.658  1.00 11.08 ? 66  GLY A CA  1 
ATOM   543  C  C   . GLY A 1 67  ? 0.257   -2.819  -5.555  1.00 10.25 ? 66  GLY A C   1 
ATOM   544  O  O   . GLY A 1 67  ? 1.225   -3.088  -4.840  1.00 8.90  ? 66  GLY A O   1 
ATOM   545  N  N   . ILE A 1 68  ? -0.481  -1.725  -5.424  1.00 10.32 ? 67  ILE A N   1 
ATOM   546  C  CA  . ILE A 1 68  ? -0.290  -0.761  -4.355  1.00 9.07  ? 67  ILE A CA  1 
ATOM   547  C  C   . ILE A 1 68  ? -1.653  -0.216  -3.945  1.00 8.83  ? 67  ILE A C   1 
ATOM   548  O  O   . ILE A 1 68  ? -2.597  -0.169  -4.756  1.00 10.21 ? 67  ILE A O   1 
ATOM   549  C  CB  . ILE A 1 68  ? 0.690   0.359   -4.774  1.00 10.09 ? 67  ILE A CB  1 
ATOM   550  C  CG1 . ILE A 1 68  ? 1.194   1.158   -3.557  1.00 12.24 ? 67  ILE A CG1 1 
ATOM   551  C  CG2 . ILE A 1 68  ? 0.049   1.264   -5.845  1.00 13.60 ? 67  ILE A CG2 1 
ATOM   552  C  CD1 . ILE A 1 68  ? 2.379   2.068   -3.910  1.00 13.03 ? 67  ILE A CD1 1 
ATOM   553  N  N   . GLY A 1 69  ? -1.762  0.150   -2.672  1.00 8.86  ? 68  GLY A N   1 
ATOM   554  C  CA  . GLY A 1 69  ? -2.992  0.722   -2.133  1.00 10.02 ? 68  GLY A CA  1 
ATOM   555  C  C   . GLY A 1 69  ? -2.754  2.140   -1.649  1.00 10.83 ? 68  GLY A C   1 
ATOM   556  O  O   . GLY A 1 69  ? -1.654  2.467   -1.188  1.00 11.60 ? 68  GLY A O   1 
ATOM   557  N  N   . LEU A 1 70  ? -3.792  2.969   -1.712  1.00 12.55 ? 69  LEU A N   1 
ATOM   558  C  CA  . LEU A 1 70  ? -3.723  4.326   -1.193  1.00 14.34 ? 69  LEU A CA  1 
ATOM   559  C  C   . LEU A 1 70  ? -5.056  4.776   -0.610  1.00 14.48 ? 69  LEU A C   1 
ATOM   560  O  O   . LEU A 1 70  ? -6.121  4.390   -1.074  1.00 14.90 ? 69  LEU A O   1 
ATOM   561  C  CB  . LEU A 1 70  ? -3.228  5.311   -2.263  1.00 15.56 ? 69  LEU A CB  1 
ATOM   562  C  CG  . LEU A 1 70  ? -4.061  5.647   -3.487  1.00 22.10 ? 69  LEU A CG  1 
ATOM   563  C  CD1 . LEU A 1 70  ? -5.006  6.861   -3.271  1.00 27.97 ? 69  LEU A CD1 1 
ATOM   564  C  CD2 . LEU A 1 70  ? -3.120  5.929   -4.686  1.00 21.89 ? 69  LEU A CD2 1 
HETATM 565  N  N   . MSE A 1 71  ? -4.949  5.577   0.438   1.00 13.90 ? 70  MSE A N   1 
HETATM 566  C  CA  . MSE A 1 71  ? -6.082  6.146   1.133   1.00 14.84 ? 70  MSE A CA  1 
HETATM 567  C  C   . MSE A 1 71  ? -5.753  7.582   1.466   1.00 13.55 ? 70  MSE A C   1 
HETATM 568  O  O   . MSE A 1 71  ? -4.591  7.971   1.489   1.00 12.71 ? 70  MSE A O   1 
HETATM 569  C  CB  . MSE A 1 71  ? -6.344  5.373   2.422   1.00 15.13 ? 70  MSE A CB  1 
HETATM 570  C  CG  . MSE A 1 71  ? -6.514  3.876   2.225   1.00 17.21 ? 70  MSE A CG  1 
HETATM 571  SE SE  . MSE A 1 71  ? -6.649  2.998   3.940   0.75 21.20 ? 70  MSE A SE  1 
HETATM 572  C  CE  . MSE A 1 71  ? -8.297  3.496   4.192   1.00 19.46 ? 70  MSE A CE  1 
ATOM   573  N  N   . VAL A 1 72  ? -6.792  8.370   1.683   1.00 13.05 ? 71  VAL A N   1 
ATOM   574  C  CA  . VAL A 1 72  ? -6.639  9.712   2.236   1.00 13.36 ? 71  VAL A CA  1 
ATOM   575  C  C   . VAL A 1 72  ? -7.377  9.632   3.562   1.00 14.16 ? 71  VAL A C   1 
ATOM   576  O  O   . VAL A 1 72  ? -8.599  9.469   3.591   1.00 15.35 ? 71  VAL A O   1 
ATOM   577  C  CB  . VAL A 1 72  ? -7.223  10.781  1.313   1.00 14.50 ? 71  VAL A CB  1 
ATOM   578  C  CG1 . VAL A 1 72  ? -7.109  12.169  1.939   1.00 18.78 ? 71  VAL A CG1 1 
ATOM   579  C  CG2 . VAL A 1 72  ? -6.511  10.752  -0.028  1.00 16.37 ? 71  VAL A CG2 1 
ATOM   580  N  N   . ILE A 1 73  ? -6.631  9.677   4.657   1.00 13.43 ? 72  ILE A N   1 
ATOM   581  C  CA  . ILE A 1 73  ? -7.210  9.479   5.974   1.00 14.76 ? 72  ILE A CA  1 
ATOM   582  C  C   . ILE A 1 73  ? -7.448  10.796  6.680   1.00 14.78 ? 72  ILE A C   1 
ATOM   583  O  O   . ILE A 1 73  ? -6.703  11.763  6.487   1.00 13.18 ? 72  ILE A O   1 
ATOM   584  C  CB  . ILE A 1 73  ? -6.364  8.539   6.826   1.00 15.01 ? 72  ILE A CB  1 
ATOM   585  C  CG1 . ILE A 1 73  ? -4.990  9.118   7.111   1.00 13.01 ? 72  ILE A CG1 1 
ATOM   586  C  CG2 . ILE A 1 73  ? -6.201  7.196   6.086   1.00 16.49 ? 72  ILE A CG2 1 
ATOM   587  C  CD1 . ILE A 1 73  ? -4.145  8.251   8.044   1.00 17.08 ? 72  ILE A CD1 1 
ATOM   588  N  N   . GLU A 1 74  ? -8.494  10.831  7.499   1.00 16.38 ? 73  GLU A N   1 
ATOM   589  C  CA  . GLU A 1 74  ? -8.757  11.991  8.338   1.00 19.16 ? 73  GLU A CA  1 
ATOM   590  C  C   . GLU A 1 74  ? -7.628  12.148  9.354   1.00 14.91 ? 73  GLU A C   1 
ATOM   591  O  O   . GLU A 1 74  ? -7.160  11.170  9.909   1.00 14.95 ? 73  GLU A O   1 
ATOM   592  C  CB  . GLU A 1 74  ? -10.095 11.830  9.057   1.00 19.43 ? 73  GLU A CB  1 
ATOM   593  C  CG  . GLU A 1 74  ? -11.280 11.926  8.137   1.00 26.50 ? 73  GLU A CG  1 
ATOM   594  C  CD  . GLU A 1 74  ? -12.607 12.004  8.894   1.00 31.15 ? 73  GLU A CD  1 
ATOM   595  O  OE1 . GLU A 1 74  ? -12.616 11.759  10.129  1.00 44.70 ? 73  GLU A OE1 1 
ATOM   596  O  OE2 . GLU A 1 74  ? -13.634 12.322  8.244   1.00 50.14 ? 73  GLU A OE2 1 
ATOM   597  N  N   . TRP A 1 75  ? -7.183  13.384  9.569   1.00 13.49 ? 74  TRP A N   1 
ATOM   598  C  CA  . TRP A 1 75  ? -6.106  13.679  10.479  1.00 13.28 ? 74  TRP A CA  1 
ATOM   599  C  C   . TRP A 1 75  ? -6.217  15.124  10.968  1.00 12.19 ? 74  TRP A C   1 
ATOM   600  O  O   . TRP A 1 75  ? -6.591  15.992  10.199  1.00 12.60 ? 74  TRP A O   1 
ATOM   601  C  CB  . TRP A 1 75  ? -4.750  13.462  9.805   1.00 12.24 ? 74  TRP A CB  1 
ATOM   602  C  CG  . TRP A 1 75  ? -3.703  13.169  10.780  1.00 12.84 ? 74  TRP A CG  1 
ATOM   603  C  CD1 . TRP A 1 75  ? -2.842  14.045  11.356  1.00 16.87 ? 74  TRP A CD1 1 
ATOM   604  C  CD2 . TRP A 1 75  ? -3.442  11.896  11.373  1.00 14.07 ? 74  TRP A CD2 1 
ATOM   605  N  NE1 . TRP A 1 75  ? -2.043  13.393  12.273  1.00 18.09 ? 74  TRP A NE1 1 
ATOM   606  C  CE2 . TRP A 1 75  ? -2.395  12.072  12.301  1.00 15.27 ? 74  TRP A CE2 1 
ATOM   607  C  CE3 . TRP A 1 75  ? -3.997  10.626  11.210  1.00 19.97 ? 74  TRP A CE3 1 
ATOM   608  C  CZ2 . TRP A 1 75  ? -1.883  11.021  13.058  1.00 15.19 ? 74  TRP A CZ2 1 
ATOM   609  C  CZ3 . TRP A 1 75  ? -3.499  9.581   11.979  1.00 18.24 ? 74  TRP A CZ3 1 
ATOM   610  C  CH2 . TRP A 1 75  ? -2.445  9.783   12.870  1.00 15.97 ? 74  TRP A CH2 1 
ATOM   611  N  N   . PRO A 1 76  ? -5.883  15.390  12.244  1.00 12.08 ? 75  PRO A N   1 
ATOM   612  C  CA  . PRO A 1 76  ? -5.886  16.807  12.661  1.00 11.40 ? 75  PRO A CA  1 
ATOM   613  C  C   . PRO A 1 76  ? -4.896  17.662  11.878  1.00 12.96 ? 75  PRO A C   1 
ATOM   614  O  O   . PRO A 1 76  ? -3.779  17.210  11.591  1.00 12.86 ? 75  PRO A O   1 
ATOM   615  C  CB  . PRO A 1 76  ? -5.438  16.749  14.129  1.00 12.32 ? 75  PRO A CB  1 
ATOM   616  C  CG  . PRO A 1 76  ? -4.736  15.412  14.247  1.00 13.52 ? 75  PRO A CG  1 
ATOM   617  C  CD  . PRO A 1 76  ? -5.503  14.504  13.356  1.00 12.40 ? 75  PRO A CD  1 
ATOM   618  N  N   . PRO A 1 77  ? -5.283  18.903  11.549  1.00 12.52 ? 76  PRO A N   1 
ATOM   619  C  CA  . PRO A 1 77  ? -4.291  19.827  10.993  1.00 12.04 ? 76  PRO A CA  1 
ATOM   620  C  C   . PRO A 1 77  ? -3.023  19.790  11.832  1.00 10.59 ? 76  PRO A C   1 
ATOM   621  O  O   . PRO A 1 77  ? -3.090  19.688  13.067  1.00 12.17 ? 76  PRO A O   1 
ATOM   622  C  CB  . PRO A 1 77  ? -5.011  21.172  11.061  1.00 10.40 ? 76  PRO A CB  1 
ATOM   623  C  CG  . PRO A 1 77  ? -6.441  20.773  10.799  1.00 12.90 ? 76  PRO A CG  1 
ATOM   624  C  CD  . PRO A 1 77  ? -6.617  19.517  11.616  1.00 12.33 ? 76  PRO A CD  1 
ATOM   625  N  N   . HIS A 1 78  ? -1.883  19.849  11.156  1.00 11.45 ? 77  HIS A N   1 
ATOM   626  C  CA  . HIS A 1 78  ? -0.608  19.451  11.722  1.00 11.24 ? 77  HIS A CA  1 
ATOM   627  C  C   . HIS A 1 78  ? 0.477   20.333  11.121  1.00 10.85 ? 77  HIS A C   1 
ATOM   628  O  O   . HIS A 1 78  ? 0.322   20.827  10.023  1.00 10.39 ? 77  HIS A O   1 
ATOM   629  C  CB  . HIS A 1 78  ? -0.380  17.984  11.345  1.00 12.78 ? 77  HIS A CB  1 
ATOM   630  C  CG  . HIS A 1 78  ? 0.857   17.374  11.925  1.00 14.06 ? 77  HIS A CG  1 
ATOM   631  N  ND1 . HIS A 1 78  ? 2.091   17.479  11.316  1.00 13.26 ? 77  HIS A ND1 1 
ATOM   632  C  CD2 . HIS A 1 78  ? 1.049   16.639  13.047  1.00 17.97 ? 77  HIS A CD2 1 
ATOM   633  C  CE1 . HIS A 1 78  ? 2.986   16.829  12.038  1.00 13.75 ? 77  HIS A CE1 1 
ATOM   634  N  NE2 . HIS A 1 78  ? 2.382   16.319  13.098  1.00 15.63 ? 77  HIS A NE2 1 
ATOM   635  N  N   . PRO A 1 79  ? 1.599   20.524  11.825  1.00 12.10 ? 78  PRO A N   1 
ATOM   636  C  CA  . PRO A 1 79  ? 2.623   21.356  11.203  1.00 11.99 ? 78  PRO A CA  1 
ATOM   637  C  C   . PRO A 1 79  ? 3.141   20.897  9.824   1.00 11.92 ? 78  PRO A C   1 
ATOM   638  O  O   . PRO A 1 79  ? 3.629   21.732  9.067   1.00 13.85 ? 78  PRO A O   1 
ATOM   639  C  CB  . PRO A 1 79  ? 3.751   21.344  12.236  1.00 12.86 ? 78  PRO A CB  1 
ATOM   640  C  CG  . PRO A 1 79  ? 3.076   21.019  13.528  1.00 14.20 ? 78  PRO A CG  1 
ATOM   641  C  CD  . PRO A 1 79  ? 1.983   20.099  13.185  1.00 12.78 ? 78  PRO A CD  1 
ATOM   642  N  N   . SER A 1 80  ? 3.034   19.610  9.497   1.00 12.52 ? 79  SER A N   1 
ATOM   643  C  CA  . SER A 1 80  ? 3.417   19.123  8.171   1.00 11.83 ? 79  SER A CA  1 
ATOM   644  C  C   . SER A 1 80  ? 2.323   19.332  7.122   1.00 12.88 ? 79  SER A C   1 
ATOM   645  O  O   . SER A 1 80  ? 2.543   19.080  5.941   1.00 14.00 ? 79  SER A O   1 
ATOM   646  C  CB  . SER A 1 80  ? 3.797   17.650  8.253   1.00 12.86 ? 79  SER A CB  1 
ATOM   647  O  OG  . SER A 1 80  ? 5.002   17.501  8.999   1.00 18.10 ? 79  SER A OG  1 
ATOM   648  N  N   . HIS A 1 81  ? 1.145   19.762  7.558   1.00 11.67 ? 80  HIS A N   1 
ATOM   649  C  CA  . HIS A 1 81  ? 0.002   20.018  6.680   1.00 11.23 ? 80  HIS A CA  1 
ATOM   650  C  C   . HIS A 1 81  ? -0.963  20.949  7.421   1.00 10.53 ? 80  HIS A C   1 
ATOM   651  O  O   . HIS A 1 81  ? -2.078  20.567  7.801   1.00 10.91 ? 80  HIS A O   1 
ATOM   652  C  CB  . HIS A 1 81  ? -0.661  18.720  6.175   1.00 12.41 ? 80  HIS A CB  1 
ATOM   653  C  CG  . HIS A 1 81  ? -1.015  17.726  7.238   1.00 11.81 ? 80  HIS A CG  1 
ATOM   654  N  ND1 . HIS A 1 81  ? -2.249  17.709  7.857   1.00 11.00 ? 80  HIS A ND1 1 
ATOM   655  C  CD2 . HIS A 1 81  ? -0.332  16.663  7.729   1.00 12.32 ? 80  HIS A CD2 1 
ATOM   656  C  CE1 . HIS A 1 81  ? -2.292  16.691  8.705   1.00 13.12 ? 80  HIS A CE1 1 
ATOM   657  N  NE2 . HIS A 1 81  ? -1.142  16.044  8.644   1.00 12.72 ? 80  HIS A NE2 1 
ATOM   658  N  N   . PRO A 1 82  ? -0.501  22.182  7.680   1.00 11.20 ? 81  PRO A N   1 
ATOM   659  C  CA  . PRO A 1 82  ? -1.219  23.037  8.638   1.00 11.01 ? 81  PRO A CA  1 
ATOM   660  C  C   . PRO A 1 82  ? -2.618  23.395  8.189   1.00 11.21 ? 81  PRO A C   1 
ATOM   661  O  O   . PRO A 1 82  ? -3.452  23.705  9.031   1.00 11.87 ? 81  PRO A O   1 
ATOM   662  C  CB  . PRO A 1 82  ? -0.343  24.299  8.726   1.00 10.51 ? 81  PRO A CB  1 
ATOM   663  C  CG  . PRO A 1 82  ? 0.519   24.270  7.520   1.00 14.72 ? 81  PRO A CG  1 
ATOM   664  C  CD  . PRO A 1 82  ? 0.729   22.825  7.191   1.00 11.25 ? 81  PRO A CD  1 
ATOM   665  N  N   . LEU A 1 83  ? -2.865  23.384  6.877   1.00 12.45 ? 82  LEU A N   1 
ATOM   666  C  CA  . LEU A 1 83  ? -4.159  23.781  6.361   1.00 12.59 ? 82  LEU A CA  1 
ATOM   667  C  C   . LEU A 1 83  ? -5.088  22.611  6.082   1.00 14.32 ? 82  LEU A C   1 
ATOM   668  O  O   . LEU A 1 83  ? -6.250  22.820  5.737   1.00 15.07 ? 82  LEU A O   1 
ATOM   669  C  CB  . LEU A 1 83  ? -3.993  24.609  5.081   1.00 12.63 ? 82  LEU A CB  1 
ATOM   670  C  CG  . LEU A 1 83  ? -3.086  25.834  5.180   1.00 12.76 ? 82  LEU A CG  1 
ATOM   671  C  CD1 . LEU A 1 83  ? -3.008  26.512  3.813   1.00 18.15 ? 82  LEU A CD1 1 
ATOM   672  C  CD2 . LEU A 1 83  ? -3.534  26.802  6.262   1.00 15.68 ? 82  LEU A CD2 1 
ATOM   673  N  N   . GLN A 1 84  ? -4.590  21.386  6.202   1.00 11.90 ? 83  GLN A N   1 
ATOM   674  C  CA  . GLN A 1 84  ? -5.378  20.219  5.790   1.00 12.17 ? 83  GLN A CA  1 
ATOM   675  C  C   . GLN A 1 84  ? -5.675  19.278  6.961   1.00 10.62 ? 83  GLN A C   1 
ATOM   676  O  O   . GLN A 1 84  ? -4.798  18.957  7.756   1.00 11.00 ? 83  GLN A O   1 
ATOM   677  C  CB  . GLN A 1 84  ? -4.622  19.443  4.707   1.00 10.74 ? 83  GLN A CB  1 
ATOM   678  C  CG  . GLN A 1 84  ? -4.423  20.211  3.425   1.00 14.22 ? 83  GLN A CG  1 
ATOM   679  C  CD  . GLN A 1 84  ? -3.909  19.368  2.274   1.00 18.23 ? 83  GLN A CD  1 
ATOM   680  O  OE1 . GLN A 1 84  ? -3.638  18.176  2.427   1.00 12.37 ? 83  GLN A OE1 1 
ATOM   681  N  NE2 . GLN A 1 84  ? -3.757  19.997  1.107   1.00 16.65 ? 83  GLN A NE2 1 
ATOM   682  N  N   . ASP A 1 85  ? -6.917  18.817  7.030   1.00 11.85 ? 84  ASP A N   1 
ATOM   683  C  CA  . ASP A 1 85  ? -7.337  17.859  8.047   1.00 11.58 ? 84  ASP A CA  1 
ATOM   684  C  C   . ASP A 1 85  ? -7.318  16.426  7.480   1.00 11.24 ? 84  ASP A C   1 
ATOM   685  O  O   . ASP A 1 85  ? -8.242  15.620  7.695   1.00 11.61 ? 84  ASP A O   1 
ATOM   686  C  CB  . ASP A 1 85  ? -8.727  18.216  8.588   1.00 12.40 ? 84  ASP A CB  1 
ATOM   687  C  CG  . ASP A 1 85  ? -9.802  18.223  7.513   1.00 16.00 ? 84  ASP A CG  1 
ATOM   688  O  OD1 . ASP A 1 85  ? -9.483  18.125  6.300   1.00 17.22 ? 84  ASP A OD1 1 
ATOM   689  O  OD2 . ASP A 1 85  ? -10.976 18.350  7.892   1.00 21.19 ? 84  ASP A OD2 1 
ATOM   690  N  N   . LYS A 1 86  ? -6.249  16.120  6.759   1.00 13.58 ? 85  LYS A N   1 
ATOM   691  C  CA  . LYS A 1 86  ? -6.093  14.827  6.105   1.00 14.27 ? 85  LYS A CA  1 
ATOM   692  C  C   . LYS A 1 86  ? -4.612  14.572  5.828   1.00 13.68 ? 85  LYS A C   1 
ATOM   693  O  O   . LYS A 1 86  ? -3.794  15.510  5.816   1.00 12.14 ? 85  LYS A O   1 
ATOM   694  C  CB  . LYS A 1 86  ? -6.898  14.770  4.806   1.00 16.15 ? 85  LYS A CB  1 
ATOM   695  C  CG  . LYS A 1 86  ? -6.488  15.795  3.769   1.00 19.75 ? 85  LYS A CG  1 
ATOM   696  C  CD  . LYS A 1 86  ? -7.538  15.960  2.660   1.00 22.98 ? 85  LYS A CD  1 
ATOM   697  C  CE  . LYS A 1 86  ? -7.199  17.131  1.714   1.00 30.01 ? 85  LYS A CE  1 
ATOM   698  N  NZ  . LYS A 1 86  ? -8.195  17.254  0.585   1.00 31.72 ? 85  LYS A NZ  1 
ATOM   699  N  N   . ARG A 1 87  ? -4.276  13.302  5.622   1.00 12.32 ? 86  ARG A N   1 
ATOM   700  C  CA  . ARG A 1 87  ? -2.995  12.942  5.054   1.00 13.80 ? 86  ARG A CA  1 
ATOM   701  C  C   . ARG A 1 87  ? -3.140  11.711  4.154   1.00 12.88 ? 86  ARG A C   1 
ATOM   702  O  O   . ARG A 1 87  ? -4.093  10.936  4.283   1.00 13.35 ? 86  ARG A O   1 
ATOM   703  C  CB  . ARG A 1 87  ? -1.910  12.786  6.135   1.00 16.86 ? 86  ARG A CB  1 
ATOM   704  C  CG  . ARG A 1 87  ? -2.247  11.939  7.280   1.00 18.98 ? 86  ARG A CG  1 
ATOM   705  C  CD  . ARG A 1 87  ? -1.037  11.772  8.237   1.00 16.07 ? 86  ARG A CD  1 
ATOM   706  N  NE  . ARG A 1 87  ? -0.622  12.993  8.934   1.00 13.37 ? 86  ARG A NE  1 
ATOM   707  C  CZ  . ARG A 1 87  ? 0.317   13.035  9.882   1.00 16.47 ? 86  ARG A CZ  1 
ATOM   708  N  NH1 . ARG A 1 87  ? 0.920   11.922  10.284  1.00 13.99 ? 86  ARG A NH1 1 
ATOM   709  N  NH2 . ARG A 1 87  ? 0.654   14.175  10.458  1.00 16.06 ? 86  ARG A NH2 1 
ATOM   710  N  N   . GLY A 1 88  ? -2.228  11.586  3.202   1.00 11.57 ? 87  GLY A N   1 
ATOM   711  C  CA  . GLY A 1 88  ? -2.177  10.420  2.338   1.00 9.80  ? 87  GLY A CA  1 
ATOM   712  C  C   . GLY A 1 88  ? -1.595  9.241   3.086   1.00 11.15 ? 87  GLY A C   1 
ATOM   713  O  O   . GLY A 1 88  ? -0.760  9.405   3.986   1.00 13.27 ? 87  GLY A O   1 
ATOM   714  N  N   . TYR A 1 89  ? -2.048  8.042   2.728   1.00 11.50 ? 88  TYR A N   1 
ATOM   715  C  CA  . TYR A 1 89  ? -1.536  6.812   3.316   1.00 10.94 ? 88  TYR A CA  1 
ATOM   716  C  C   . TYR A 1 89  ? -1.336  5.776   2.206   1.00 9.82  ? 88  TYR A C   1 
ATOM   717  O  O   . TYR A 1 89  ? -2.243  5.535   1.410   1.00 11.80 ? 88  TYR A O   1 
ATOM   718  C  CB  . TYR A 1 89  ? -2.474  6.274   4.419   1.00 12.72 ? 88  TYR A CB  1 
ATOM   719  C  CG  . TYR A 1 89  ? -1.873  5.069   5.111   1.00 13.30 ? 88  TYR A CG  1 
ATOM   720  C  CD1 . TYR A 1 89  ? -0.639  5.175   5.755   1.00 18.66 ? 88  TYR A CD1 1 
ATOM   721  C  CD2 . TYR A 1 89  ? -2.509  3.839   5.126   1.00 16.36 ? 88  TYR A CD2 1 
ATOM   722  C  CE1 . TYR A 1 89  ? -0.048  4.097   6.365   1.00 21.36 ? 88  TYR A CE1 1 
ATOM   723  C  CE2 . TYR A 1 89  ? -1.911  2.737   5.750   1.00 15.86 ? 88  TYR A CE2 1 
ATOM   724  C  CZ  . TYR A 1 89  ? -0.674  2.873   6.360   1.00 18.46 ? 88  TYR A CZ  1 
ATOM   725  O  OH  . TYR A 1 89  ? -0.028  1.801   7.006   1.00 19.84 ? 88  TYR A OH  1 
ATOM   726  N  N   . ILE A 1 90  ? -0.143  5.208   2.149   1.00 10.15 ? 89  ILE A N   1 
ATOM   727  C  CA  . ILE A 1 90  ? 0.202   4.173   1.185   1.00 12.06 ? 89  ILE A CA  1 
ATOM   728  C  C   . ILE A 1 90  ? 0.345   2.858   1.935   1.00 12.18 ? 89  ILE A C   1 
ATOM   729  O  O   . ILE A 1 90  ? 0.954   2.806   3.002   1.00 10.40 ? 89  ILE A O   1 
ATOM   730  C  CB  . ILE A 1 90  ? 1.513   4.519   0.420   1.00 11.90 ? 89  ILE A CB  1 
ATOM   731  C  CG1 . ILE A 1 90  ? 1.315   5.814   -0.371  1.00 12.45 ? 89  ILE A CG1 1 
ATOM   732  C  CG2 . ILE A 1 90  ? 1.947   3.360   -0.492  1.00 16.21 ? 89  ILE A CG2 1 
ATOM   733  C  CD1 . ILE A 1 90  ? 2.532   6.305   -1.084  1.00 12.22 ? 89  ILE A CD1 1 
ATOM   734  N  N   . LEU A 1 91  ? -0.227  1.803   1.372   1.00 11.63 ? 90  LEU A N   1 
ATOM   735  C  CA  . LEU A 1 91  ? -0.184  0.486   1.981   1.00 11.55 ? 90  LEU A CA  1 
ATOM   736  C  C   . LEU A 1 91  ? -0.263  -0.629  0.943   1.00 10.80 ? 90  LEU A C   1 
ATOM   737  O  O   . LEU A 1 91  ? -0.642  -0.403  -0.219  1.00 9.89  ? 90  LEU A O   1 
ATOM   738  C  CB  . LEU A 1 91  ? -1.301  0.310   3.027   1.00 11.05 ? 90  LEU A CB  1 
ATOM   739  C  CG  . LEU A 1 91  ? -2.748  0.208   2.557   1.00 10.16 ? 90  LEU A CG  1 
ATOM   740  C  CD1 . LEU A 1 91  ? -3.655  -0.311  3.664   1.00 12.74 ? 90  LEU A CD1 1 
ATOM   741  C  CD2 . LEU A 1 91  ? -3.285  1.522   1.992   1.00 10.89 ? 90  LEU A CD2 1 
ATOM   742  N  N   . ASN A 1 92  ? 0.105   -1.834  1.382   1.00 10.66 ? 91  ASN A N   1 
ATOM   743  C  CA  . ASN A 1 92  ? -0.018  -3.047  0.579   1.00 11.23 ? 91  ASN A CA  1 
ATOM   744  C  C   . ASN A 1 92  ? 0.747   -3.059  -0.742  1.00 11.03 ? 91  ASN A C   1 
ATOM   745  O  O   . ASN A 1 92  ? 0.332   -3.723  -1.688  1.00 12.46 ? 91  ASN A O   1 
ATOM   746  C  CB  . ASN A 1 92  ? -1.494  -3.378  0.303   1.00 11.08 ? 91  ASN A CB  1 
ATOM   747  C  CG  . ASN A 1 92  ? -2.265  -3.705  1.553   1.00 12.41 ? 91  ASN A CG  1 
ATOM   748  O  OD1 . ASN A 1 92  ? -1.704  -4.210  2.523   1.00 13.45 ? 91  ASN A OD1 1 
ATOM   749  N  ND2 . ASN A 1 92  ? -3.561  -3.416  1.540   1.00 11.71 ? 91  ASN A ND2 1 
ATOM   750  N  N   . LEU A 1 93  ? 1.891   -2.378  -0.799  1.00 11.23 ? 92  LEU A N   1 
ATOM   751  C  CA  . LEU A 1 93  ? 2.786   -2.514  -1.951  1.00 11.02 ? 92  LEU A CA  1 
ATOM   752  C  C   . LEU A 1 93  ? 3.389   -3.911  -1.950  1.00 11.11 ? 92  LEU A C   1 
ATOM   753  O  O   . LEU A 1 93  ? 4.099   -4.297  -1.005  1.00 11.66 ? 92  LEU A O   1 
ATOM   754  C  CB  . LEU A 1 93  ? 3.905   -1.470  -1.918  1.00 10.40 ? 92  LEU A CB  1 
ATOM   755  C  CG  . LEU A 1 93  ? 4.949   -1.614  -3.052  1.00 10.53 ? 92  LEU A CG  1 
ATOM   756  C  CD1 . LEU A 1 93  ? 4.312   -1.523  -4.428  1.00 13.50 ? 92  LEU A CD1 1 
ATOM   757  C  CD2 . LEU A 1 93  ? 6.043   -0.587  -2.928  1.00 13.49 ? 92  LEU A CD2 1 
ATOM   758  N  N   . TYR A 1 94  ? 3.103   -4.658  -3.011  1.00 11.50 ? 93  TYR A N   1 
ATOM   759  C  CA  . TYR A 1 94  ? 3.639   -6.001  -3.182  1.00 9.89  ? 93  TYR A CA  1 
ATOM   760  C  C   . TYR A 1 94  ? 4.035   -6.177  -4.633  1.00 9.76  ? 93  TYR A C   1 
ATOM   761  O  O   . TYR A 1 94  ? 3.260   -5.838  -5.540  1.00 9.21  ? 93  TYR A O   1 
ATOM   762  C  CB  . TYR A 1 94  ? 2.648   -7.088  -2.790  1.00 10.10 ? 93  TYR A CB  1 
ATOM   763  C  CG  . TYR A 1 94  ? 3.282   -8.468  -2.842  1.00 9.86  ? 93  TYR A CG  1 
ATOM   764  C  CD1 . TYR A 1 94  ? 4.201   -8.870  -1.860  1.00 8.54  ? 93  TYR A CD1 1 
ATOM   765  C  CD2 . TYR A 1 94  ? 3.015   -9.346  -3.887  1.00 12.20 ? 93  TYR A CD2 1 
ATOM   766  C  CE1 . TYR A 1 94  ? 4.797   -10.118 -1.912  1.00 9.69  ? 93  TYR A CE1 1 
ATOM   767  C  CE2 . TYR A 1 94  ? 3.615   -10.588 -3.961  1.00 11.86 ? 93  TYR A CE2 1 
ATOM   768  C  CZ  . TYR A 1 94  ? 4.514   -10.977 -2.965  1.00 8.51  ? 93  TYR A CZ  1 
ATOM   769  O  OH  . TYR A 1 94  ? 5.100   -12.215 -3.042  1.00 9.99  ? 93  TYR A OH  1 
ATOM   770  N  N   . VAL A 1 95  ? 5.231   -6.719  -4.844  1.00 10.06 ? 94  VAL A N   1 
ATOM   771  C  CA  . VAL A 1 95  ? 5.703   -7.052  -6.184  1.00 7.87  ? 94  VAL A CA  1 
ATOM   772  C  C   . VAL A 1 95  ? 6.069   -8.537  -6.261  1.00 8.56  ? 94  VAL A C   1 
ATOM   773  O  O   . VAL A 1 95  ? 6.825   -9.050  -5.431  1.00 7.99  ? 94  VAL A O   1 
ATOM   774  C  CB  . VAL A 1 95  ? 6.929   -6.184  -6.596  1.00 8.84  ? 94  VAL A CB  1 
ATOM   775  C  CG1 . VAL A 1 95  ? 7.369   -6.514  -8.005  1.00 10.35 ? 94  VAL A CG1 1 
ATOM   776  C  CG2 . VAL A 1 95  ? 6.637   -4.699  -6.491  1.00 9.67  ? 94  VAL A CG2 1 
ATOM   777  N  N   . ASP A 1 96  ? 5.553   -9.231  -7.274  1.00 8.32  ? 95  ASP A N   1 
ATOM   778  C  CA  . ASP A 1 96  ? 5.887   -10.642 -7.509  1.00 9.42  ? 95  ASP A CA  1 
ATOM   779  C  C   . ASP A 1 96  ? 7.400   -10.858 -7.385  1.00 8.40  ? 95  ASP A C   1 
ATOM   780  O  O   . ASP A 1 96  ? 8.167   -10.135 -7.989  1.00 10.45 ? 95  ASP A O   1 
ATOM   781  C  CB  . ASP A 1 96  ? 5.437   -11.087 -8.901  1.00 10.35 ? 95  ASP A CB  1 
ATOM   782  C  CG  . ASP A 1 96  ? 5.879   -12.495 -9.238  1.00 16.25 ? 95  ASP A CG  1 
ATOM   783  O  OD1 . ASP A 1 96  ? 5.298   -13.435 -8.678  1.00 11.26 ? 95  ASP A OD1 1 
ATOM   784  O  OD2 . ASP A 1 96  ? 6.806   -12.675 -10.061 1.00 15.83 ? 95  ASP A OD2 1 
ATOM   785  N  N   . PRO A 1 97  ? 7.828   -11.861 -6.597  1.00 9.25  ? 96  PRO A N   1 
ATOM   786  C  CA  . PRO A 1 97  ? 9.229   -12.124 -6.360  1.00 8.58  ? 96  PRO A CA  1 
ATOM   787  C  C   . PRO A 1 97  ? 10.111  -12.333 -7.587  1.00 10.24 ? 96  PRO A C   1 
ATOM   788  O  O   . PRO A 1 97  ? 11.325  -12.120 -7.507  1.00 13.73 ? 96  PRO A O   1 
ATOM   789  C  CB  . PRO A 1 97  ? 9.193   -13.406 -5.518  1.00 10.00 ? 96  PRO A CB  1 
ATOM   790  C  CG  . PRO A 1 97  ? 7.943   -13.377 -4.834  1.00 11.88 ? 96  PRO A CG  1 
ATOM   791  C  CD  . PRO A 1 97  ? 6.977   -12.730 -5.770  1.00 9.47  ? 96  PRO A CD  1 
ATOM   792  N  N   . SER A 1 98  ? 9.531   -12.788 -8.692  1.00 7.19  ? 97  SER A N   1 
ATOM   793  C  CA  . SER A 1 98  ? 10.284  -12.973 -9.925  1.00 7.45  ? 97  SER A CA  1 
ATOM   794  C  C   . SER A 1 98  ? 10.345  -11.752 -10.821 1.00 8.73  ? 97  SER A C   1 
ATOM   795  O  O   . SER A 1 98  ? 10.902  -11.837 -11.914 1.00 9.36  ? 97  SER A O   1 
ATOM   796  C  CB  . SER A 1 98  ? 9.716   -14.145 -10.695 1.00 9.49  ? 97  SER A CB  1 
ATOM   797  O  OG  . SER A 1 98  ? 9.885   -15.305 -9.903  1.00 10.46 ? 97  SER A OG  1 
ATOM   798  N  N   . HIS A 1 99  ? 9.813   -10.629 -10.353 1.00 7.84  ? 98  HIS A N   1 
ATOM   799  C  CA  . HIS A 1 99  ? 9.753   -9.402  -11.129 1.00 8.21  ? 98  HIS A CA  1 
ATOM   800  C  C   . HIS A 1 99  ? 10.234  -8.190  -10.345 1.00 8.53  ? 98  HIS A C   1 
ATOM   801  O  O   . HIS A 1 99  ? 9.728   -7.076  -10.544 1.00 9.81  ? 98  HIS A O   1 
ATOM   802  C  CB  . HIS A 1 99  ? 8.324   -9.203  -11.659 1.00 6.85  ? 98  HIS A CB  1 
ATOM   803  C  CG  . HIS A 1 99  ? 7.967   -10.179 -12.733 1.00 6.60  ? 98  HIS A CG  1 
ATOM   804  N  ND1 . HIS A 1 99  ? 7.482   -11.437 -12.454 1.00 7.48  ? 98  HIS A ND1 1 
ATOM   805  C  CD2 . HIS A 1 99  ? 8.068   -10.104 -14.079 1.00 9.69  ? 98  HIS A CD2 1 
ATOM   806  C  CE1 . HIS A 1 99  ? 7.282   -12.087 -13.588 1.00 9.98  ? 98  HIS A CE1 1 
ATOM   807  N  NE2 . HIS A 1 99  ? 7.639   -11.307 -14.590 1.00 8.33  ? 98  HIS A NE2 1 
ATOM   808  N  N   . ARG A 1 100 ? 11.237  -8.403  -9.488  1.00 9.78  ? 99  ARG A N   1 
ATOM   809  C  CA  . ARG A 1 100 ? 11.738  -7.333  -8.631  1.00 12.82 ? 99  ARG A CA  1 
ATOM   810  C  C   . ARG A 1 100 ? 12.953  -6.549  -9.143  1.00 14.81 ? 99  ARG A C   1 
ATOM   811  O  O   . ARG A 1 100 ? 13.433  -5.630  -8.469  1.00 15.39 ? 99  ARG A O   1 
ATOM   812  C  CB  . ARG A 1 100 ? 11.989  -7.877  -7.232  1.00 13.33 ? 99  ARG A CB  1 
ATOM   813  C  CG  . ARG A 1 100 ? 10.674  -8.122  -6.552  1.00 14.96 ? 99  ARG A CG  1 
ATOM   814  C  CD  . ARG A 1 100 ? 10.822  -8.677  -5.187  1.00 14.64 ? 99  ARG A CD  1 
ATOM   815  N  NE  . ARG A 1 100 ? 9.511   -8.985  -4.645  1.00 13.84 ? 99  ARG A NE  1 
ATOM   816  C  CZ  . ARG A 1 100 ? 9.338   -9.692  -3.539  1.00 18.07 ? 99  ARG A CZ  1 
ATOM   817  N  NH1 . ARG A 1 100 ? 10.393  -10.085 -2.839  1.00 16.25 ? 99  ARG A NH1 1 
ATOM   818  N  NH2 . ARG A 1 100 ? 8.127   -9.997  -3.133  1.00 12.38 ? 99  ARG A NH2 1 
ATOM   819  N  N   . GLU A 1 101 ? 13.413  -6.849  -10.341 1.00 15.81 ? 100 GLU A N   1 
ATOM   820  C  CA  . GLU A 1 101 ? 14.542  -6.099  -10.886 1.00 19.23 ? 100 GLU A CA  1 
ATOM   821  C  C   . GLU A 1 101 ? 14.141  -5.296  -12.120 1.00 19.16 ? 100 GLU A C   1 
ATOM   822  O  O   . GLU A 1 101 ? 14.908  -5.183  -13.082 1.00 19.67 ? 100 GLU A O   1 
ATOM   823  C  CB  . GLU A 1 101 ? 15.690  -7.064  -11.201 1.00 21.66 ? 100 GLU A CB  1 
ATOM   824  C  CG  . GLU A 1 101 ? 16.110  -7.950  -10.015 1.00 29.59 ? 100 GLU A CG  1 
ATOM   825  C  CD  . GLU A 1 101 ? 16.452  -7.151  -8.743  1.00 43.67 ? 100 GLU A CD  1 
ATOM   826  O  OE1 . GLU A 1 101 ? 16.775  -5.941  -8.840  1.00 47.73 ? 100 GLU A OE1 1 
ATOM   827  O  OE2 . GLU A 1 101 ? 16.403  -7.745  -7.637  1.00 51.61 ? 100 GLU A OE2 1 
ATOM   828  N  N   . ARG A 1 102 ? 12.938  -4.734  -12.083 1.00 16.81 ? 101 ARG A N   1 
ATOM   829  C  CA  . ARG A 1 102 ? 12.350  -4.068  -13.234 1.00 16.18 ? 101 ARG A CA  1 
ATOM   830  C  C   . ARG A 1 102 ? 11.812  -2.675  -12.916 1.00 13.88 ? 101 ARG A C   1 
ATOM   831  O  O   . ARG A 1 102 ? 11.172  -2.071  -13.764 1.00 16.02 ? 101 ARG A O   1 
ATOM   832  C  CB  . ARG A 1 102 ? 11.201  -4.933  -13.785 1.00 19.76 ? 101 ARG A CB  1 
ATOM   833  N  N   . GLY A 1 103 ? 12.035  -2.173  -11.707 1.00 12.67 ? 102 GLY A N   1 
ATOM   834  C  CA  . GLY A 1 103 ? 11.530  -0.840  -11.319 1.00 12.20 ? 102 GLY A CA  1 
ATOM   835  C  C   . GLY A 1 103 ? 10.041  -0.747  -11.049 1.00 10.98 ? 102 GLY A C   1 
ATOM   836  O  O   . GLY A 1 103 ? 9.486   0.365   -10.959 1.00 10.37 ? 102 GLY A O   1 
ATOM   837  N  N   . ILE A 1 104 ? 9.387   -1.897  -10.861 1.00 10.91 ? 103 ILE A N   1 
ATOM   838  C  CA  . ILE A 1 104 ? 7.933   -1.920  -10.625 1.00 10.05 ? 103 ILE A CA  1 
ATOM   839  C  C   . ILE A 1 104 ? 7.513   -1.227  -9.345  1.00 9.49  ? 103 ILE A C   1 
ATOM   840  O  O   . ILE A 1 104 ? 6.542   -0.453  -9.347  1.00 9.89  ? 103 ILE A O   1 
ATOM   841  C  CB  . ILE A 1 104 ? 7.374   -3.363  -10.685 1.00 9.36  ? 103 ILE A CB  1 
ATOM   842  C  CG1 . ILE A 1 104 ? 7.549   -3.889  -12.105 1.00 11.11 ? 103 ILE A CG1 1 
ATOM   843  C  CG2 . ILE A 1 104 ? 5.893   -3.412  -10.262 1.00 12.59 ? 103 ILE A CG2 1 
ATOM   844  C  CD1 . ILE A 1 104 ? 7.253   -5.355  -12.240 1.00 13.32 ? 103 ILE A CD1 1 
ATOM   845  N  N   . GLY A 1 105 ? 8.192   -1.517  -8.240  1.00 9.02  ? 104 GLY A N   1 
ATOM   846  C  CA  . GLY A 1 105 ? 7.858   -0.904  -6.972  1.00 11.03 ? 104 GLY A CA  1 
ATOM   847  C  C   . GLY A 1 105 ? 7.979   0.615   -7.030  1.00 10.66 ? 104 GLY A C   1 
ATOM   848  O  O   . GLY A 1 105 ? 7.107   1.341   -6.565  1.00 10.26 ? 104 GLY A O   1 
ATOM   849  N  N   . GLN A 1 106 ? 9.059   1.098   -7.611  1.00 10.14 ? 105 GLN A N   1 
ATOM   850  C  CA  . GLN A 1 106 ? 9.239   2.545   -7.769  1.00 11.39 ? 105 GLN A CA  1 
ATOM   851  C  C   . GLN A 1 106 ? 8.175   3.152   -8.683  1.00 10.56 ? 105 GLN A C   1 
ATOM   852  O  O   . GLN A 1 106 ? 7.644   4.230   -8.404  1.00 11.61 ? 105 GLN A O   1 
ATOM   853  C  CB  . GLN A 1 106 ? 10.641  2.844   -8.271  1.00 9.72  ? 105 GLN A CB  1 
ATOM   854  C  CG  . GLN A 1 106 ? 10.886  4.330   -8.480  1.00 15.07 ? 105 GLN A CG  1 
ATOM   855  C  CD  . GLN A 1 106 ? 12.344  4.681   -8.657  1.00 24.22 ? 105 GLN A CD  1 
ATOM   856  O  OE1 . GLN A 1 106 ? 13.191  3.808   -8.832  1.00 30.06 ? 105 GLN A OE1 1 
ATOM   857  N  NE2 . GLN A 1 106 ? 12.645  5.976   -8.610  1.00 28.48 ? 105 GLN A NE2 1 
ATOM   858  N  N   . ALA A 1 107 ? 7.820   2.437   -9.751  1.00 10.78 ? 106 ALA A N   1 
ATOM   859  C  CA  . ALA A 1 107 ? 6.767   2.886   -10.670 1.00 11.24 ? 106 ALA A CA  1 
ATOM   860  C  C   . ALA A 1 107 ? 5.407   3.009   -9.976  1.00 11.38 ? 106 ALA A C   1 
ATOM   861  O  O   . ALA A 1 107 ? 4.701   4.008   -10.147 1.00 11.33 ? 106 ALA A O   1 
ATOM   862  C  CB  . ALA A 1 107 ? 6.671   1.962   -11.841 1.00 12.66 ? 106 ALA A CB  1 
ATOM   863  N  N   . LEU A 1 108 ? 5.045   2.011   -9.182  1.00 11.07 ? 107 LEU A N   1 
ATOM   864  C  CA  . LEU A 1 108 ? 3.806   2.062   -8.408  1.00 10.52 ? 107 LEU A CA  1 
ATOM   865  C  C   . LEU A 1 108 ? 3.844   3.161   -7.351  1.00 12.49 ? 107 LEU A C   1 
ATOM   866  O  O   . LEU A 1 108 ? 2.855   3.867   -7.156  1.00 11.82 ? 107 LEU A O   1 
ATOM   867  C  CB  . LEU A 1 108 ? 3.508   0.709   -7.758  1.00 11.70 ? 107 LEU A CB  1 
ATOM   868  C  CG  . LEU A 1 108 ? 3.067   -0.391  -8.730  1.00 11.91 ? 107 LEU A CG  1 
ATOM   869  C  CD1 . LEU A 1 108 ? 2.946   -1.735  -8.037  1.00 14.86 ? 107 LEU A CD1 1 
ATOM   870  C  CD2 . LEU A 1 108 ? 1.757   -0.034  -9.392  1.00 14.81 ? 107 LEU A CD2 1 
HETATM 871  N  N   . MSE A 1 109 ? 4.981   3.326   -6.680  1.00 11.39 ? 108 MSE A N   1 
HETATM 872  C  CA  . MSE A 1 109 ? 5.104   4.438   -5.745  1.00 11.86 ? 108 MSE A CA  1 
HETATM 873  C  C   . MSE A 1 109 ? 4.926   5.777   -6.453  1.00 11.56 ? 108 MSE A C   1 
HETATM 874  O  O   . MSE A 1 109 ? 4.272   6.676   -5.930  1.00 12.33 ? 108 MSE A O   1 
HETATM 875  C  CB  . MSE A 1 109 ? 6.439   4.403   -5.025  1.00 12.37 ? 108 MSE A CB  1 
HETATM 876  C  CG  . MSE A 1 109 ? 6.563   3.323   -3.963  1.00 12.62 ? 108 MSE A CG  1 
HETATM 877  SE SE  . MSE A 1 109 ? 5.514   3.677   -2.387  0.75 16.01 ? 108 MSE A SE  1 
HETATM 878  C  CE  . MSE A 1 109 ? 6.411   5.296   -1.741  1.00 14.79 ? 108 MSE A CE  1 
ATOM   879  N  N   . ASN A 1 110 ? 5.509   5.916   -7.635  1.00 12.05 ? 109 ASN A N   1 
ATOM   880  C  CA  . ASN A 1 110 ? 5.359   7.148   -8.402  1.00 13.55 ? 109 ASN A CA  1 
ATOM   881  C  C   . ASN A 1 110 ? 3.906   7.414   -8.743  1.00 12.72 ? 109 ASN A C   1 
ATOM   882  O  O   . ASN A 1 110 ? 3.446   8.566   -8.647  1.00 12.45 ? 109 ASN A O   1 
ATOM   883  C  CB  . ASN A 1 110 ? 6.180   7.094   -9.700  1.00 13.89 ? 109 ASN A CB  1 
ATOM   884  C  CG  . ASN A 1 110 ? 7.656   7.335   -9.478  1.00 16.33 ? 109 ASN A CG  1 
ATOM   885  O  OD1 . ASN A 1 110 ? 8.060   7.977   -8.523  1.00 18.27 ? 109 ASN A OD1 1 
ATOM   886  N  ND2 . ASN A 1 110 ? 8.470   6.846   -10.405 1.00 20.39 ? 109 ASN A ND2 1 
ATOM   887  N  N   . ARG A 1 111 ? 3.183   6.364   -9.138  1.00 12.97 ? 110 ARG A N   1 
ATOM   888  C  CA  . ARG A 1 111 ? 1.753   6.509   -9.430  1.00 14.33 ? 110 ARG A CA  1 
ATOM   889  C  C   . ARG A 1 111 ? 0.958   6.939   -8.196  1.00 14.06 ? 110 ARG A C   1 
ATOM   890  O  O   . ARG A 1 111 ? 0.060   7.775   -8.292  1.00 13.51 ? 110 ARG A O   1 
ATOM   891  C  CB  . ARG A 1 111 ? 1.129   5.226   -9.970  1.00 15.64 ? 110 ARG A CB  1 
ATOM   892  C  CG  . ARG A 1 111 ? 1.411   4.930   -11.426 1.00 24.99 ? 110 ARG A CG  1 
ATOM   893  C  CD  . ARG A 1 111 ? 0.354   5.531   -12.410 1.00 37.66 ? 110 ARG A CD  1 
ATOM   894  N  NE  . ARG A 1 111 ? 0.277   7.002   -12.404 1.00 41.04 ? 110 ARG A NE  1 
ATOM   895  C  CZ  . ARG A 1 111 ? 1.253   7.837   -12.799 1.00 46.29 ? 110 ARG A CZ  1 
ATOM   896  N  NH1 . ARG A 1 111 ? 2.428   7.385   -13.255 1.00 46.39 ? 110 ARG A NH1 1 
ATOM   897  N  NH2 . ARG A 1 111 ? 1.054   9.153   -12.738 1.00 43.91 ? 110 ARG A NH2 1 
ATOM   898  N  N   . ALA A 1 112 ? 1.263   6.339   -7.055  1.00 12.46 ? 111 ALA A N   1 
ATOM   899  C  CA  . ALA A 1 112 ? 0.581   6.684   -5.812  1.00 12.75 ? 111 ALA A CA  1 
ATOM   900  C  C   . ALA A 1 112 ? 0.856   8.119   -5.412  1.00 11.84 ? 111 ALA A C   1 
ATOM   901  O  O   . ALA A 1 112 ? -0.077  8.859   -5.063  1.00 12.22 ? 111 ALA A O   1 
ATOM   902  C  CB  . ALA A 1 112 ? 0.997   5.729   -4.688  1.00 14.22 ? 111 ALA A CB  1 
ATOM   903  N  N   . GLU A 1 113 ? 2.120   8.517   -5.427  1.00 10.83 ? 112 GLU A N   1 
ATOM   904  C  CA  . GLU A 1 113 ? 2.473   9.895   -5.077  1.00 10.68 ? 112 GLU A CA  1 
ATOM   905  C  C   . GLU A 1 113 ? 1.826   10.912  -6.041  1.00 12.73 ? 112 GLU A C   1 
ATOM   906  O  O   . GLU A 1 113 ? 1.350   11.958  -5.608  1.00 12.55 ? 112 GLU A O   1 
ATOM   907  C  CB  . GLU A 1 113 ? 3.974   10.091  -5.043  1.00 11.13 ? 112 GLU A CB  1 
ATOM   908  C  CG  . GLU A 1 113 ? 4.649   9.286   -3.929  1.00 12.31 ? 112 GLU A CG  1 
ATOM   909  C  CD  . GLU A 1 113 ? 6.162   9.422   -3.909  1.00 12.47 ? 112 GLU A CD  1 
ATOM   910  O  OE1 . GLU A 1 113 ? 6.729   10.308  -4.589  1.00 17.09 ? 112 GLU A OE1 1 
ATOM   911  O  OE2 . GLU A 1 113 ? 6.781   8.586   -3.230  1.00 15.58 ? 112 GLU A OE2 1 
ATOM   912  N  N   . ALA A 1 114 ? 1.798   10.590  -7.331  1.00 12.17 ? 113 ALA A N   1 
ATOM   913  C  CA  . ALA A 1 114 ? 1.182   11.468  -8.334  1.00 13.25 ? 113 ALA A CA  1 
ATOM   914  C  C   . ALA A 1 114 ? -0.322  11.608  -8.114  1.00 13.29 ? 113 ALA A C   1 
ATOM   915  O  O   . ALA A 1 114 ? -0.886  12.680  -8.332  1.00 12.50 ? 113 ALA A O   1 
ATOM   916  C  CB  . ALA A 1 114 ? 1.449   10.949  -9.723  1.00 14.53 ? 113 ALA A CB  1 
ATOM   917  N  N   . GLU A 1 115 ? -0.964  10.517  -7.697  1.00 12.35 ? 114 GLU A N   1 
ATOM   918  C  CA  . GLU A 1 115 ? -2.381  10.539  -7.374  1.00 11.33 ? 114 GLU A CA  1 
ATOM   919  C  C   . GLU A 1 115 ? -2.640  11.475  -6.194  1.00 11.88 ? 114 GLU A C   1 
ATOM   920  O  O   . GLU A 1 115 ? -3.553  12.285  -6.241  1.00 11.55 ? 114 GLU A O   1 
ATOM   921  C  CB  . GLU A 1 115 ? -2.887  9.125   -7.093  1.00 12.01 ? 114 GLU A CB  1 
ATOM   922  C  CG  . GLU A 1 115 ? -4.349  9.052   -6.792  1.00 13.67 ? 114 GLU A CG  1 
ATOM   923  C  CD  . GLU A 1 115 ? -5.224  9.374   -7.997  1.00 15.08 ? 114 GLU A CD  1 
ATOM   924  O  OE1 . GLU A 1 115 ? -4.752  9.219   -9.133  1.00 14.37 ? 114 GLU A OE1 1 
ATOM   925  O  OE2 . GLU A 1 115 ? -6.395  9.789   -7.787  1.00 18.01 ? 114 GLU A OE2 1 
ATOM   926  N  N   . PHE A 1 116 ? -1.807  11.401  -5.157  1.00 9.94  ? 115 PHE A N   1 
ATOM   927  C  CA  . PHE A 1 116 ? -1.920  12.334  -4.032  1.00 10.16 ? 115 PHE A CA  1 
ATOM   928  C  C   . PHE A 1 116 ? -1.738  13.788  -4.496  1.00 9.44  ? 115 PHE A C   1 
ATOM   929  O  O   . PHE A 1 116 ? -2.460  14.681  -4.057  1.00 9.61  ? 115 PHE A O   1 
ATOM   930  C  CB  . PHE A 1 116 ? -0.890  12.025  -2.932  1.00 10.71 ? 115 PHE A CB  1 
ATOM   931  C  CG  . PHE A 1 116 ? -1.175  10.780  -2.134  1.00 10.65 ? 115 PHE A CG  1 
ATOM   932  C  CD1 . PHE A 1 116 ? -2.475  10.383  -1.825  1.00 13.64 ? 115 PHE A CD1 1 
ATOM   933  C  CD2 . PHE A 1 116 ? -0.125  10.019  -1.667  1.00 12.75 ? 115 PHE A CD2 1 
ATOM   934  C  CE1 . PHE A 1 116 ? -2.712  9.241   -1.091  1.00 16.11 ? 115 PHE A CE1 1 
ATOM   935  C  CE2 . PHE A 1 116 ? -0.365  8.856   -0.927  1.00 14.49 ? 115 PHE A CE2 1 
ATOM   936  C  CZ  . PHE A 1 116 ? -1.661  8.480   -0.643  1.00 11.31 ? 115 PHE A CZ  1 
ATOM   937  N  N   . ALA A 1 117 ? -0.795  14.016  -5.403  1.00 8.57  ? 116 ALA A N   1 
ATOM   938  C  CA  . ALA A 1 117 ? -0.558  15.360  -5.938  1.00 9.31  ? 116 ALA A CA  1 
ATOM   939  C  C   . ALA A 1 117 ? -1.785  15.889  -6.690  1.00 9.45  ? 116 ALA A C   1 
ATOM   940  O  O   . ALA A 1 117 ? -2.186  17.029  -6.505  1.00 10.75 ? 116 ALA A O   1 
ATOM   941  C  CB  . ALA A 1 117 ? 0.647   15.397  -6.814  1.00 11.04 ? 116 ALA A CB  1 
ATOM   942  N  N   . GLU A 1 118 ? -2.357  15.050  -7.543  1.00 9.89  ? 117 GLU A N   1 
ATOM   943  C  CA  . GLU A 1 118 ? -3.578  15.371  -8.269  1.00 11.50 ? 117 GLU A CA  1 
ATOM   944  C  C   . GLU A 1 118 ? -4.713  15.742  -7.317  1.00 10.88 ? 117 GLU A C   1 
ATOM   945  O  O   . GLU A 1 118 ? -5.512  16.636  -7.618  1.00 13.01 ? 117 GLU A O   1 
ATOM   946  C  CB  . GLU A 1 118 ? -3.987  14.169  -9.126  1.00 11.19 ? 117 GLU A CB  1 
ATOM   947  C  CG  . GLU A 1 118 ? -5.302  14.315  -9.873  1.00 13.55 ? 117 GLU A CG  1 
ATOM   948  C  CD  . GLU A 1 118 ? -5.687  13.026  -10.598 1.00 17.10 ? 117 GLU A CD  1 
ATOM   949  O  OE1 . GLU A 1 118 ? -5.213  11.965  -10.193 1.00 18.98 ? 117 GLU A OE1 1 
ATOM   950  O  OE2 . GLU A 1 118 ? -6.439  13.068  -11.582 1.00 23.69 ? 117 GLU A OE2 1 
ATOM   951  N  N   . ARG A 1 119 ? -4.768  15.062  -6.178  1.00 10.25 ? 118 ARG A N   1 
ATOM   952  C  CA  . ARG A 1 119 ? -5.792  15.290  -5.179  1.00 11.62 ? 118 ARG A CA  1 
ATOM   953  C  C   . ARG A 1 119 ? -5.466  16.458  -4.240  1.00 12.91 ? 118 ARG A C   1 
ATOM   954  O  O   . ARG A 1 119 ? -6.257  16.768  -3.343  1.00 13.13 ? 118 ARG A O   1 
ATOM   955  C  CB  . ARG A 1 119 ? -6.040  13.997  -4.391  1.00 12.88 ? 118 ARG A CB  1 
ATOM   956  C  CG  . ARG A 1 119 ? -6.620  12.867  -5.234  1.00 13.64 ? 118 ARG A CG  1 
ATOM   957  C  CD  . ARG A 1 119 ? -6.775  11.621  -4.389  1.00 16.34 ? 118 ARG A CD  1 
ATOM   958  N  NE  . ARG A 1 119 ? -7.241  10.481  -5.172  1.00 13.32 ? 118 ARG A NE  1 
ATOM   959  C  CZ  . ARG A 1 119 ? -7.934  9.458   -4.691  1.00 20.93 ? 118 ARG A CZ  1 
ATOM   960  N  NH1 . ARG A 1 119 ? -8.296  9.422   -3.412  1.00 24.81 ? 118 ARG A NH1 1 
ATOM   961  N  NH2 . ARG A 1 119 ? -8.272  8.457   -5.496  1.00 20.67 ? 118 ARG A NH2 1 
ATOM   962  N  N   . GLY A 1 120 ? -4.317  17.105  -4.436  1.00 12.12 ? 119 GLY A N   1 
ATOM   963  C  CA  . GLY A 1 120 ? -3.946  18.281  -3.633  1.00 12.34 ? 119 GLY A CA  1 
ATOM   964  C  C   . GLY A 1 120 ? -3.594  17.966  -2.197  1.00 13.06 ? 119 GLY A C   1 
ATOM   965  O  O   . GLY A 1 120 ? -3.758  18.813  -1.308  1.00 15.44 ? 119 GLY A O   1 
ATOM   966  N  N   . ILE A 1 121 ? -3.084  16.761  -1.955  1.00 12.71 ? 120 ILE A N   1 
ATOM   967  C  CA  . ILE A 1 121 ? -2.730  16.306  -0.610  1.00 11.40 ? 120 ILE A CA  1 
ATOM   968  C  C   . ILE A 1 121 ? -1.351  16.807  -0.248  1.00 11.25 ? 120 ILE A C   1 
ATOM   969  O  O   . ILE A 1 121 ? -0.404  16.610  -1.008  1.00 13.63 ? 120 ILE A O   1 
ATOM   970  C  CB  . ILE A 1 121 ? -2.726  14.770  -0.543  1.00 11.44 ? 120 ILE A CB  1 
ATOM   971  C  CG1 . ILE A 1 121 ? -4.099  14.202  -0.927  1.00 15.13 ? 120 ILE A CG1 1 
ATOM   972  C  CG2 . ILE A 1 121 ? -2.287  14.258  0.832   1.00 15.70 ? 120 ILE A CG2 1 
ATOM   973  C  CD1 . ILE A 1 121 ? -5.235  14.685  -0.073  1.00 18.76 ? 120 ILE A CD1 1 
ATOM   974  N  N   . ALA A 1 122 ? -1.237  17.463  0.908   1.00 10.62 ? 121 ALA A N   1 
ATOM   975  C  CA  . ALA A 1 122 ? 0.030   18.076  1.337   1.00 11.77 ? 121 ALA A CA  1 
ATOM   976  C  C   . ALA A 1 122 ? 1.103   17.079  1.791   1.00 10.34 ? 121 ALA A C   1 
ATOM   977  O  O   . ALA A 1 122 ? 2.286   17.292  1.554   1.00 10.91 ? 121 ALA A O   1 
ATOM   978  C  CB  . ALA A 1 122 ? -0.235  19.081  2.460   1.00 12.19 ? 121 ALA A CB  1 
ATOM   979  N  N   . PHE A 1 123 ? 0.688   15.998  2.442   1.00 9.06  ? 122 PHE A N   1 
ATOM   980  C  CA  . PHE A 1 123 ? 1.618   15.159  3.216   1.00 10.72 ? 122 PHE A CA  1 
ATOM   981  C  C   . PHE A 1 123 ? 1.117   13.730  3.204   1.00 10.35 ? 122 PHE A C   1 
ATOM   982  O  O   . PHE A 1 123 ? -0.094  13.502  3.270   1.00 12.36 ? 122 PHE A O   1 
ATOM   983  C  CB  . PHE A 1 123 ? 1.657   15.714  4.646   1.00 10.89 ? 122 PHE A CB  1 
ATOM   984  C  CG  . PHE A 1 123 ? 2.703   15.110  5.543   1.00 12.31 ? 122 PHE A CG  1 
ATOM   985  C  CD1 . PHE A 1 123 ? 4.046   15.405  5.370   1.00 14.07 ? 122 PHE A CD1 1 
ATOM   986  C  CD2 . PHE A 1 123 ? 2.329   14.291  6.599   1.00 13.42 ? 122 PHE A CD2 1 
ATOM   987  C  CE1 . PHE A 1 123 ? 4.996   14.875  6.236   1.00 14.13 ? 122 PHE A CE1 1 
ATOM   988  C  CE2 . PHE A 1 123 ? 3.291   13.776  7.467   1.00 10.60 ? 122 PHE A CE2 1 
ATOM   989  C  CZ  . PHE A 1 123 ? 4.609   14.076  7.271   1.00 15.48 ? 122 PHE A CZ  1 
ATOM   990  N  N   . ALA A 1 124 ? 2.040   12.776  3.139   1.00 11.58 ? 123 ALA A N   1 
ATOM   991  C  CA  . ALA A 1 124 ? 1.685   11.361  3.140   1.00 9.88  ? 123 ALA A CA  1 
ATOM   992  C  C   . ALA A 1 124 ? 2.606   10.557  4.040   1.00 10.62 ? 123 ALA A C   1 
ATOM   993  O  O   . ALA A 1 124 ? 3.758   10.968  4.318   1.00 10.53 ? 123 ALA A O   1 
ATOM   994  C  CB  . ALA A 1 124 ? 1.747   10.821  1.725   1.00 10.88 ? 123 ALA A CB  1 
ATOM   995  N  N   . VAL A 1 125 ? 2.096   9.409   4.476   1.00 11.71 ? 124 VAL A N   1 
ATOM   996  C  CA  . VAL A 1 125 ? 2.841   8.489   5.328   1.00 10.64 ? 124 VAL A CA  1 
ATOM   997  C  C   . VAL A 1 125 ? 2.647   7.061   4.832   1.00 12.39 ? 124 VAL A C   1 
ATOM   998  O  O   . VAL A 1 125 ? 1.751   6.782   4.043   1.00 11.94 ? 124 VAL A O   1 
ATOM   999  C  CB  . VAL A 1 125 ? 2.435   8.586   6.826   1.00 14.67 ? 124 VAL A CB  1 
ATOM   1000 C  CG1 . VAL A 1 125 ? 2.750   9.977   7.405   1.00 12.86 ? 124 VAL A CG1 1 
ATOM   1001 C  CG2 . VAL A 1 125 ? 0.981   8.253   7.019   1.00 18.06 ? 124 VAL A CG2 1 
ATOM   1002 N  N   . LEU A 1 126 ? 3.538   6.178   5.269   1.00 11.89 ? 125 LEU A N   1 
ATOM   1003 C  CA  . LEU A 1 126 ? 3.466   4.745   4.973   1.00 11.86 ? 125 LEU A CA  1 
ATOM   1004 C  C   . LEU A 1 126 ? 4.156   4.025   6.118   1.00 13.02 ? 125 LEU A C   1 
ATOM   1005 O  O   . LEU A 1 126 ? 4.895   4.653   6.868   1.00 12.21 ? 125 LEU A O   1 
ATOM   1006 C  CB  . LEU A 1 126 ? 4.142   4.425   3.621   1.00 12.44 ? 125 LEU A CB  1 
ATOM   1007 C  CG  . LEU A 1 126 ? 5.621   4.754   3.382   1.00 10.25 ? 125 LEU A CG  1 
ATOM   1008 C  CD1 . LEU A 1 126 ? 6.587   3.756   4.035   1.00 12.78 ? 125 LEU A CD1 1 
ATOM   1009 C  CD2 . LEU A 1 126 ? 5.890   4.830   1.885   1.00 14.19 ? 125 LEU A CD2 1 
ATOM   1010 N  N   . HIS A 1 127 ? 3.913   2.726   6.267   1.00 14.39 ? 126 HIS A N   1 
ATOM   1011 C  CA  . HIS A 1 127 ? 4.679   1.915   7.210   1.00 13.87 ? 126 HIS A CA  1 
ATOM   1012 C  C   . HIS A 1 127 ? 5.521   0.944   6.414   1.00 14.80 ? 126 HIS A C   1 
ATOM   1013 O  O   . HIS A 1 127 ? 4.991   0.102   5.675   1.00 14.93 ? 126 HIS A O   1 
ATOM   1014 C  CB  . HIS A 1 127 ? 3.758   1.196   8.177   1.00 16.22 ? 126 HIS A CB  1 
ATOM   1015 C  CG  . HIS A 1 127 ? 3.064   2.117   9.127   1.00 16.52 ? 126 HIS A CG  1 
ATOM   1016 N  ND1 . HIS A 1 127 ? 1.798   2.599   8.898   1.00 21.17 ? 126 HIS A ND1 1 
ATOM   1017 C  CD2 . HIS A 1 127 ? 3.459   2.640   10.311  1.00 24.69 ? 126 HIS A CD2 1 
ATOM   1018 C  CE1 . HIS A 1 127 ? 1.436   3.379   9.902   1.00 20.04 ? 126 HIS A CE1 1 
ATOM   1019 N  NE2 . HIS A 1 127 ? 2.434   3.433   10.765  1.00 23.30 ? 126 HIS A NE2 1 
ATOM   1020 N  N   . ALA A 1 128 ? 6.833   1.104   6.515   1.00 14.37 ? 127 ALA A N   1 
ATOM   1021 C  CA  . ALA A 1 128 ? 7.752   0.377   5.653   1.00 16.50 ? 127 ALA A CA  1 
ATOM   1022 C  C   . ALA A 1 128 ? 8.018   -1.023  6.179   1.00 20.83 ? 127 ALA A C   1 
ATOM   1023 O  O   . ALA A 1 128 ? 7.874   -1.282  7.368   1.00 22.74 ? 127 ALA A O   1 
ATOM   1024 C  CB  . ALA A 1 128 ? 9.044   1.125   5.528   1.00 17.03 ? 127 ALA A CB  1 
ATOM   1025 N  N   . THR A 1 129 ? 8.356   -1.931  5.269   1.00 20.61 ? 128 THR A N   1 
ATOM   1026 C  CA  . THR A 1 129 ? 9.046   -3.155  5.622   1.00 23.01 ? 128 THR A CA  1 
ATOM   1027 C  C   . THR A 1 129 ? 10.542  -2.849  5.474   1.00 26.42 ? 128 THR A C   1 
ATOM   1028 O  O   . THR A 1 129 ? 10.926  -1.918  4.749   1.00 27.10 ? 128 THR A O   1 
ATOM   1029 C  CB  . THR A 1 129 ? 8.687   -4.292  4.661   1.00 21.47 ? 128 THR A CB  1 
ATOM   1030 O  OG1 . THR A 1 129 ? 9.065   -3.906  3.336   1.00 24.91 ? 128 THR A OG1 1 
ATOM   1031 C  CG2 . THR A 1 129 ? 7.193   -4.587  4.690   1.00 22.29 ? 128 THR A CG2 1 
ATOM   1032 N  N   . GLU A 1 130 ? 11.389  -3.640  6.124   1.00 29.70 ? 129 GLU A N   1 
ATOM   1033 C  CA  . GLU A 1 130 ? 12.846  -3.451  6.027   1.00 32.03 ? 129 GLU A CA  1 
ATOM   1034 C  C   . GLU A 1 130 ? 13.313  -3.567  4.573   1.00 33.94 ? 129 GLU A C   1 
ATOM   1035 O  O   . GLU A 1 130 ? 14.259  -2.893  4.152   1.00 32.96 ? 129 GLU A O   1 
ATOM   1036 C  CB  . GLU A 1 130 ? 13.589  -4.473  6.902   1.00 32.86 ? 129 GLU A CB  1 
HETATM 1037 N  N   . MSE A 1 131 ? 12.629  -4.415  3.815   1.00 35.54 ? 130 MSE A N   1 
HETATM 1038 C  CA  . MSE A 1 131 ? 12.927  -4.614  2.407   1.00 40.83 ? 130 MSE A CA  1 
HETATM 1039 C  C   . MSE A 1 131 ? 12.630  -3.373  1.555   1.00 37.39 ? 130 MSE A C   1 
HETATM 1040 O  O   . MSE A 1 131 ? 13.391  -3.052  0.638   1.00 36.75 ? 130 MSE A O   1 
HETATM 1041 C  CB  . MSE A 1 131 ? 12.118  -5.795  1.876   1.00 40.05 ? 130 MSE A CB  1 
HETATM 1042 C  CG  . MSE A 1 131 ? 12.662  -6.369  0.586   1.00 49.24 ? 130 MSE A CG  1 
HETATM 1043 SE SE  . MSE A 1 131 ? 11.602  -7.906  -0.047  0.75 56.89 ? 130 MSE A SE  1 
HETATM 1044 C  CE  . MSE A 1 131 ? 9.991   -6.886  -0.671  1.00 52.88 ? 130 MSE A CE  1 
ATOM   1045 N  N   . GLY A 1 132 ? 11.520  -2.693  1.850   1.00 34.25 ? 131 GLY A N   1 
ATOM   1046 C  CA  . GLY A 1 132 ? 11.103  -1.526  1.079   1.00 30.91 ? 131 GLY A CA  1 
ATOM   1047 C  C   . GLY A 1 132 ? 11.849  -0.249  1.434   1.00 28.18 ? 131 GLY A C   1 
ATOM   1048 O  O   . GLY A 1 132 ? 11.980  0.650   0.603   1.00 25.57 ? 131 GLY A O   1 
ATOM   1049 N  N   . GLN A 1 133 ? 12.346  -0.171  2.667   1.00 25.51 ? 132 GLN A N   1 
ATOM   1050 C  CA  . GLN A 1 133 ? 12.904  1.067   3.210   1.00 22.79 ? 132 GLN A CA  1 
ATOM   1051 C  C   . GLN A 1 133 ? 13.972  1.764   2.338   1.00 21.72 ? 132 GLN A C   1 
ATOM   1052 O  O   . GLN A 1 133 ? 13.954  2.990   2.225   1.00 21.43 ? 132 GLN A O   1 
ATOM   1053 C  CB  . GLN A 1 133 ? 13.430  0.822   4.633   1.00 23.32 ? 132 GLN A CB  1 
ATOM   1054 C  CG  . GLN A 1 133 ? 14.152  2.003   5.267   1.00 25.32 ? 132 GLN A CG  1 
ATOM   1055 C  CD  . GLN A 1 133 ? 15.603  2.138   4.806   1.00 34.52 ? 132 GLN A CD  1 
ATOM   1056 O  OE1 . GLN A 1 133 ? 16.300  1.142   4.592   1.00 43.53 ? 132 GLN A OE1 1 
ATOM   1057 N  NE2 . GLN A 1 133 ? 16.059  3.379   4.646   1.00 39.88 ? 132 GLN A NE2 1 
ATOM   1058 N  N   . PRO A 1 134 ? 14.909  1.008   1.737   1.00 22.32 ? 133 PRO A N   1 
ATOM   1059 C  CA  . PRO A 1 134 ? 15.942  1.708   0.943   1.00 21.79 ? 133 PRO A CA  1 
ATOM   1060 C  C   . PRO A 1 134 ? 15.373  2.447   -0.278  1.00 18.60 ? 133 PRO A C   1 
ATOM   1061 O  O   . PRO A 1 134 ? 15.817  3.540   -0.592  1.00 19.12 ? 133 PRO A O   1 
ATOM   1062 C  CB  . PRO A 1 134 ? 16.892  0.582   0.510   1.00 22.96 ? 133 PRO A CB  1 
ATOM   1063 C  CG  . PRO A 1 134 ? 16.564  -0.587  1.388   1.00 24.81 ? 133 PRO A CG  1 
ATOM   1064 C  CD  . PRO A 1 134 ? 15.122  -0.450  1.750   1.00 22.94 ? 133 PRO A CD  1 
ATOM   1065 N  N   . LEU A 1 135 ? 14.397  1.846   -0.941  1.00 19.14 ? 134 LEU A N   1 
ATOM   1066 C  CA  . LEU A 1 135 ? 13.709  2.496   -2.051  1.00 20.46 ? 134 LEU A CA  1 
ATOM   1067 C  C   . LEU A 1 135 ? 12.998  3.756   -1.573  1.00 19.00 ? 134 LEU A C   1 
ATOM   1068 O  O   . LEU A 1 135 ? 13.097  4.805   -2.195  1.00 18.07 ? 134 LEU A O   1 
ATOM   1069 C  CB  . LEU A 1 135 ? 12.698  1.539   -2.707  1.00 21.30 ? 134 LEU A CB  1 
ATOM   1070 C  CG  . LEU A 1 135 ? 11.744  2.162   -3.737  1.00 23.76 ? 134 LEU A CG  1 
ATOM   1071 C  CD1 . LEU A 1 135 ? 12.532  2.726   -4.928  1.00 25.90 ? 134 LEU A CD1 1 
ATOM   1072 C  CD2 . LEU A 1 135 ? 10.693  1.159   -4.178  1.00 24.64 ? 134 LEU A CD2 1 
ATOM   1073 N  N   . TYR A 1 136 ? 12.285  3.658   -0.454  1.00 16.96 ? 135 TYR A N   1 
ATOM   1074 C  CA  . TYR A 1 136 ? 11.525  4.812   0.010   1.00 15.45 ? 135 TYR A CA  1 
ATOM   1075 C  C   . TYR A 1 136 ? 12.483  5.946   0.349   1.00 14.81 ? 135 TYR A C   1 
ATOM   1076 O  O   . TYR A 1 136 ? 12.247  7.098   -0.018  1.00 17.48 ? 135 TYR A O   1 
ATOM   1077 C  CB  . TYR A 1 136 ? 10.599  4.459   1.189   1.00 15.90 ? 135 TYR A CB  1 
ATOM   1078 C  CG  . TYR A 1 136 ? 9.739   3.231   0.951   1.00 13.82 ? 135 TYR A CG  1 
ATOM   1079 C  CD1 . TYR A 1 136 ? 9.205   2.946   -0.318  1.00 17.71 ? 135 TYR A CD1 1 
ATOM   1080 C  CD2 . TYR A 1 136 ? 9.484   2.330   1.983   1.00 15.65 ? 135 TYR A CD2 1 
ATOM   1081 C  CE1 . TYR A 1 136 ? 8.436   1.811   -0.531  1.00 19.98 ? 135 TYR A CE1 1 
ATOM   1082 C  CE2 . TYR A 1 136 ? 8.719   1.197   1.776   1.00 17.91 ? 135 TYR A CE2 1 
ATOM   1083 C  CZ  . TYR A 1 136 ? 8.190   0.940   0.523   1.00 22.66 ? 135 TYR A CZ  1 
ATOM   1084 O  OH  . TYR A 1 136 ? 7.443   -0.204  0.323   1.00 19.01 ? 135 TYR A OH  1 
ATOM   1085 N  N   . ALA A 1 137 ? 13.576  5.621   1.024   1.00 15.38 ? 136 ALA A N   1 
ATOM   1086 C  CA  . ALA A 1 137 ? 14.561  6.628   1.371   1.00 15.23 ? 136 ALA A CA  1 
ATOM   1087 C  C   . ALA A 1 137 ? 15.117  7.278   0.112   1.00 16.71 ? 136 ALA A C   1 
ATOM   1088 O  O   . ALA A 1 137 ? 15.256  8.499   0.066   1.00 16.89 ? 136 ALA A O   1 
ATOM   1089 C  CB  . ALA A 1 137 ? 15.656  6.031   2.184   1.00 17.85 ? 136 ALA A CB  1 
ATOM   1090 N  N   . ARG A 1 138 ? 15.433  6.471   -0.900  1.00 17.63 ? 137 ARG A N   1 
ATOM   1091 C  CA  A ARG A 1 138 ? 15.904  6.986   -2.193  0.50 19.88 ? 137 ARG A CA  1 
ATOM   1092 C  CA  B ARG A 1 138 ? 15.916  7.007   -2.177  0.50 19.26 ? 137 ARG A CA  1 
ATOM   1093 C  C   . ARG A 1 138 ? 14.889  7.938   -2.811  1.00 18.81 ? 137 ARG A C   1 
ATOM   1094 O  O   . ARG A 1 138 ? 15.258  8.907   -3.484  1.00 19.17 ? 137 ARG A O   1 
ATOM   1095 C  CB  A ARG A 1 138 ? 16.155  5.846   -3.193  0.50 19.68 ? 137 ARG A CB  1 
ATOM   1096 C  CB  B ARG A 1 138 ? 16.260  5.887   -3.168  0.50 18.94 ? 137 ARG A CB  1 
ATOM   1097 C  CG  A ARG A 1 138 ? 17.432  5.067   -2.973  0.50 23.93 ? 137 ARG A CG  1 
ATOM   1098 C  CG  B ARG A 1 138 ? 17.626  5.263   -2.959  0.50 22.56 ? 137 ARG A CG  1 
ATOM   1099 C  CD  A ARG A 1 138 ? 17.761  4.151   -4.165  0.50 24.40 ? 137 ARG A CD  1 
ATOM   1100 C  CD  B ARG A 1 138 ? 18.063  4.429   -4.169  0.50 21.95 ? 137 ARG A CD  1 
ATOM   1101 N  NE  A ARG A 1 138 ? 17.008  2.892   -4.154  0.50 28.21 ? 137 ARG A NE  1 
ATOM   1102 N  NE  B ARG A 1 138 ? 17.260  3.215   -4.329  0.50 22.85 ? 137 ARG A NE  1 
ATOM   1103 C  CZ  A ARG A 1 138 ? 16.107  2.509   -5.064  0.50 29.39 ? 137 ARG A CZ  1 
ATOM   1104 C  CZ  B ARG A 1 138 ? 17.396  2.104   -3.603  0.50 19.64 ? 137 ARG A CZ  1 
ATOM   1105 N  NH1 A ARG A 1 138 ? 15.798  3.278   -6.113  0.50 27.74 ? 137 ARG A NH1 1 
ATOM   1106 N  NH1 B ARG A 1 138 ? 18.303  2.020   -2.634  0.50 23.34 ? 137 ARG A NH1 1 
ATOM   1107 N  NH2 A ARG A 1 138 ? 15.508  1.326   -4.924  0.50 27.48 ? 137 ARG A NH2 1 
ATOM   1108 N  NH2 B ARG A 1 138 ? 16.610  1.065   -3.846  0.50 18.75 ? 137 ARG A NH2 1 
HETATM 1109 N  N   . MSE A 1 139 ? 13.611  7.642   -2.597  1.00 15.82 ? 138 MSE A N   1 
HETATM 1110 C  CA  . MSE A 1 139 ? 12.528  8.432   -3.158  1.00 16.06 ? 138 MSE A CA  1 
HETATM 1111 C  C   . MSE A 1 139 ? 12.103  9.609   -2.264  1.00 15.10 ? 138 MSE A C   1 
HETATM 1112 O  O   . MSE A 1 139 ? 11.076  10.233  -2.525  1.00 14.46 ? 138 MSE A O   1 
HETATM 1113 C  CB  . MSE A 1 139 ? 11.336  7.532   -3.437  1.00 15.30 ? 138 MSE A CB  1 
HETATM 1114 C  CG  . MSE A 1 139 ? 11.578  6.453   -4.498  1.00 17.32 ? 138 MSE A CG  1 
HETATM 1115 SE SE  . MSE A 1 139 ? 9.908   5.489   -4.816  0.75 19.90 ? 138 MSE A SE  1 
HETATM 1116 C  CE  . MSE A 1 139 ? 8.908   6.980   -5.605  1.00 21.57 ? 138 MSE A CE  1 
ATOM   1117 N  N   . GLY A 1 140 ? 12.890  9.910   -1.229  1.00 14.84 ? 139 GLY A N   1 
ATOM   1118 C  CA  . GLY A 1 140 ? 12.695  11.125  -0.439  1.00 14.22 ? 139 GLY A CA  1 
ATOM   1119 C  C   . GLY A 1 140 ? 11.774  10.985  0.753   1.00 13.72 ? 139 GLY A C   1 
ATOM   1120 O  O   . GLY A 1 140 ? 11.291  11.989  1.304   1.00 12.82 ? 139 GLY A O   1 
ATOM   1121 N  N   . TRP A 1 141 ? 11.527  9.738   1.157   1.00 13.26 ? 140 TRP A N   1 
ATOM   1122 C  CA  . TRP A 1 141 ? 10.760  9.442   2.359   1.00 12.10 ? 140 TRP A CA  1 
ATOM   1123 C  C   . TRP A 1 141 ? 11.696  9.470   3.578   1.00 11.98 ? 140 TRP A C   1 
ATOM   1124 O  O   . TRP A 1 141 ? 12.874  9.087   3.486   1.00 12.25 ? 140 TRP A O   1 
ATOM   1125 C  CB  . TRP A 1 141 ? 10.038  8.098   2.254   1.00 10.84 ? 140 TRP A CB  1 
ATOM   1126 C  CG  . TRP A 1 141 ? 8.966   8.102   1.201   1.00 12.38 ? 140 TRP A CG  1 
ATOM   1127 C  CD1 . TRP A 1 141 ? 9.139   8.027   -0.147  1.00 12.14 ? 140 TRP A CD1 1 
ATOM   1128 C  CD2 . TRP A 1 141 ? 7.559   8.193   1.422   1.00 9.82  ? 140 TRP A CD2 1 
ATOM   1129 N  NE1 . TRP A 1 141 ? 7.920   8.077   -0.783  1.00 13.32 ? 140 TRP A NE1 1 
ATOM   1130 C  CE2 . TRP A 1 141 ? 6.935   8.207   0.162   1.00 12.70 ? 140 TRP A CE2 1 
ATOM   1131 C  CE3 . TRP A 1 141 ? 6.759   8.310   2.578   1.00 11.17 ? 140 TRP A CE3 1 
ATOM   1132 C  CZ2 . TRP A 1 141 ? 5.546   8.292   0.019   1.00 11.41 ? 140 TRP A CZ2 1 
ATOM   1133 C  CZ3 . TRP A 1 141 ? 5.401   8.400   2.433   1.00 11.15 ? 140 TRP A CZ3 1 
ATOM   1134 C  CH2 . TRP A 1 141 ? 4.800   8.393   1.166   1.00 10.83 ? 140 TRP A CH2 1 
ATOM   1135 N  N   . SER A 1 142 ? 11.172  9.979   4.692   1.00 12.07 ? 141 SER A N   1 
ATOM   1136 C  CA  . SER A 1 142 ? 11.933  10.084  5.940   1.00 11.66 ? 141 SER A CA  1 
ATOM   1137 C  C   . SER A 1 142 ? 11.247  9.317   7.059   1.00 12.80 ? 141 SER A C   1 
ATOM   1138 O  O   . SER A 1 142 ? 10.030  9.346   7.164   1.00 11.18 ? 141 SER A O   1 
ATOM   1139 C  CB  . SER A 1 142 ? 12.052  11.538  6.396   1.00 13.37 ? 141 SER A CB  1 
ATOM   1140 O  OG  . SER A 1 142 ? 12.686  12.342  5.424   1.00 15.15 ? 141 SER A OG  1 
ATOM   1141 N  N   . PRO A 1 143 ? 12.029  8.701   7.943   1.00 12.99 ? 142 PRO A N   1 
ATOM   1142 C  CA  . PRO A 1 143 ? 11.472  8.112   9.154   1.00 13.88 ? 142 PRO A CA  1 
ATOM   1143 C  C   . PRO A 1 143 ? 10.765  9.154   9.993   1.00 13.18 ? 142 PRO A C   1 
ATOM   1144 O  O   . PRO A 1 143 ? 11.236  10.301  10.069  1.00 12.01 ? 142 PRO A O   1 
ATOM   1145 C  CB  . PRO A 1 143 ? 12.711  7.607   9.903   1.00 15.32 ? 142 PRO A CB  1 
ATOM   1146 C  CG  . PRO A 1 143 ? 13.728  7.459   8.902   1.00 19.85 ? 142 PRO A CG  1 
ATOM   1147 C  CD  . PRO A 1 143 ? 13.485  8.537   7.896   1.00 15.99 ? 142 PRO A CD  1 
ATOM   1148 N  N   . THR A 1 144 ? 9.649   8.760   10.611  1.00 12.15 ? 143 THR A N   1 
ATOM   1149 C  CA  . THR A 1 144 ? 8.914   9.623   11.518  1.00 13.17 ? 143 THR A CA  1 
ATOM   1150 C  C   . THR A 1 144 ? 9.221   9.251   12.967  1.00 13.30 ? 143 THR A C   1 
ATOM   1151 O  O   . THR A 1 144 ? 9.985   8.337   13.242  1.00 14.13 ? 143 THR A O   1 
ATOM   1152 C  CB  . THR A 1 144 ? 7.399   9.587   11.304  1.00 13.54 ? 143 THR A CB  1 
ATOM   1153 O  OG1 . THR A 1 144 ? 6.833   8.399   11.890  1.00 13.48 ? 143 THR A OG1 1 
ATOM   1154 C  CG2 . THR A 1 144 ? 7.047   9.675   9.822   1.00 16.36 ? 143 THR A CG2 1 
ATOM   1155 N  N   . THR A 1 145 ? 8.607   9.984   13.882  1.00 11.30 ? 144 THR A N   1 
ATOM   1156 C  CA  . THR A 1 145 ? 8.766   9.750   15.311  1.00 11.99 ? 144 THR A CA  1 
ATOM   1157 C  C   . THR A 1 145 ? 7.657   8.868   15.900  1.00 11.13 ? 144 THR A C   1 
ATOM   1158 O  O   . THR A 1 145 ? 7.509   8.807   17.128  1.00 10.67 ? 144 THR A O   1 
ATOM   1159 C  CB  . THR A 1 145 ? 8.775   11.082  16.089  1.00 12.44 ? 144 THR A CB  1 
ATOM   1160 O  OG1 . THR A 1 145 ? 7.530   11.764  15.888  1.00 15.42 ? 144 THR A OG1 1 
ATOM   1161 C  CG2 . THR A 1 145 ? 9.911   11.962  15.647  1.00 15.65 ? 144 THR A CG2 1 
ATOM   1162 N  N   . GLU A 1 146 ? 6.942   8.135   15.051  1.00 10.72 ? 145 GLU A N   1 
ATOM   1163 C  CA  . GLU A 1 146 ? 5.886   7.266   15.538  1.00 11.44 ? 145 GLU A CA  1 
ATOM   1164 C  C   . GLU A 1 146 ? 6.430   6.155   16.421  1.00 11.10 ? 145 GLU A C   1 
ATOM   1165 O  O   . GLU A 1 146 ? 7.484   5.569   16.148  1.00 8.93  ? 145 GLU A O   1 
ATOM   1166 C  CB  . GLU A 1 146 ? 5.094   6.676   14.374  1.00 9.96  ? 145 GLU A CB  1 
ATOM   1167 C  CG  . GLU A 1 146 ? 3.844   5.955   14.828  1.00 11.34 ? 145 GLU A CG  1 
ATOM   1168 C  CD  . GLU A 1 146 ? 3.084   5.338   13.696  1.00 16.25 ? 145 GLU A CD  1 
ATOM   1169 O  OE1 . GLU A 1 146 ? 3.563   4.375   13.081  1.00 16.19 ? 145 GLU A OE1 1 
ATOM   1170 O  OE2 . GLU A 1 146 ? 1.993   5.839   13.420  1.00 15.85 ? 145 GLU A OE2 1 
HETATM 1171 N  N   . MSE A 1 147 ? 5.691   5.878   17.488  1.00 11.08 ? 146 MSE A N   1 
HETATM 1172 C  CA  . MSE A 1 147 ? 5.962   4.770   18.366  1.00 10.40 ? 146 MSE A CA  1 
HETATM 1173 C  C   . MSE A 1 147 ? 4.648   4.056   18.630  1.00 11.39 ? 146 MSE A C   1 
HETATM 1174 O  O   . MSE A 1 147 ? 3.572   4.634   18.464  1.00 10.86 ? 146 MSE A O   1 
HETATM 1175 C  CB  . MSE A 1 147 ? 6.581   5.256   19.689  1.00 10.37 ? 146 MSE A CB  1 
HETATM 1176 C  CG  . MSE A 1 147 ? 7.851   6.088   19.506  1.00 11.32 ? 146 MSE A CG  1 
HETATM 1177 SE SE  . MSE A 1 147 ? 8.573   6.718   21.163  0.75 16.11 ? 146 MSE A SE  1 
HETATM 1178 C  CE  . MSE A 1 147 ? 9.362   5.087   21.768  1.00 15.32 ? 146 MSE A CE  1 
ATOM   1179 N  N   . SER A 1 148 ? 4.746   2.805   19.055  1.00 9.86  ? 147 SER A N   1 
ATOM   1180 C  CA  . SER A 1 148 ? 3.583   1.966   19.262  1.00 10.66 ? 147 SER A CA  1 
ATOM   1181 C  C   . SER A 1 148 ? 3.698   1.129   20.527  1.00 10.02 ? 147 SER A C   1 
ATOM   1182 O  O   . SER A 1 148 ? 4.800   0.915   21.056  1.00 9.08  ? 147 SER A O   1 
ATOM   1183 C  CB  . SER A 1 148 ? 3.372   1.050   18.053  1.00 11.98 ? 147 SER A CB  1 
ATOM   1184 O  OG  . SER A 1 148 ? 4.377   0.032   17.958  1.00 10.15 ? 147 SER A OG  1 
ATOM   1185 N  N   . LYS A 1 149 ? 2.544   0.652   21.001  1.00 8.70  ? 148 LYS A N   1 
ATOM   1186 C  CA  . LYS A 1 149 ? 2.473   -0.211  22.154  1.00 9.00  ? 148 LYS A CA  1 
ATOM   1187 C  C   . LYS A 1 149 ? 1.217   -1.093  22.113  1.00 9.77  ? 148 LYS A C   1 
ATOM   1188 O  O   . LYS A 1 149 ? 0.118   -0.596  21.854  1.00 8.79  ? 148 LYS A O   1 
ATOM   1189 C  CB  . LYS A 1 149 ? 2.469   0.614   23.437  1.00 9.69  ? 148 LYS A CB  1 
ATOM   1190 C  CG  . LYS A 1 149 ? 2.480   -0.204  24.697  1.00 11.56 ? 148 LYS A CG  1 
ATOM   1191 C  CD  . LYS A 1 149 ? 2.487   0.647   25.946  1.00 10.90 ? 148 LYS A CD  1 
ATOM   1192 C  CE  . LYS A 1 149 ? 2.544   -0.207  27.181  1.00 15.87 ? 148 LYS A CE  1 
ATOM   1193 N  NZ  . LYS A 1 149 ? 2.625   0.609   28.439  1.00 12.58 ? 148 LYS A NZ  1 
ATOM   1194 N  N   . PRO A 1 150 ? 1.372   -2.405  22.336  1.00 8.56  ? 149 PRO A N   1 
ATOM   1195 C  CA  . PRO A 1 150 ? 0.182   -3.218  22.512  1.00 8.47  ? 149 PRO A CA  1 
ATOM   1196 C  C   . PRO A 1 150 ? -0.512  -2.817  23.800  1.00 8.90  ? 149 PRO A C   1 
ATOM   1197 O  O   . PRO A 1 150 ? 0.152   -2.548  24.805  1.00 9.53  ? 149 PRO A O   1 
ATOM   1198 C  CB  . PRO A 1 150 ? 0.738   -4.636  22.632  1.00 11.26 ? 149 PRO A CB  1 
ATOM   1199 C  CG  . PRO A 1 150 ? 2.089   -4.546  21.966  1.00 12.11 ? 149 PRO A CG  1 
ATOM   1200 C  CD  . PRO A 1 150 ? 2.595   -3.234  22.377  1.00 11.18 ? 149 PRO A CD  1 
ATOM   1201 N  N   . ILE A 1 151 ? -1.836  -2.776  23.764  1.00 9.96  ? 150 ILE A N   1 
ATOM   1202 C  CA  . ILE A 1 151 ? -2.622  -2.431  24.955  1.00 9.54  ? 150 ILE A CA  1 
ATOM   1203 C  C   . ILE A 1 151 ? -3.312  -3.707  25.437  1.00 10.54 ? 150 ILE A C   1 
ATOM   1204 O  O   . ILE A 1 151 ? -2.794  -4.376  26.329  1.00 11.18 ? 150 ILE A O   1 
ATOM   1205 C  CB  . ILE A 1 151 ? -3.620  -1.296  24.659  1.00 9.93  ? 150 ILE A CB  1 
ATOM   1206 C  CG1 . ILE A 1 151 ? -2.906  -0.082  24.073  1.00 11.18 ? 150 ILE A CG1 1 
ATOM   1207 C  CG2 . ILE A 1 151 ? -4.395  -0.926  25.919  1.00 12.63 ? 150 ILE A CG2 1 
ATOM   1208 C  CD1 . ILE A 1 151 ? -1.892  0.581   25.000  1.00 13.40 ? 150 ILE A CD1 1 
ATOM   1209 N  N   . ALA A 1 152 ? -4.459  -4.059  24.863  1.00 11.53 ? 151 ALA A N   1 
ATOM   1210 C  CA  . ALA A 1 152 ? -5.135  -5.314  25.215  1.00 16.25 ? 151 ALA A CA  1 
ATOM   1211 C  C   . ALA A 1 152 ? -4.616  -6.487  24.360  1.00 21.40 ? 151 ALA A C   1 
ATOM   1212 O  O   . ALA A 1 152 ? -4.800  -7.648  24.710  1.00 22.03 ? 151 ALA A O   1 
ATOM   1213 C  CB  . ALA A 1 152 ? -6.641  -5.162  25.069  1.00 15.97 ? 151 ALA A CB  1 
ATOM   1214 N  N   . GLY A 1 153 ? -3.941  -6.159  23.253  1.00 26.88 ? 152 GLY A N   1 
ATOM   1215 C  CA  . GLY A 1 153 ? -3.380  -7.145  22.327  1.00 32.52 ? 152 GLY A CA  1 
ATOM   1216 C  C   . GLY A 1 153 ? -1.917  -7.452  22.608  1.00 36.73 ? 152 GLY A C   1 
ATOM   1217 O  O   . GLY A 1 153 ? -1.452  -7.460  23.762  1.00 35.86 ? 152 GLY A O   1 
ATOM   1218 O  OXT . GLY A 1 153 ? -1.153  -7.721  21.663  1.00 41.76 ? 152 GLY A OXT 1 
HETATM 1219 ZN ZN  . ZN  B 2 .   ? 7.481   -11.614 -16.552 1.00 17.96 ? 153 ZN  A ZN  1 
HETATM 1220 MG MG  . MG  C 3 .   ? 1.531   5.556   11.339  1.00 19.61 ? 154 MG  A MG  1 
HETATM 1221 MG MG  . MG  D 3 .   ? -13.328 -4.775  -12.718 1.00 41.35 ? 155 MG  A MG  1 
HETATM 1222 O  O1  . UNL E 4 .   ? 7.334   -1.895  2.459   1.00 40.95 ? 156 UNL A O1  1 
HETATM 1223 O  O2  . UNL E 4 .   ? 5.769   -0.472  2.596   1.00 45.07 ? 156 UNL A O2  1 
HETATM 1224 O  O3  . UNL E 4 .   ? 4.081   0.647   1.387   1.00 31.25 ? 156 UNL A O3  1 
HETATM 1225 O  O4  . UNL E 4 .   ? 3.222   -0.760  1.467   1.00 20.27 ? 156 UNL A O4  1 
HETATM 1226 C  C1  . EDO F 5 .   ? 10.352  -3.737  -7.699  1.00 13.30 ? 157 EDO A C1  1 
HETATM 1227 O  O1  . EDO F 5 .   ? 10.565  -2.552  -8.436  1.00 45.64 ? 157 EDO A O1  1 
HETATM 1228 C  C2  . EDO F 5 .   ? 10.569  -3.483  -6.231  1.00 35.04 ? 157 EDO A C2  1 
HETATM 1229 O  O2  . EDO F 5 .   ? 10.301  -4.692  -5.522  1.00 42.40 ? 157 EDO A O2  1 
HETATM 1230 C  C   . FMT G 6 .   ? -1.511  -1.228  6.631   1.00 22.00 ? 158 FMT A C   1 
HETATM 1231 O  O1  . FMT G 6 .   ? -2.042  -1.142  7.703   1.00 22.39 ? 158 FMT A O1  1 
HETATM 1232 O  O2  . FMT G 6 .   ? -0.552  -1.945  6.487   1.00 31.35 ? 158 FMT A O2  1 
HETATM 1233 C  C   . FMT H 6 .   ? -13.494 -2.181  -14.141 1.00 55.93 ? 159 FMT A C   1 
HETATM 1234 O  O1  . FMT H 6 .   ? -14.032 -2.955  -13.336 1.00 56.14 ? 159 FMT A O1  1 
HETATM 1235 O  O2  . FMT H 6 .   ? -12.281 -2.250  -14.373 1.00 56.42 ? 159 FMT A O2  1 
HETATM 1236 C  C   . FMT I 6 .   ? -6.845  20.026  -1.633  1.00 56.49 ? 160 FMT A C   1 
HETATM 1237 O  O1  . FMT I 6 .   ? -5.862  20.761  -1.474  1.00 55.19 ? 160 FMT A O1  1 
HETATM 1238 O  O2  . FMT I 6 .   ? -7.035  19.029  -0.923  1.00 56.45 ? 160 FMT A O2  1 
HETATM 1239 C  C   . FMT J 6 .   ? -15.943 -13.718 6.499   1.00 57.13 ? 161 FMT A C   1 
HETATM 1240 O  O1  . FMT J 6 .   ? -16.289 -13.152 7.547   1.00 57.27 ? 161 FMT A O1  1 
HETATM 1241 O  O2  . FMT J 6 .   ? -15.858 -14.951 6.410   1.00 57.27 ? 161 FMT A O2  1 
HETATM 1242 O  O   . HOH K 7 .   ? -10.216 -14.222 12.190  1.00 16.57 ? 162 HOH A O   1 
HETATM 1243 O  O   . HOH K 7 .   ? -7.733  -11.056 3.588   1.00 17.56 ? 163 HOH A O   1 
HETATM 1244 O  O   . HOH K 7 .   ? -9.536  -14.927 9.415   1.00 13.92 ? 164 HOH A O   1 
HETATM 1245 O  O   . HOH K 7 .   ? 10.587  -4.559  -10.375 1.00 17.80 ? 165 HOH A O   1 
HETATM 1246 O  O   . HOH K 7 .   ? -3.762  -2.604  -3.231  1.00 13.25 ? 166 HOH A O   1 
HETATM 1247 O  O   . HOH K 7 .   ? -1.804  -4.347  -3.357  1.00 12.98 ? 167 HOH A O   1 
HETATM 1248 O  O   . HOH K 7 .   ? -1.354  22.383  4.486   1.00 16.59 ? 168 HOH A O   1 
HETATM 1249 O  O   . HOH K 7 .   ? 1.768   1.213   4.957   1.00 15.46 ? 169 HOH A O   1 
HETATM 1250 O  O   . HOH K 7 .   ? -4.035  -12.742 5.673   1.00 20.12 ? 170 HOH A O   1 
HETATM 1251 O  O   . HOH K 7 .   ? 10.807  13.324  3.702   1.00 16.16 ? 171 HOH A O   1 
HETATM 1252 O  O   . HOH K 7 .   ? -9.384  7.242   1.369   1.00 20.25 ? 172 HOH A O   1 
HETATM 1253 O  O   . HOH K 7 .   ? 7.161   -6.780  -2.569  1.00 17.60 ? 173 HOH A O   1 
HETATM 1254 O  O   . HOH K 7 .   ? 3.653   -11.409 13.650  1.00 34.04 ? 174 HOH A O   1 
HETATM 1255 O  O   . HOH K 7 .   ? 11.454  -16.996 -11.304 1.00 20.81 ? 175 HOH A O   1 
HETATM 1256 O  O   . HOH K 7 .   ? 1.545   -1.471  4.082   1.00 19.79 ? 176 HOH A O   1 
HETATM 1257 O  O   . HOH K 7 .   ? -11.632 20.030  9.910   1.00 22.38 ? 177 HOH A O   1 
HETATM 1258 O  O   . HOH K 7 .   ? -0.663  -6.039  -19.367 1.00 21.22 ? 178 HOH A O   1 
HETATM 1259 O  O   . HOH K 7 .   ? 4.727   -1.921  19.758  1.00 18.51 ? 179 HOH A O   1 
HETATM 1260 O  O   . HOH K 7 .   ? 13.021  -10.684 -9.187  1.00 21.27 ? 180 HOH A O   1 
HETATM 1261 O  O   . HOH K 7 .   ? 11.542  -0.501  -7.794  1.00 18.45 ? 181 HOH A O   1 
HETATM 1262 O  O   . HOH K 7 .   ? 0.050   -10.461 -8.058  1.00 23.53 ? 182 HOH A O   1 
HETATM 1263 O  O   . HOH K 7 .   ? -9.274  -1.149  -13.693 1.00 31.75 ? 183 HOH A O   1 
HETATM 1264 O  O   . HOH K 7 .   ? -1.989  16.404  3.937   1.00 12.77 ? 184 HOH A O   1 
HETATM 1265 O  O   . HOH K 7 .   ? 2.174   -3.652  26.049  1.00 19.33 ? 185 HOH A O   1 
HETATM 1266 O  O   . HOH K 7 .   ? 13.419  -2.820  -9.353  1.00 26.21 ? 186 HOH A O   1 
HETATM 1267 O  O   . HOH K 7 .   ? 7.617   -7.662  2.428   1.00 23.16 ? 187 HOH A O   1 
HETATM 1268 O  O   . HOH K 7 .   ? 5.122   10.799  -9.050  1.00 20.15 ? 188 HOH A O   1 
HETATM 1269 O  O   . HOH K 7 .   ? -13.589 -15.786 10.156  1.00 21.67 ? 189 HOH A O   1 
HETATM 1270 O  O   . HOH K 7 .   ? 4.829   18.631  4.559   1.00 26.59 ? 190 HOH A O   1 
HETATM 1271 O  O   . HOH K 7 .   ? -0.404  14.049  -10.627 1.00 24.64 ? 191 HOH A O   1 
HETATM 1272 O  O   . HOH K 7 .   ? -4.914  -10.521 3.863   1.00 18.31 ? 192 HOH A O   1 
HETATM 1273 O  O   . HOH K 7 .   ? 10.487  2.497   -12.230 1.00 25.37 ? 193 HOH A O   1 
HETATM 1274 O  O   . HOH K 7 .   ? 7.044   10.444  -7.214  1.00 23.84 ? 194 HOH A O   1 
HETATM 1275 O  O   . HOH K 7 .   ? -11.688 -10.795 -5.992  1.00 19.82 ? 195 HOH A O   1 
HETATM 1276 O  O   . HOH K 7 .   ? 11.646  -9.227  -15.190 1.00 30.71 ? 196 HOH A O   1 
HETATM 1277 O  O   . HOH K 7 .   ? -7.716  -9.211  -9.667  1.00 27.75 ? 197 HOH A O   1 
HETATM 1278 O  O   . HOH K 7 .   ? -11.493 12.114  12.475  1.00 43.80 ? 198 HOH A O   1 
HETATM 1279 O  O   . HOH K 7 .   ? 3.546   2.773   -14.320 1.00 42.54 ? 199 HOH A O   1 
HETATM 1280 O  O   . HOH K 7 .   ? -8.271  19.477  4.040   1.00 34.93 ? 200 HOH A O   1 
HETATM 1281 O  O   . HOH K 7 .   ? 6.658   -14.846 8.111   1.00 29.68 ? 201 HOH A O   1 
HETATM 1282 O  O   . HOH K 7 .   ? -7.716  8.759   10.559  1.00 33.64 ? 202 HOH A O   1 
HETATM 1283 O  O   . HOH K 7 .   ? 5.770   15.288  10.601  1.00 29.40 ? 203 HOH A O   1 
HETATM 1284 O  O   . HOH K 7 .   ? -10.189 15.098  9.662   1.00 28.87 ? 204 HOH A O   1 
HETATM 1285 O  O   . HOH K 7 .   ? -8.882  -10.367 -7.325  1.00 20.71 ? 205 HOH A O   1 
HETATM 1286 O  O   . HOH K 7 .   ? 11.129  -12.126 -14.579 1.00 20.49 ? 206 HOH A O   1 
HETATM 1287 O  O   . HOH K 7 .   ? -6.729  28.923  6.954   1.00 21.68 ? 207 HOH A O   1 
HETATM 1288 O  O   . HOH K 7 .   ? -19.152 0.950   0.287   1.00 27.50 ? 208 HOH A O   1 
HETATM 1289 O  O   . HOH K 7 .   ? -9.595  5.771   6.882   1.00 33.99 ? 209 HOH A O   1 
HETATM 1290 O  O   . HOH K 7 .   ? 2.590   13.072  12.530  1.00 24.62 ? 210 HOH A O   1 
HETATM 1291 O  O   . HOH K 7 .   ? 11.164  14.333  0.004   1.00 32.05 ? 211 HOH A O   1 
HETATM 1292 O  O   . HOH K 7 .   ? -8.198  6.720   -2.229  1.00 30.97 ? 212 HOH A O   1 
HETATM 1293 O  O   . HOH K 7 .   ? 10.012  -7.939  3.184   1.00 36.72 ? 213 HOH A O   1 
HETATM 1294 O  O   . HOH K 7 .   ? 12.709  -8.589  -12.540 1.00 28.68 ? 214 HOH A O   1 
HETATM 1295 O  O   . HOH K 7 .   ? -7.468  18.422  -6.049  1.00 33.76 ? 215 HOH A O   1 
HETATM 1296 O  O   . HOH K 7 .   ? 4.577   -4.407  18.896  1.00 30.28 ? 216 HOH A O   1 
HETATM 1297 O  O   . HOH K 7 .   ? 5.047   22.247  6.922   1.00 35.59 ? 217 HOH A O   1 
HETATM 1298 O  O   . HOH K 7 .   ? -11.436 1.874   -5.232  1.00 26.01 ? 218 HOH A O   1 
HETATM 1299 O  O   . HOH K 7 .   ? -9.903  8.250   7.987   1.00 31.30 ? 219 HOH A O   1 
HETATM 1300 O  O   . HOH K 7 .   ? 15.190  -10.119 -7.609  1.00 37.68 ? 220 HOH A O   1 
HETATM 1301 O  O   . HOH K 7 .   ? -15.038 -6.163  -3.969  1.00 29.37 ? 221 HOH A O   1 
HETATM 1302 O  O   . HOH K 7 .   ? -1.179  8.513   -10.740 1.00 32.72 ? 222 HOH A O   1 
HETATM 1303 O  O   . HOH K 7 .   ? -10.315 6.786   4.215   1.00 31.22 ? 223 HOH A O   1 
HETATM 1304 O  O   . HOH K 7 .   ? 13.512  -13.076 -13.612 1.00 28.82 ? 224 HOH A O   1 
HETATM 1305 O  O   . HOH K 7 .   ? -7.601  11.150  12.854  1.00 31.40 ? 225 HOH A O   1 
HETATM 1306 O  O   . HOH K 7 .   ? 5.162   -13.917 0.878   1.00 36.04 ? 226 HOH A O   1 
HETATM 1307 O  O   . HOH K 7 .   ? -0.930  -14.233 -0.209  1.00 30.05 ? 227 HOH A O   1 
HETATM 1308 O  O   . HOH K 7 .   ? -5.528  -12.069 -17.421 1.00 34.20 ? 228 HOH A O   1 
HETATM 1309 O  O   . HOH K 7 .   ? -1.243  -17.158 7.137   1.00 32.40 ? 229 HOH A O   1 
HETATM 1310 O  O   . HOH K 7 .   ? 4.693   5.111   -12.702 1.00 27.71 ? 230 HOH A O   1 
HETATM 1311 O  O   . HOH K 7 .   ? -0.674  -5.032  27.736  1.00 36.45 ? 231 HOH A O   1 
HETATM 1312 O  O   . HOH K 7 .   ? -15.930 -2.265  7.646   1.00 39.65 ? 232 HOH A O   1 
HETATM 1313 O  O   . HOH K 7 .   ? -2.658  22.789  1.926   1.00 30.10 ? 233 HOH A O   1 
HETATM 1314 O  O   . HOH K 7 .   ? -9.421  11.634  -1.735  1.00 38.36 ? 234 HOH A O   1 
HETATM 1315 O  O   . HOH K 7 .   ? 7.757   -5.105  1.595   1.00 35.22 ? 235 HOH A O   1 
HETATM 1316 O  O   . HOH K 7 .   ? -10.030 -7.050  -11.762 1.00 35.14 ? 236 HOH A O   1 
HETATM 1317 O  O   . HOH K 7 .   ? 5.520   -17.764 7.815   1.00 46.60 ? 237 HOH A O   1 
HETATM 1318 O  O   . HOH K 7 .   ? 13.487  -9.764  -3.317  1.00 42.62 ? 238 HOH A O   1 
HETATM 1319 O  O   . HOH K 7 .   ? 3.882   -14.399 -4.337  1.00 29.51 ? 239 HOH A O   1 
HETATM 1320 O  O   . HOH K 7 .   ? -16.233 2.817   3.711   1.00 45.34 ? 240 HOH A O   1 
HETATM 1321 O  O   . HOH K 7 .   ? 7.281   -8.326  -0.159  1.00 28.56 ? 241 HOH A O   1 
HETATM 1322 O  O   . HOH K 7 .   ? 6.989   17.975  7.077   1.00 34.46 ? 242 HOH A O   1 
HETATM 1323 O  O   . HOH K 7 .   ? -12.092 4.121   4.442   1.00 45.24 ? 243 HOH A O   1 
HETATM 1324 O  O   . HOH K 7 .   ? 9.949   6.245   15.260  1.00 29.64 ? 244 HOH A O   1 
HETATM 1325 O  O   . HOH K 7 .   ? -4.960  23.133  1.219   1.00 42.34 ? 245 HOH A O   1 
HETATM 1326 O  O   . HOH K 7 .   ? -13.312 -6.113  9.698   1.00 21.67 ? 246 HOH A O   1 
HETATM 1327 O  O   . HOH K 7 .   ? 3.516   14.788  15.219  1.00 38.49 ? 247 HOH A O   1 
HETATM 1328 O  O   . HOH K 7 .   ? 11.803  -15.441 -7.490  1.00 34.55 ? 248 HOH A O   1 
HETATM 1329 O  O   . HOH K 7 .   ? -5.545  10.908  14.058  1.00 28.43 ? 249 HOH A O   1 
HETATM 1330 O  O   . HOH K 7 .   ? -17.842 -6.084  4.592   1.00 34.25 ? 250 HOH A O   1 
HETATM 1331 O  O   . HOH K 7 .   ? -16.323 -8.511  -4.455  1.00 38.29 ? 251 HOH A O   1 
HETATM 1332 O  O   . HOH K 7 .   ? 6.145   -4.321  22.992  1.00 35.82 ? 252 HOH A O   1 
HETATM 1333 O  O   . HOH K 7 .   ? 1.909   -17.408 16.282  1.00 32.50 ? 253 HOH A O   1 
HETATM 1334 O  O   . HOH K 7 .   ? 11.210  -6.688  5.080   1.00 42.74 ? 254 HOH A O   1 
HETATM 1335 O  O   . HOH K 7 .   ? -14.784 -0.979  -9.939  1.00 28.12 ? 255 HOH A O   1 
HETATM 1336 O  O   . HOH K 7 .   ? -14.338 -10.859 9.759   1.00 29.86 ? 256 HOH A O   1 
HETATM 1337 O  O   . HOH K 7 .   ? 18.229  4.441   0.317   1.00 40.35 ? 257 HOH A O   1 
HETATM 1338 O  O   . HOH K 7 .   ? 9.399   -5.648  -3.510  1.00 38.47 ? 258 HOH A O   1 
HETATM 1339 O  O   . HOH K 7 .   ? 2.605   -9.798  14.978  1.00 39.26 ? 259 HOH A O   1 
HETATM 1340 O  O   . HOH K 7 .   ? -6.094  -10.169 23.550  1.00 38.69 ? 260 HOH A O   1 
HETATM 1341 O  O   . HOH K 7 .   ? -16.203 -3.956  -3.385  1.00 29.49 ? 261 HOH A O   1 
HETATM 1342 O  O   . HOH K 7 .   ? 7.425   12.563  13.211  1.00 36.87 ? 262 HOH A O   1 
HETATM 1343 O  O   . HOH K 7 .   ? 11.450  -7.654  7.706   1.00 52.10 ? 263 HOH A O   1 
HETATM 1344 O  O   . HOH K 7 .   ? 15.805  -13.144 -15.209 1.00 43.25 ? 264 HOH A O   1 
HETATM 1345 O  O   . HOH K 7 .   ? -17.192 1.257   5.231   1.00 59.49 ? 265 HOH A O   1 
HETATM 1346 O  O   . HOH K 7 .   ? 7.184   5.791   -12.965 1.00 34.89 ? 266 HOH A O   1 
HETATM 1347 O  O   . HOH K 7 .   ? -8.645  21.729  7.485   1.00 30.57 ? 267 HOH A O   1 
HETATM 1348 O  O   . HOH K 7 .   ? 13.770  -8.404  -16.608 1.00 42.18 ? 268 HOH A O   1 
HETATM 1349 O  O   . HOH K 7 .   ? 4.889   -18.264 10.839  1.00 34.64 ? 269 HOH A O   1 
HETATM 1350 O  O   . HOH K 7 .   ? 1.274   -16.733 6.143   1.00 39.68 ? 270 HOH A O   1 
HETATM 1351 O  O   . HOH K 7 .   ? -8.725  -17.549 8.322   1.00 36.74 ? 271 HOH A O   1 
HETATM 1352 O  O   . HOH K 7 .   ? -7.107  27.438  4.738   1.00 45.12 ? 272 HOH A O   1 
HETATM 1353 O  O   . HOH K 7 .   ? -10.782 10.962  4.304   1.00 45.71 ? 273 HOH A O   1 
HETATM 1354 O  O   . HOH K 7 .   ? -1.795  -12.728 -7.988  1.00 32.42 ? 274 HOH A O   1 
HETATM 1355 O  O   . HOH K 7 .   ? 2.260   -2.059  30.096  1.00 44.34 ? 275 HOH A O   1 
HETATM 1356 O  O   . HOH K 7 .   ? 12.955  -12.281 -5.387  1.00 38.30 ? 276 HOH A O   1 
HETATM 1357 O  O   . HOH K 7 .   ? 10.957  8.213   -8.342  1.00 40.81 ? 277 HOH A O   1 
HETATM 1358 O  O   . HOH K 7 .   ? 11.908  -0.776  7.736   1.00 44.06 ? 278 HOH A O   1 
HETATM 1359 O  O   . HOH K 7 .   ? 11.537  9.831   -6.321  1.00 46.08 ? 279 HOH A O   1 
HETATM 1360 O  O   . HOH K 7 .   ? -8.681  13.938  -0.808  1.00 45.39 ? 280 HOH A O   1 
HETATM 1361 O  O   . HOH K 7 .   ? 5.630   -5.956  9.155   1.00 37.46 ? 281 HOH A O   1 
HETATM 1362 O  O   . HOH K 7 .   ? -14.295 -13.228 10.998  1.00 33.30 ? 282 HOH A O   1 
HETATM 1363 O  O   . HOH K 7 .   ? 13.856  -14.531 -8.741  1.00 52.38 ? 283 HOH A O   1 
HETATM 1364 O  O   . HOH K 7 .   ? -4.952  -5.816  -20.694 1.00 42.94 ? 284 HOH A O   1 
HETATM 1365 O  O   . HOH K 7 .   ? -2.117  -20.544 9.609   1.00 44.11 ? 285 HOH A O   1 
HETATM 1366 O  O   . HOH K 7 .   ? -10.767 15.040  6.025   1.00 45.89 ? 286 HOH A O   1 
HETATM 1367 O  O   . HOH K 7 .   ? 6.454   -16.704 -5.206  1.00 43.07 ? 287 HOH A O   1 
HETATM 1368 O  O   . HOH K 7 .   ? -5.540  -14.131 1.301   1.00 50.88 ? 288 HOH A O   1 
HETATM 1369 O  O   . HOH K 7 .   ? 10.884  7.382   17.833  1.00 39.75 ? 289 HOH A O   1 
HETATM 1370 O  O   . HOH K 7 .   ? 1.469   -21.231 11.514  1.00 39.19 ? 290 HOH A O   1 
HETATM 1371 O  O   . HOH K 7 .   ? -2.764  -4.578  -18.682 1.00 53.13 ? 291 HOH A O   1 
HETATM 1372 O  O   . HOH K 7 .   ? 3.446   -13.375 -7.069  1.00 38.40 ? 292 HOH A O   1 
HETATM 1373 O  O   . HOH K 7 .   ? -12.374 -0.157  -6.627  1.00 40.03 ? 293 HOH A O   1 
HETATM 1374 O  O   . HOH K 7 .   ? 4.716   12.708  11.625  1.00 60.70 ? 294 HOH A O   1 
HETATM 1375 O  O   . HOH K 7 .   ? -3.295  -18.626 3.369   1.00 57.58 ? 295 HOH A O   1 
HETATM 1376 O  O   . HOH K 7 .   ? -18.931 -4.120  -4.149  1.00 45.84 ? 296 HOH A O   1 
HETATM 1377 O  O   . HOH K 7 .   ? 13.641  11.403  10.025  1.00 50.18 ? 297 HOH A O   1 
HETATM 1378 O  O   . HOH K 7 .   ? 13.931  -10.738 -11.789 1.00 38.94 ? 298 HOH A O   1 
HETATM 1379 O  O   . HOH K 7 .   ? -15.238 2.043   -6.805  1.00 44.79 ? 299 HOH A O   1 
HETATM 1380 O  O   . HOH K 7 .   ? 6.503   -15.579 -1.305  1.00 47.17 ? 300 HOH A O   1 
HETATM 1381 O  O   . HOH K 7 .   ? 5.227   -0.063  -20.551 1.00 50.29 ? 301 HOH A O   1 
HETATM 1382 O  O   . HOH K 7 .   ? 12.629  9.471   14.621  1.00 52.34 ? 302 HOH A O   1 
HETATM 1383 O  O   . HOH K 7 .   ? 2.635   -18.930 12.399  1.00 33.81 ? 303 HOH A O   1 
HETATM 1384 O  O   . HOH K 7 .   ? -13.332 -12.844 -9.140  1.00 52.90 ? 304 HOH A O   1 
HETATM 1385 O  O   . HOH K 7 .   ? -6.269  -6.166  -17.827 1.00 45.90 ? 305 HOH A O   1 
HETATM 1386 O  O   . HOH K 7 .   ? -9.216  13.101  12.257  1.00 39.77 ? 306 HOH A O   1 
HETATM 1387 O  O   . HOH K 7 .   ? -7.679  25.074  5.812   1.00 37.37 ? 307 HOH A O   1 
HETATM 1388 O  O   . HOH K 7 .   ? 9.848   -5.306  7.910   1.00 46.25 ? 308 HOH A O   1 
HETATM 1389 O  O   . HOH K 7 .   ? 13.769  -1.300  -1.239  1.00 40.71 ? 309 HOH A O   1 
HETATM 1390 O  O   . HOH K 7 .   ? 6.836   -4.595  -0.815  1.00 40.03 ? 310 HOH A O   1 
HETATM 1391 O  O   . HOH K 7 .   ? 2.013   -11.143 -7.021  1.00 41.73 ? 311 HOH A O   1 
HETATM 1392 O  O   . HOH K 7 .   ? -11.565 -13.418 -7.344  1.00 44.73 ? 312 HOH A O   1 
HETATM 1393 O  O   . HOH K 7 .   ? -10.572 21.408  5.576   1.00 48.12 ? 313 HOH A O   1 
HETATM 1394 O  O   . HOH K 7 .   ? 5.372   -6.040  20.626  1.00 44.66 ? 314 HOH A O   1 
HETATM 1395 O  O   . HOH K 7 .   ? 2.282   14.785  17.440  1.00 40.24 ? 315 HOH A O   1 
HETATM 1396 O  O   . HOH K 7 .   ? 11.267  -16.273 -5.294  1.00 45.12 ? 316 HOH A O   1 
HETATM 1397 O  O   . HOH K 7 .   ? 13.600  1.201   -8.272  1.00 42.61 ? 317 HOH A O   1 
HETATM 1398 O  O   . HOH K 7 .   ? -11.059 17.099  4.383   1.00 56.73 ? 318 HOH A O   1 
HETATM 1399 O  O   . HOH K 7 .   ? 5.658   -15.747 -7.812  1.00 39.87 ? 319 HOH A O   1 
HETATM 1400 O  O   . HOH K 7 .   ? 7.357   13.265  9.449   1.00 35.91 ? 320 HOH A O   1 
HETATM 1401 O  O   . HOH K 7 .   ? 9.912   12.561  9.201   1.00 45.91 ? 321 HOH A O   1 
HETATM 1402 O  O   . HOH K 7 .   ? -19.732 -2.150  -5.776  1.00 47.24 ? 322 HOH A O   1 
HETATM 1403 O  O   . HOH K 7 .   ? -8.956  -13.084 2.241   1.00 27.16 ? 323 HOH A O   1 
HETATM 1404 O  O   . HOH K 7 .   ? -2.978  -1.349  -18.559 1.00 37.80 ? 324 HOH A O   1 
HETATM 1405 O  O   . HOH K 7 .   ? 5.624   -3.272  1.042   1.00 35.52 ? 325 HOH A O   1 
HETATM 1406 O  O   . HOH K 7 .   ? -11.083 -14.020 3.606   1.00 42.26 ? 326 HOH A O   1 
HETATM 1407 O  O   . HOH K 7 .   ? -3.566  -16.633 5.988   1.00 42.39 ? 327 HOH A O   1 
HETATM 1408 O  O   . HOH K 7 .   ? -5.680  -11.359 -15.153 1.00 43.80 ? 328 HOH A O   1 
HETATM 1409 O  O   . HOH K 7 .   ? -2.291  -0.343  -20.910 1.00 45.40 ? 329 HOH A O   1 
HETATM 1410 O  O   . HOH K 7 .   ? 6.431   -10.031 -20.702 1.00 42.69 ? 330 HOH A O   1 
HETATM 1411 O  O   . HOH K 7 .   ? 8.862   -3.186  -3.620  1.00 50.29 ? 331 HOH A O   1 
HETATM 1412 O  O   . HOH K 7 .   ? 15.288  8.535   4.777   1.00 49.50 ? 332 HOH A O   1 
HETATM 1413 O  O   . HOH K 7 .   ? 15.412  5.656   6.082   1.00 45.61 ? 333 HOH A O   1 
HETATM 1414 O  O   . HOH K 7 .   ? 7.296   -15.775 11.842  1.00 53.96 ? 334 HOH A O   1 
HETATM 1415 O  O   . HOH K 7 .   ? -4.765  -20.304 7.660   1.00 41.05 ? 335 HOH A O   1 
HETATM 1416 O  O   . HOH K 7 .   ? -5.181  -18.431 5.970   1.00 44.25 ? 336 HOH A O   1 
HETATM 1417 O  O   . HOH K 7 .   ? -6.536  -8.438  -14.636 1.00 47.96 ? 337 HOH A O   1 
HETATM 1418 O  O   . HOH K 7 .   ? -8.156  -10.784 -16.433 1.00 40.39 ? 338 HOH A O   1 
HETATM 1419 O  O   . HOH K 7 .   ? -6.403  -8.874  -18.243 1.00 52.53 ? 339 HOH A O   1 
HETATM 1420 O  O   . HOH K 7 .   ? 8.085   -0.908  -14.413 1.00 49.33 ? 340 HOH A O   1 
HETATM 1421 O  O   . HOH K 7 .   ? 15.843  -2.339  -10.305 1.00 63.58 ? 341 HOH A O   1 
HETATM 1422 O  O   . HOH K 7 .   ? 8.735   -2.451  -1.109  1.00 54.10 ? 342 HOH A O   1 
HETATM 1423 O  O   . HOH K 7 .   ? -3.182  -9.750  25.341  1.00 53.69 ? 343 HOH A O   1 
HETATM 1424 O  O   . HOH K 7 .   ? -4.256  -11.834 24.017  1.00 39.74 ? 344 HOH A O   1 
HETATM 1425 O  O   . HOH K 7 .   ? 3.045   -8.051  21.455  1.00 56.61 ? 345 HOH A O   1 
HETATM 1426 O  O   . HOH K 7 .   ? 13.401  -15.157 -11.456 1.00 46.41 ? 346 HOH A O   1 
HETATM 1427 O  O   . HOH K 7 .   ? 8.460   -16.526 -8.036  1.00 44.20 ? 347 HOH A O   1 
HETATM 1428 O  O   . HOH K 7 .   ? 7.679   20.622  7.589   1.00 50.36 ? 348 HOH A O   1 
HETATM 1429 O  O   . HOH K 7 .   ? -14.195 -9.963  -6.063  1.00 58.89 ? 349 HOH A O   1 
HETATM 1430 O  O   . HOH K 7 .   ? -12.604 15.790  8.756   1.00 53.01 ? 350 HOH A O   1 
HETATM 1431 O  O   . HOH K 7 .   ? -12.519 19.501  6.212   1.00 48.27 ? 351 HOH A O   1 
HETATM 1432 O  O   . HOH K 7 .   ? -6.775  26.066  2.616   1.00 53.33 ? 352 HOH A O   1 
HETATM 1433 O  O   . HOH K 7 .   ? -14.426 4.957   4.847   1.00 59.31 ? 353 HOH A O   1 
HETATM 1434 O  O   . HOH K 7 .   ? 5.828   15.301  14.965  1.00 58.95 ? 354 HOH A O   1 
HETATM 1435 O  O   . HOH K 7 .   ? 15.751  -7.074  -15.064 1.00 48.45 ? 355 HOH A O   1 
HETATM 1436 O  O   . HOH K 7 .   ? 14.946  7.456   -6.848  1.00 63.25 ? 356 HOH A O   1 
HETATM 1437 O  O   . HOH K 7 .   ? 5.185   -2.635  29.346  1.00 50.31 ? 357 HOH A O   1 
HETATM 1438 O  O   . HOH K 7 .   ? -10.514 13.729  1.186   1.00 50.46 ? 358 HOH A O   1 
HETATM 1439 O  O   . HOH K 7 .   ? -8.567  15.937  -2.165  1.00 46.32 ? 359 HOH A O   1 
HETATM 1440 O  O   . HOH K 7 .   ? -3.270  -15.400 0.612   1.00 64.77 ? 360 HOH A O   1 
HETATM 1441 O  O   . HOH K 7 .   ? 5.516   10.017  -11.626 1.00 51.43 ? 361 HOH A O   1 
HETATM 1442 O  O   . HOH K 7 .   ? 16.048  -1.608  5.575   1.00 59.37 ? 362 HOH A O   1 
HETATM 1443 O  O   . HOH K 7 .   ? 7.213   -7.519  -19.803 1.00 50.03 ? 363 HOH A O   1 
HETATM 1444 O  O   . HOH K 7 .   ? 0.375   9.066   10.566  1.00 16.90 ? 364 HOH A O   1 
HETATM 1445 O  O   . HOH K 7 .   ? -0.456  6.322   11.266  0.50 18.58 ? 365 HOH A O   1 
HETATM 1446 O  O   . HOH K 7 .   ? -7.176  16.417  -15.227 1.00 40.63 ? 366 HOH A O   1 
HETATM 1447 O  O   . HOH K 7 .   ? -6.794  15.517  -13.105 1.00 37.97 ? 367 HOH A O   1 
# 
